data_5KQV
#
_entry.id   5KQV
#
_cell.length_a   118.150
_cell.length_b   140.100
_cell.length_c   190.022
_cell.angle_alpha   90.00
_cell.angle_beta   95.04
_cell.angle_gamma   90.00
#
_symmetry.space_group_name_H-M   'I 1 2 1'
#
loop_
_entity.id
_entity.type
_entity.pdbx_description
1 polymer Insulin
2 polymer Insulin
3 polymer 'MONOCLONAL ANTIBODY FAB 83-14 - HEAVY CHAIN'
4 polymer 'MONOCLONAL ANTIBODY FAB 83-14 - LIGHT CHAIN'
5 polymer 'Insulin receptor,Insulin receptor'
6 branched alpha-L-fucopyranose-(1-6)-2-acetamido-2-deoxy-beta-D-glucopyranose
7 branched 2-acetamido-2-deoxy-beta-D-glucopyranose-(1-4)-[alpha-L-fucopyranose-(1-6)]2-acetamido-2-deoxy-beta-D-glucopyranose
#
loop_
_entity_poly.entity_id
_entity_poly.type
_entity_poly.pdbx_seq_one_letter_code
_entity_poly.pdbx_strand_id
1 'polypeptide(L)' GIVEQCCASVCSLYQLENYCN A,I
2 'polypeptide(L)' FVNQHLCGSHLVEALYLVCGERGFFYTPKA B,J
3 'polypeptide(L)'
;QVQLQQSGPELVKPGALVKISCKASGYTFTNYDIHWVKQRPGQGLEWIGWIYPGDGSTKYNEKFKGKATLTADKSSSTAY
MHLSSLTSEKSAVYFCAREWAYWGQGTLVTVSAAKTTAPSVYPLAPVCGDTTGSSVTLGCLVKGYFPEPVTLTWNSGSLS
SGVHTFPAVLQSDLYTLSSSVTVTSSTWPSQSITCNVAHPASSTKVDKKIEPRGPTIKPC
;
C,P
4 'polypeptide(L)'
;DIQMTQSPSSLSASLGERVSLTCRASQDIGGNLYWLQQGPDGTIKRLIYATSSLDSGVPKRFSGSRSGSDYSLTISSLES
EDFVDYYCLQYSSSPWTFGGGTKLEIKRADAAPTVSIFPPSSEQLTSGGASVVCFLNNFYPKDINVKWKIDGSERQNGVL
NSWTDQDSKDSTYSMSSTLTLTKDEYERHNSYTCEATHKTSTSPIVKSFNRGEC
;
D,Q
5 'polypeptide(L)'
;HLYPGEVCPGMDIRNNLTRLHELENCSVIEGHLQILLMFKTRPEDFRDLSFPKLIMITDYLLLFRVYGLESLKDLFPNLT
VIRGSRLFFNYALVIFEMVHLKELGLYNLMNITRGSVRIEKNNELCYLATIDWSRILDSVEDNHIVLNKDDNEECGDICP
GTAKGKTNCPATVINGQFVERCWTHSHCQKVCPTICKSHGCTAEGLCCHSECLGNCSQPDDPTKCVACRNFYLDGRCVET
CPPPYYHFQDWRCVNFSFCQDLHHKCKNSRRQGCHQYVIHNNKCIPECPSGYTMNSSNLLCTPCLGPCPKVCHLLEGEKT
IDSVTSAQELRGCTVINGSLIINIRGGNNLAAELEANLGLIEEISGYLKIRRSYALVSLSFFRKLRLIRGETLEIGNYSF
YALDNQNLRQLWDWSKHNLTITQGKLFFHYNPKLCLSEIHKMEEVSGTKGRQERNDIALKTNGDQASCENELLKFSYIRT
SFDKILLRWEPYWPPDFRDLLGFMLFYKEAPYQNVTEFDGQDACGSNSWTVVDIDPPLRSNDPKSQNHPGWLMRGLKPWT
QYAIFVKTLVTFSDERRTYGAKSDIIYVQTDATTFEDYLHNVVFVPRPS
;
E,F
#
loop_
_chem_comp.id
_chem_comp.type
_chem_comp.name
_chem_comp.formula
FUC L-saccharide, alpha linking alpha-L-fucopyranose 'C6 H12 O5'
NAG D-saccharide, beta linking 2-acetamido-2-deoxy-beta-D-glucopyranose 'C8 H15 N O6'
#
# COMPACT_ATOMS: atom_id res chain seq x y z
N GLY A 1 -35.48 -21.88 14.99
CA GLY A 1 -36.90 -22.25 15.04
C GLY A 1 -37.44 -22.50 16.45
N ILE A 2 -38.78 -22.36 16.67
CA ILE A 2 -39.41 -22.51 17.99
C ILE A 2 -39.34 -23.99 18.51
N VAL A 3 -39.40 -24.93 17.54
CA VAL A 3 -39.25 -26.37 17.74
C VAL A 3 -37.84 -26.58 18.23
N GLU A 4 -36.86 -26.04 17.49
CA GLU A 4 -35.44 -26.12 17.81
C GLU A 4 -35.11 -25.34 19.06
N GLN A 5 -35.89 -24.30 19.41
CA GLN A 5 -35.63 -23.47 20.60
C GLN A 5 -36.15 -24.11 21.85
N CYS A 6 -37.24 -24.91 21.80
CA CYS A 6 -37.88 -25.46 23.01
C CYS A 6 -38.14 -26.95 23.05
N CYS A 7 -38.12 -27.64 21.90
CA CYS A 7 -38.34 -29.09 21.86
C CYS A 7 -37.03 -29.83 21.76
N ALA A 8 -36.31 -29.77 20.60
CA ALA A 8 -34.99 -30.42 20.49
C ALA A 8 -33.97 -29.62 21.35
N SER A 9 -34.51 -28.72 22.22
CA SER A 9 -33.82 -27.84 23.17
C SER A 9 -34.72 -27.60 24.40
N VAL A 10 -34.42 -26.52 25.15
CA VAL A 10 -35.06 -26.00 26.35
C VAL A 10 -35.11 -24.45 26.26
N CYS A 11 -36.33 -23.86 26.33
CA CYS A 11 -36.35 -22.41 26.18
C CYS A 11 -36.81 -21.73 27.40
N SER A 12 -36.09 -20.60 27.67
CA SER A 12 -36.26 -19.73 28.82
C SER A 12 -37.66 -19.20 28.80
N LEU A 13 -38.30 -19.17 29.96
CA LEU A 13 -39.66 -18.73 30.17
C LEU A 13 -39.95 -17.34 29.48
N TYR A 14 -38.88 -16.55 29.26
CA TYR A 14 -38.97 -15.29 28.55
C TYR A 14 -38.79 -15.52 27.09
N GLN A 15 -37.77 -16.29 26.63
CA GLN A 15 -37.56 -16.65 25.21
C GLN A 15 -38.92 -17.05 24.62
N LEU A 16 -39.67 -17.87 25.40
CA LEU A 16 -41.03 -18.40 25.17
C LEU A 16 -42.04 -17.28 24.99
N GLU A 17 -41.92 -16.20 25.77
CA GLU A 17 -42.88 -15.12 25.67
C GLU A 17 -42.71 -14.43 24.31
N ASN A 18 -41.73 -13.52 24.25
CA ASN A 18 -41.30 -12.66 23.16
C ASN A 18 -42.30 -12.58 22.00
N TYR A 19 -42.31 -13.59 21.13
CA TYR A 19 -43.20 -13.51 20.02
C TYR A 19 -44.44 -14.30 20.29
N CYS A 20 -45.27 -13.69 21.10
CA CYS A 20 -46.60 -14.17 21.37
C CYS A 20 -47.49 -13.22 20.57
N ASN A 21 -48.21 -13.76 19.57
CA ASN A 21 -49.08 -12.99 18.68
C ASN A 21 -50.54 -12.89 19.17
N HIS B 5 -39.45 -30.97 30.74
CA HIS B 5 -39.50 -29.71 29.99
C HIS B 5 -40.42 -29.75 28.75
N LEU B 6 -40.63 -28.57 28.14
CA LEU B 6 -41.47 -28.23 26.98
C LEU B 6 -41.35 -29.14 25.76
N CYS B 7 -42.51 -29.53 25.14
CA CYS B 7 -42.55 -30.23 23.83
C CYS B 7 -44.00 -30.40 23.21
N GLY B 8 -44.06 -31.14 22.07
CA GLY B 8 -45.21 -31.47 21.23
C GLY B 8 -46.41 -30.56 21.19
N SER B 9 -47.56 -31.09 21.61
CA SER B 9 -48.83 -30.36 21.69
C SER B 9 -48.77 -29.34 22.85
N HIS B 10 -47.98 -29.65 23.88
CA HIS B 10 -47.78 -28.83 25.07
C HIS B 10 -47.19 -27.45 24.77
N LEU B 11 -46.30 -27.31 23.81
CA LEU B 11 -45.75 -25.99 23.47
C LEU B 11 -46.89 -25.04 23.22
N VAL B 12 -47.89 -25.49 22.41
CA VAL B 12 -49.08 -24.71 22.01
C VAL B 12 -49.85 -24.30 23.27
N GLU B 13 -49.97 -25.25 24.19
CA GLU B 13 -50.64 -25.02 25.44
C GLU B 13 -49.83 -24.03 26.28
N ALA B 14 -48.52 -24.31 26.48
CA ALA B 14 -47.54 -23.50 27.24
C ALA B 14 -47.62 -22.07 26.82
N LEU B 15 -47.74 -21.88 25.51
CA LEU B 15 -47.84 -20.58 24.90
C LEU B 15 -49.10 -19.89 25.20
N TYR B 16 -50.25 -20.57 25.16
CA TYR B 16 -51.47 -19.86 25.51
C TYR B 16 -51.58 -19.51 27.03
N LEU B 17 -50.86 -20.27 27.92
CA LEU B 17 -50.80 -20.01 29.38
C LEU B 17 -50.23 -18.58 29.52
N VAL B 18 -49.10 -18.34 28.83
CA VAL B 18 -48.34 -17.09 28.72
C VAL B 18 -49.05 -15.99 27.85
N CYS B 19 -49.68 -16.35 26.69
CA CYS B 19 -50.38 -15.44 25.77
C CYS B 19 -51.65 -14.84 26.38
N GLY B 20 -52.64 -15.70 26.64
CA GLY B 20 -53.93 -15.30 27.18
C GLY B 20 -54.57 -14.19 26.35
N GLU B 21 -54.54 -14.34 24.99
CA GLU B 21 -55.07 -13.33 24.04
C GLU B 21 -56.60 -13.32 23.96
N VAL C 2 32.68 19.49 -24.33
CA VAL C 2 32.52 18.24 -25.11
C VAL C 2 33.15 18.39 -26.48
N GLN C 3 34.07 17.48 -26.84
CA GLN C 3 34.74 17.49 -28.14
C GLN C 3 34.93 16.11 -28.72
N LEU C 4 34.45 15.93 -29.97
CA LEU C 4 34.69 14.78 -30.81
C LEU C 4 35.79 15.36 -31.72
N GLN C 5 37.06 14.93 -31.58
CA GLN C 5 38.13 15.47 -32.43
C GLN C 5 38.61 14.44 -33.42
N GLN C 6 38.18 14.58 -34.66
CA GLN C 6 38.51 13.61 -35.69
C GLN C 6 39.94 13.70 -36.24
N SER C 7 40.34 12.71 -37.07
CA SER C 7 41.64 12.57 -37.76
C SER C 7 41.60 13.20 -39.22
N GLY C 8 42.58 12.85 -40.09
CA GLY C 8 42.69 13.21 -41.52
C GLY C 8 42.78 14.68 -41.94
N PRO C 9 43.16 15.08 -43.17
CA PRO C 9 43.55 14.39 -44.40
C PRO C 9 43.94 12.96 -44.31
N GLU C 10 43.31 12.22 -45.21
CA GLU C 10 43.49 10.80 -45.47
C GLU C 10 43.62 10.53 -46.99
N LEU C 11 44.87 10.42 -47.50
CA LEU C 11 45.09 10.13 -48.94
C LEU C 11 45.35 8.63 -49.05
N VAL C 12 44.55 7.90 -49.85
CA VAL C 12 44.70 6.46 -49.92
C VAL C 12 44.67 5.93 -51.33
N LYS C 13 45.38 4.82 -51.54
CA LYS C 13 45.43 4.18 -52.84
C LYS C 13 44.16 3.30 -53.03
N PRO C 14 43.70 3.09 -54.27
CA PRO C 14 42.52 2.24 -54.49
C PRO C 14 42.80 0.78 -54.10
N GLY C 15 41.79 0.06 -53.61
CA GLY C 15 41.93 -1.31 -53.15
C GLY C 15 42.47 -1.41 -51.74
N ALA C 16 42.87 -0.28 -51.13
CA ALA C 16 43.36 -0.28 -49.77
C ALA C 16 42.20 -0.04 -48.80
N LEU C 17 42.54 0.08 -47.50
CA LEU C 17 41.65 0.29 -46.36
C LEU C 17 42.20 1.45 -45.55
N VAL C 18 41.31 2.26 -44.99
CA VAL C 18 41.75 3.41 -44.22
C VAL C 18 40.97 3.51 -42.93
N LYS C 19 41.66 3.80 -41.81
CA LYS C 19 41.07 3.90 -40.49
C LYS C 19 41.08 5.32 -39.93
N ILE C 20 39.88 5.86 -39.78
CA ILE C 20 39.66 7.21 -39.32
C ILE C 20 39.17 7.19 -37.89
N SER C 21 39.80 8.01 -37.04
CA SER C 21 39.55 8.11 -35.60
C SER C 21 38.69 9.31 -35.20
N CYS C 22 38.19 9.26 -33.96
CA CYS C 22 37.30 10.25 -33.39
C CYS C 22 37.48 10.21 -31.85
N LYS C 23 38.49 10.94 -31.31
CA LYS C 23 38.79 10.98 -29.87
C LYS C 23 37.79 11.86 -29.18
N ALA C 24 37.09 11.29 -28.22
CA ALA C 24 36.05 11.99 -27.48
C ALA C 24 36.56 12.55 -26.20
N SER C 25 36.03 13.69 -25.79
CA SER C 25 36.41 14.32 -24.53
C SER C 25 35.29 15.19 -24.03
N GLY C 26 35.35 15.48 -22.74
CA GLY C 26 34.39 16.33 -22.07
C GLY C 26 33.10 15.65 -21.63
N TYR C 27 33.05 14.31 -21.62
CA TYR C 27 31.86 13.59 -21.22
C TYR C 27 32.25 12.12 -21.09
N THR C 28 31.38 11.30 -20.51
CA THR C 28 31.61 9.87 -20.28
C THR C 28 31.31 9.06 -21.57
N PHE C 29 32.37 8.74 -22.34
CA PHE C 29 32.38 8.06 -23.64
C PHE C 29 31.40 6.92 -23.75
N THR C 30 31.45 6.11 -22.72
CA THR C 30 30.73 4.89 -22.46
C THR C 30 29.20 5.02 -22.34
N ASN C 31 28.72 6.22 -22.02
CA ASN C 31 27.30 6.47 -21.83
C ASN C 31 26.55 6.81 -23.10
N TYR C 32 27.24 7.14 -24.20
CA TYR C 32 26.56 7.57 -25.42
C TYR C 32 26.99 6.78 -26.60
N ASP C 33 26.24 6.96 -27.71
CA ASP C 33 26.49 6.38 -29.01
C ASP C 33 27.31 7.33 -29.85
N ILE C 34 28.13 6.74 -30.72
CA ILE C 34 28.91 7.47 -31.71
C ILE C 34 28.25 7.07 -33.01
N HIS C 35 27.80 8.04 -33.79
CA HIS C 35 27.16 7.82 -35.08
C HIS C 35 28.16 8.31 -36.10
N TRP C 36 28.26 7.66 -37.26
CA TRP C 36 29.12 8.12 -38.37
C TRP C 36 28.26 8.46 -39.58
N VAL C 37 28.57 9.56 -40.26
CA VAL C 37 27.83 10.10 -41.40
C VAL C 37 28.81 10.44 -42.50
N LYS C 38 28.46 10.17 -43.79
CA LYS C 38 29.29 10.45 -44.98
C LYS C 38 28.71 11.59 -45.80
N GLN C 39 29.57 12.46 -46.31
CA GLN C 39 29.09 13.55 -47.14
C GLN C 39 29.92 13.58 -48.41
N ARG C 40 29.28 13.29 -49.57
CA ARG C 40 29.92 13.27 -50.89
C ARG C 40 29.82 14.72 -51.36
N PRO C 41 30.93 15.47 -51.51
CA PRO C 41 30.85 16.89 -51.79
C PRO C 41 29.86 17.32 -52.84
N GLY C 42 29.33 18.50 -52.57
CA GLY C 42 28.27 19.13 -53.34
C GLY C 42 26.96 18.44 -53.06
N GLN C 43 26.96 17.54 -52.08
CA GLN C 43 25.77 16.76 -51.77
C GLN C 43 25.44 16.63 -50.29
N GLY C 44 24.41 15.82 -50.05
CA GLY C 44 23.87 15.57 -48.74
C GLY C 44 24.66 14.62 -47.87
N LEU C 45 24.06 14.37 -46.71
CA LEU C 45 24.58 13.53 -45.67
C LEU C 45 23.85 12.18 -45.65
N GLU C 46 24.63 11.10 -45.54
CA GLU C 46 24.14 9.72 -45.47
C GLU C 46 24.51 9.14 -44.14
N TRP C 47 23.60 8.44 -43.48
CA TRP C 47 23.93 7.84 -42.21
C TRP C 47 24.57 6.51 -42.44
N ILE C 48 25.77 6.31 -41.88
CA ILE C 48 26.50 5.07 -42.07
C ILE C 48 26.07 4.00 -41.10
N GLY C 49 26.04 4.35 -39.82
CA GLY C 49 25.72 3.43 -38.75
C GLY C 49 26.21 3.92 -37.41
N TRP C 50 26.01 3.15 -36.33
CA TRP C 50 26.47 3.55 -35.02
C TRP C 50 27.16 2.46 -34.29
N ILE C 51 27.79 2.85 -33.19
CA ILE C 51 28.44 1.98 -32.21
C ILE C 51 28.03 2.42 -30.80
N TYR C 52 27.90 1.48 -29.88
CA TYR C 52 27.68 1.80 -28.49
C TYR C 52 29.00 1.43 -27.83
N PRO C 53 29.83 2.40 -27.44
CA PRO C 53 31.12 2.08 -26.86
C PRO C 53 31.10 1.17 -25.63
N GLY C 54 30.00 1.21 -24.87
CA GLY C 54 29.87 0.35 -23.71
C GLY C 54 29.94 -1.12 -24.04
N ASP C 55 29.10 -1.55 -24.96
CA ASP C 55 28.96 -2.96 -25.36
C ASP C 55 29.82 -3.34 -26.56
N GLY C 56 30.07 -2.38 -27.42
CA GLY C 56 30.74 -2.63 -28.67
C GLY C 56 29.70 -3.00 -29.70
N SER C 57 28.37 -2.91 -29.37
CA SER C 57 27.27 -3.22 -30.28
C SER C 57 27.22 -2.17 -31.36
N THR C 58 26.87 -2.59 -32.58
CA THR C 58 26.79 -1.71 -33.75
C THR C 58 25.56 -2.01 -34.54
N LYS C 59 25.21 -1.11 -35.43
CA LYS C 59 24.15 -1.27 -36.39
C LYS C 59 24.64 -0.46 -37.56
N TYR C 60 24.49 -0.98 -38.74
CA TYR C 60 24.95 -0.30 -39.93
C TYR C 60 23.79 -0.05 -40.84
N ASN C 61 24.02 0.78 -41.83
CA ASN C 61 23.07 1.05 -42.88
C ASN C 61 23.37 -0.06 -43.89
N GLU C 62 22.35 -0.76 -44.44
CA GLU C 62 22.63 -1.87 -45.37
C GLU C 62 23.64 -1.52 -46.44
N LYS C 63 23.50 -0.31 -47.01
CA LYS C 63 24.38 0.27 -48.01
C LYS C 63 25.85 0.22 -47.61
N PHE C 64 26.14 0.44 -46.34
CA PHE C 64 27.51 0.51 -45.87
C PHE C 64 28.01 -0.75 -45.14
N LYS C 65 27.15 -1.79 -44.93
CA LYS C 65 27.45 -3.08 -44.24
C LYS C 65 28.83 -3.73 -44.45
N GLY C 66 29.24 -4.02 -45.67
CA GLY C 66 30.54 -4.61 -45.93
C GLY C 66 31.65 -3.58 -46.05
N LYS C 67 31.28 -2.34 -46.41
CA LYS C 67 32.21 -1.23 -46.64
C LYS C 67 32.80 -0.72 -45.31
N ALA C 68 31.96 -0.19 -44.42
CA ALA C 68 32.40 0.36 -43.15
C ALA C 68 32.48 -0.70 -42.05
N THR C 69 33.44 -0.54 -41.12
CA THR C 69 33.57 -1.40 -39.93
C THR C 69 33.83 -0.45 -38.77
N LEU C 70 33.03 -0.55 -37.73
CA LEU C 70 33.08 0.35 -36.60
C LEU C 70 33.70 -0.31 -35.37
N THR C 71 34.54 0.46 -34.66
CA THR C 71 35.38 0.01 -33.58
C THR C 71 35.55 1.12 -32.56
N ALA C 72 35.63 0.80 -31.27
CA ALA C 72 35.90 1.80 -30.22
C ALA C 72 37.02 1.29 -29.32
N ASP C 73 37.83 2.19 -28.76
CA ASP C 73 38.85 1.77 -27.80
C ASP C 73 38.55 2.50 -26.53
N LYS C 74 37.76 1.87 -25.66
CA LYS C 74 37.39 2.50 -24.42
C LYS C 74 38.60 2.94 -23.57
N SER C 75 39.77 2.26 -23.65
CA SER C 75 40.98 2.67 -22.90
C SER C 75 41.47 4.07 -23.28
N SER C 76 41.21 4.48 -24.51
CA SER C 76 41.61 5.81 -24.93
C SER C 76 40.41 6.68 -25.23
N SER C 77 39.17 6.13 -25.15
CA SER C 77 37.93 6.89 -25.44
C SER C 77 38.00 7.44 -26.88
N THR C 78 38.52 6.64 -27.81
CA THR C 78 38.68 7.03 -29.20
C THR C 78 37.87 6.03 -30.04
N ALA C 79 37.08 6.51 -31.01
CA ALA C 79 36.30 5.61 -31.86
C ALA C 79 36.87 5.63 -33.25
N TYR C 80 36.79 4.50 -33.95
CA TYR C 80 37.34 4.33 -35.28
C TYR C 80 36.32 3.85 -36.29
N MET C 81 36.63 4.11 -37.55
CA MET C 81 35.86 3.65 -38.68
C MET C 81 36.87 3.30 -39.76
N HIS C 82 36.82 2.07 -40.22
CA HIS C 82 37.68 1.60 -41.29
C HIS C 82 36.81 1.50 -42.52
N LEU C 83 37.27 2.03 -43.63
CA LEU C 83 36.60 1.83 -44.92
C LEU C 83 37.44 0.78 -45.64
N SER C 84 36.80 -0.02 -46.50
CA SER C 84 37.45 -1.11 -47.19
C SER C 84 37.27 -1.10 -48.68
N SER C 85 38.31 -1.64 -49.40
CA SER C 85 38.41 -1.84 -50.85
C SER C 85 37.95 -0.59 -51.55
N LEU C 86 38.73 0.47 -51.38
CA LEU C 86 38.38 1.79 -51.90
C LEU C 86 38.52 1.84 -53.44
N THR C 87 37.51 2.29 -54.21
CA THR C 87 37.67 2.40 -55.68
C THR C 87 36.72 3.44 -56.17
N SER C 88 37.22 4.37 -57.02
CA SER C 88 36.58 5.52 -57.65
C SER C 88 35.46 6.16 -56.78
N GLU C 89 35.70 6.21 -55.45
CA GLU C 89 34.79 6.81 -54.45
C GLU C 89 34.95 8.31 -54.64
N LYS C 90 36.16 8.69 -55.14
CA LYS C 90 36.80 9.97 -55.40
C LYS C 90 37.22 10.48 -54.03
N SER C 91 36.45 11.42 -53.46
CA SER C 91 36.66 12.00 -52.14
C SER C 91 35.31 12.06 -51.45
N ALA C 92 35.30 12.05 -50.12
CA ALA C 92 34.10 12.17 -49.30
C ALA C 92 34.60 12.61 -47.95
N VAL C 93 33.76 13.31 -47.19
CA VAL C 93 34.10 13.77 -45.86
C VAL C 93 33.25 12.96 -44.91
N TYR C 94 33.88 12.38 -43.90
CA TYR C 94 33.22 11.55 -42.91
C TYR C 94 33.20 12.24 -41.57
N PHE C 95 32.07 12.17 -40.88
CA PHE C 95 31.86 12.78 -39.57
C PHE C 95 31.41 11.74 -38.57
N CYS C 96 31.88 11.81 -37.32
CA CYS C 96 31.32 11.01 -36.23
C CYS C 96 30.58 12.05 -35.44
N ALA C 97 29.59 11.63 -34.72
CA ALA C 97 28.81 12.53 -33.89
C ALA C 97 28.33 11.77 -32.66
N ARG C 98 28.26 12.42 -31.48
CA ARG C 98 27.76 11.80 -30.24
C ARG C 98 26.26 11.98 -30.24
N GLU C 99 25.53 11.01 -30.74
CA GLU C 99 24.07 11.10 -30.75
C GLU C 99 23.53 12.42 -31.25
N TRP C 100 24.13 12.90 -32.31
CA TRP C 100 23.74 14.07 -33.08
C TRP C 100 23.81 15.46 -32.42
N ALA C 101 23.79 15.60 -31.10
CA ALA C 101 23.85 16.95 -30.54
C ALA C 101 25.21 17.60 -30.81
N TYR C 102 26.28 16.81 -30.66
CA TYR C 102 27.61 17.30 -30.92
C TYR C 102 28.27 16.43 -31.97
N TRP C 103 28.73 17.07 -33.07
CA TRP C 103 29.45 16.43 -34.18
C TRP C 103 30.95 16.77 -34.18
N GLY C 104 31.75 15.90 -34.77
CA GLY C 104 33.18 16.14 -34.95
C GLY C 104 33.39 17.02 -36.16
N GLN C 105 34.60 17.53 -36.37
CA GLN C 105 34.87 18.49 -37.45
C GLN C 105 34.87 17.94 -38.91
N GLY C 106 35.01 16.63 -39.09
CA GLY C 106 35.08 16.06 -40.42
C GLY C 106 36.48 15.62 -40.76
N THR C 107 36.57 14.59 -41.60
CA THR C 107 37.82 13.99 -42.07
C THR C 107 37.60 13.74 -43.57
N LEU C 108 38.50 14.26 -44.41
CA LEU C 108 38.40 14.08 -45.86
C LEU C 108 39.18 12.84 -46.28
N VAL C 109 38.54 11.92 -46.96
CA VAL C 109 39.24 10.77 -47.46
C VAL C 109 39.29 10.93 -48.97
N THR C 110 40.51 10.97 -49.55
CA THR C 110 40.77 11.12 -51.00
C THR C 110 41.38 9.81 -51.51
N VAL C 111 40.77 9.22 -52.54
CA VAL C 111 41.30 8.00 -53.18
C VAL C 111 42.02 8.41 -54.48
N SER C 112 43.34 8.17 -54.57
CA SER C 112 44.16 8.51 -55.75
C SER C 112 45.38 7.64 -55.86
N ALA C 113 45.82 7.46 -57.08
CA ALA C 113 46.99 6.65 -57.36
C ALA C 113 48.26 7.52 -57.52
N ALA C 114 48.15 8.82 -57.20
CA ALA C 114 49.28 9.73 -57.43
C ALA C 114 50.37 9.70 -56.46
N LYS C 115 51.48 10.21 -56.93
CA LYS C 115 52.68 10.43 -56.17
C LYS C 115 52.70 11.94 -55.94
N THR C 116 53.54 12.39 -55.00
CA THR C 116 53.80 13.79 -54.67
C THR C 116 54.45 14.49 -55.88
N THR C 117 53.80 15.55 -56.36
CA THR C 117 54.23 16.22 -57.56
C THR C 117 54.12 17.71 -57.42
N ALA C 118 55.26 18.36 -57.69
CA ALA C 118 55.35 19.81 -57.72
C ALA C 118 54.62 20.32 -58.99
N PRO C 119 53.82 21.43 -58.86
CA PRO C 119 53.05 21.95 -60.02
C PRO C 119 53.82 22.73 -61.09
N SER C 120 53.17 22.91 -62.24
CA SER C 120 53.71 23.73 -63.33
C SER C 120 52.88 25.03 -63.25
N VAL C 121 53.52 26.19 -62.99
CA VAL C 121 52.78 27.47 -62.88
C VAL C 121 52.86 28.22 -64.21
N TYR C 122 51.73 28.67 -64.74
CA TYR C 122 51.67 29.32 -66.04
C TYR C 122 51.01 30.69 -66.01
N PRO C 123 51.65 31.68 -66.63
CA PRO C 123 51.09 33.03 -66.69
C PRO C 123 50.05 33.09 -67.81
N LEU C 124 48.92 33.77 -67.59
CA LEU C 124 47.83 33.89 -68.57
C LEU C 124 47.49 35.36 -68.80
N ALA C 125 48.06 35.97 -69.84
CA ALA C 125 47.70 37.38 -70.02
C ALA C 125 47.01 37.78 -71.33
N PRO C 126 47.49 37.40 -72.54
CA PRO C 126 46.93 37.99 -73.76
C PRO C 126 45.54 37.54 -74.19
N VAL C 127 45.03 38.24 -75.24
CA VAL C 127 43.79 38.01 -75.98
C VAL C 127 44.28 37.61 -77.40
N CYS C 128 45.51 38.08 -77.78
CA CYS C 128 46.26 37.91 -79.03
C CYS C 128 45.76 38.85 -80.12
N GLY C 129 46.67 39.59 -80.76
CA GLY C 129 46.32 40.57 -81.77
C GLY C 129 45.77 41.89 -81.25
N ASP C 130 44.64 41.85 -80.47
CA ASP C 130 43.89 42.97 -79.88
C ASP C 130 44.34 43.25 -78.42
N THR C 131 44.69 44.52 -78.09
CA THR C 131 45.12 44.92 -76.75
C THR C 131 44.19 46.05 -76.19
N THR C 132 42.87 45.85 -76.32
CA THR C 132 41.82 46.76 -75.86
C THR C 132 41.74 46.87 -74.33
N GLY C 133 41.37 48.07 -73.87
CA GLY C 133 41.26 48.41 -72.46
C GLY C 133 39.93 48.01 -71.83
N SER C 134 39.39 48.90 -70.93
CA SER C 134 38.15 48.77 -70.12
C SER C 134 38.23 47.54 -69.18
N SER C 135 39.23 47.60 -68.26
CA SER C 135 39.76 46.58 -67.33
C SER C 135 40.42 45.47 -68.09
N VAL C 136 41.44 44.95 -67.48
CA VAL C 136 42.20 43.88 -68.05
C VAL C 136 42.22 42.80 -66.99
N THR C 137 41.99 41.57 -67.42
CA THR C 137 41.98 40.44 -66.51
C THR C 137 43.12 39.55 -66.85
N LEU C 138 43.94 39.28 -65.86
CA LEU C 138 45.10 38.42 -66.00
C LEU C 138 44.80 37.12 -65.26
N GLY C 139 45.57 36.07 -65.47
CA GLY C 139 45.32 34.81 -64.78
C GLY C 139 46.54 33.97 -64.53
N CYS C 140 46.47 33.08 -63.54
CA CYS C 140 47.57 32.18 -63.23
C CYS C 140 47.02 30.75 -63.30
N LEU C 141 47.62 29.86 -64.11
CA LEU C 141 47.18 28.46 -64.23
C LEU C 141 48.26 27.59 -63.56
N VAL C 142 47.92 26.79 -62.55
CA VAL C 142 48.92 25.96 -61.86
C VAL C 142 48.41 24.55 -62.08
N LYS C 143 49.18 23.67 -62.74
CA LYS C 143 48.67 22.33 -63.05
C LYS C 143 49.63 21.16 -62.82
N GLY C 144 48.99 20.00 -62.70
CA GLY C 144 49.59 18.68 -62.54
C GLY C 144 50.27 18.51 -61.20
N TYR C 145 49.60 18.88 -60.08
CA TYR C 145 50.21 18.73 -58.76
C TYR C 145 49.46 17.74 -57.91
N PHE C 146 50.12 17.18 -56.92
CA PHE C 146 49.51 16.31 -55.93
C PHE C 146 50.37 16.43 -54.71
N PRO C 147 49.85 16.44 -53.49
CA PRO C 147 48.44 16.56 -53.13
C PRO C 147 48.04 18.04 -53.09
N GLU C 148 46.87 18.30 -52.53
CA GLU C 148 46.37 19.63 -52.27
C GLU C 148 47.10 20.08 -50.97
N PRO C 149 47.26 21.36 -50.58
CA PRO C 149 46.85 22.61 -51.21
C PRO C 149 48.02 23.40 -51.81
N VAL C 150 47.68 24.49 -52.51
CA VAL C 150 48.63 25.49 -52.99
C VAL C 150 48.19 26.83 -52.41
N THR C 151 49.12 27.76 -52.32
CA THR C 151 48.83 29.11 -51.89
C THR C 151 49.09 29.95 -53.13
N LEU C 152 48.05 30.61 -53.65
CA LEU C 152 48.17 31.50 -54.77
C LEU C 152 47.93 32.85 -54.18
N THR C 153 48.84 33.75 -54.47
CA THR C 153 48.86 35.10 -53.98
C THR C 153 49.20 35.93 -55.20
N TRP C 154 48.68 37.15 -55.30
CA TRP C 154 49.05 38.03 -56.39
C TRP C 154 49.85 39.08 -55.67
N ASN C 155 50.84 39.69 -56.26
CA ASN C 155 51.71 40.72 -55.69
C ASN C 155 52.01 40.61 -54.18
N SER C 156 52.49 39.43 -53.82
CA SER C 156 52.99 39.02 -52.51
C SER C 156 52.10 39.39 -51.33
N GLY C 157 50.80 39.44 -51.51
CA GLY C 157 49.92 39.79 -50.41
C GLY C 157 48.93 40.87 -50.78
N SER C 158 49.43 42.09 -51.09
CA SER C 158 48.53 43.15 -51.54
C SER C 158 48.07 42.81 -52.95
N LEU C 159 46.85 43.23 -53.29
CA LEU C 159 46.09 42.93 -54.50
C LEU C 159 45.31 41.74 -54.05
N SER C 160 44.31 42.06 -53.27
CA SER C 160 43.35 41.17 -52.67
C SER C 160 42.01 41.48 -53.30
N SER C 161 41.90 42.66 -53.89
CA SER C 161 40.67 43.05 -54.55
C SER C 161 40.75 42.73 -56.03
N GLY C 162 39.73 42.03 -56.50
CA GLY C 162 39.60 41.63 -57.89
C GLY C 162 40.09 40.23 -58.20
N VAL C 163 40.55 39.47 -57.21
CA VAL C 163 41.04 38.13 -57.48
C VAL C 163 40.00 37.10 -57.14
N HIS C 164 39.94 36.03 -57.93
CA HIS C 164 39.10 34.88 -57.66
C HIS C 164 39.99 33.66 -57.85
N THR C 165 40.13 32.83 -56.83
CA THR C 165 40.92 31.60 -56.94
C THR C 165 39.90 30.49 -56.97
N PHE C 166 39.88 29.75 -58.05
CA PHE C 166 38.91 28.69 -58.18
C PHE C 166 39.34 27.45 -57.43
N PRO C 167 38.40 26.69 -56.83
CA PRO C 167 38.80 25.44 -56.17
C PRO C 167 39.33 24.41 -57.18
N ALA C 168 40.31 23.63 -56.75
CA ALA C 168 40.97 22.65 -57.58
C ALA C 168 40.10 21.46 -58.00
N VAL C 169 40.33 21.02 -59.22
CA VAL C 169 39.67 19.87 -59.83
C VAL C 169 40.73 18.80 -60.07
N LEU C 170 40.42 17.58 -59.67
CA LEU C 170 41.30 16.45 -59.88
C LEU C 170 40.98 15.93 -61.26
N GLN C 171 41.99 15.68 -62.04
CA GLN C 171 41.79 15.14 -63.37
C GLN C 171 43.01 14.28 -63.58
N SER C 172 42.81 13.00 -63.88
CA SER C 172 43.89 12.02 -64.11
C SER C 172 44.87 11.88 -62.93
N ASP C 173 44.33 11.96 -61.70
CA ASP C 173 45.05 11.80 -60.43
C ASP C 173 45.95 12.98 -60.01
N LEU C 174 45.93 14.10 -60.76
CA LEU C 174 46.69 15.31 -60.42
C LEU C 174 45.71 16.49 -60.44
N TYR C 175 46.04 17.57 -59.73
CA TYR C 175 45.14 18.70 -59.64
C TYR C 175 45.57 19.86 -60.48
N THR C 176 44.59 20.70 -60.80
CA THR C 176 44.72 21.98 -61.49
C THR C 176 43.84 22.97 -60.76
N LEU C 177 44.36 24.17 -60.65
CA LEU C 177 43.74 25.32 -60.01
C LEU C 177 44.00 26.52 -60.94
N SER C 178 43.24 27.63 -60.79
CA SER C 178 43.45 28.85 -61.59
C SER C 178 42.95 30.06 -60.82
N SER C 179 43.47 31.25 -61.15
CA SER C 179 43.12 32.49 -60.47
C SER C 179 43.03 33.65 -61.48
N SER C 180 42.02 34.54 -61.37
CA SER C 180 41.94 35.71 -62.23
C SER C 180 42.22 36.90 -61.36
N VAL C 181 42.75 37.96 -61.95
CA VAL C 181 42.98 39.23 -61.27
C VAL C 181 42.55 40.27 -62.28
N THR C 182 41.63 41.11 -61.89
CA THR C 182 41.14 42.14 -62.79
C THR C 182 41.71 43.46 -62.29
N VAL C 183 42.34 44.24 -63.19
CA VAL C 183 42.93 45.54 -62.86
C VAL C 183 42.56 46.57 -63.92
N THR C 184 42.77 47.86 -63.61
CA THR C 184 42.49 48.98 -64.51
C THR C 184 43.46 48.93 -65.68
N SER C 185 43.01 49.31 -66.88
CA SER C 185 43.81 49.28 -68.10
C SER C 185 45.12 50.07 -68.06
N SER C 186 45.20 51.10 -67.21
CA SER C 186 46.39 51.92 -67.06
C SER C 186 47.29 51.36 -65.95
N THR C 187 46.97 50.15 -65.45
CA THR C 187 47.76 49.48 -64.43
C THR C 187 48.62 48.42 -65.11
N ILE C 193 52.62 43.06 -62.21
CA ILE C 193 51.84 42.04 -61.53
C ILE C 193 52.51 40.70 -61.65
N THR C 194 52.62 40.04 -60.50
CA THR C 194 53.20 38.73 -60.32
C THR C 194 52.17 37.84 -59.59
N CYS C 195 52.27 36.56 -59.82
CA CYS C 195 51.46 35.55 -59.17
C CYS C 195 52.45 34.68 -58.44
N ASN C 196 52.19 34.46 -57.18
CA ASN C 196 53.10 33.74 -56.32
C ASN C 196 52.41 32.47 -55.89
N VAL C 197 53.07 31.35 -56.13
CA VAL C 197 52.50 30.03 -55.86
C VAL C 197 53.40 29.24 -54.92
N ALA C 198 52.80 28.63 -53.90
CA ALA C 198 53.55 27.81 -52.96
C ALA C 198 52.92 26.42 -52.85
N HIS C 199 53.73 25.37 -52.70
CA HIS C 199 53.21 24.00 -52.58
C HIS C 199 53.87 23.38 -51.36
N PRO C 200 53.23 23.50 -50.18
CA PRO C 200 53.85 22.97 -48.96
C PRO C 200 54.30 21.53 -49.07
N ALA C 201 53.48 20.67 -49.70
CA ALA C 201 53.78 19.27 -49.90
C ALA C 201 55.07 18.96 -50.71
N SER C 202 55.83 19.99 -51.14
CA SER C 202 57.08 19.80 -51.88
C SER C 202 58.12 20.85 -51.57
N SER C 203 57.89 21.66 -50.50
CA SER C 203 58.74 22.78 -50.06
C SER C 203 59.04 23.76 -51.23
N THR C 204 58.07 23.88 -52.18
CA THR C 204 58.15 24.61 -53.45
C THR C 204 57.52 26.03 -53.51
N LYS C 205 58.24 26.95 -54.19
CA LYS C 205 57.85 28.31 -54.59
C LYS C 205 58.22 28.50 -56.07
N VAL C 206 57.26 28.92 -56.87
CA VAL C 206 57.43 29.18 -58.31
C VAL C 206 56.66 30.49 -58.47
N ASP C 207 57.37 31.57 -58.86
CA ASP C 207 56.79 32.91 -59.00
C ASP C 207 56.91 33.42 -60.43
N LYS C 208 55.77 33.50 -61.14
CA LYS C 208 55.72 33.92 -62.53
C LYS C 208 55.26 35.35 -62.66
N LYS C 209 56.08 36.18 -63.31
CA LYS C 209 55.76 37.57 -63.63
C LYS C 209 54.99 37.46 -64.97
N ILE C 210 53.66 37.64 -64.93
CA ILE C 210 52.78 37.54 -66.11
C ILE C 210 52.86 38.77 -66.99
N GLU C 211 53.81 38.73 -67.92
CA GLU C 211 54.07 39.78 -68.89
C GLU C 211 53.30 39.42 -70.22
N PRO C 212 53.12 40.35 -71.22
CA PRO C 212 52.33 40.01 -72.43
C PRO C 212 53.10 39.45 -73.64
N ARG C 213 52.42 38.62 -74.47
CA ARG C 213 53.00 38.05 -75.69
C ARG C 213 52.91 39.10 -76.81
N GLY C 214 54.07 39.55 -77.31
CA GLY C 214 54.09 40.56 -78.36
C GLY C 214 55.41 41.07 -78.91
N PRO C 215 55.77 42.37 -78.66
CA PRO C 215 56.97 42.97 -79.29
C PRO C 215 58.23 43.04 -78.43
N THR C 216 59.06 44.12 -78.60
CA THR C 216 60.24 44.41 -77.79
C THR C 216 59.77 45.40 -76.68
N ILE C 217 59.46 44.85 -75.47
CA ILE C 217 58.93 45.52 -74.24
C ILE C 217 60.07 45.89 -73.23
N ASP D 1 12.56 2.72 -45.38
CA ASP D 1 13.17 4.01 -45.11
C ASP D 1 12.23 5.18 -45.31
N ILE D 2 12.23 6.04 -44.33
CA ILE D 2 11.43 7.23 -44.39
C ILE D 2 12.19 8.23 -45.27
N GLN D 3 11.54 8.78 -46.27
CA GLN D 3 12.17 9.78 -47.10
C GLN D 3 11.81 11.17 -46.56
N MET D 4 12.82 12.00 -46.30
CA MET D 4 12.64 13.38 -45.86
C MET D 4 12.85 14.31 -47.04
N THR D 5 11.78 14.98 -47.52
CA THR D 5 11.87 15.87 -48.69
C THR D 5 12.03 17.34 -48.29
N GLN D 6 13.24 17.86 -48.52
CA GLN D 6 13.60 19.23 -48.15
C GLN D 6 13.42 20.23 -49.31
N SER D 7 12.66 21.30 -49.01
CA SER D 7 12.38 22.37 -49.96
C SER D 7 12.37 23.78 -49.31
N PRO D 8 12.88 24.81 -50.03
CA PRO D 8 13.58 24.73 -51.34
C PRO D 8 15.02 24.22 -51.16
N SER D 9 15.67 23.69 -52.22
CA SER D 9 17.06 23.23 -52.09
C SER D 9 18.05 24.43 -51.98
N SER D 10 17.56 25.62 -52.34
CA SER D 10 18.31 26.87 -52.32
C SER D 10 17.37 28.05 -52.12
N LEU D 11 17.86 29.08 -51.42
CA LEU D 11 17.05 30.27 -51.14
C LEU D 11 17.85 31.56 -51.05
N SER D 12 17.40 32.57 -51.80
CA SER D 12 18.02 33.89 -51.76
C SER D 12 17.15 34.79 -50.90
N ALA D 13 17.79 35.49 -49.96
CA ALA D 13 17.15 36.42 -49.03
C ALA D 13 18.14 37.49 -48.62
N SER D 14 17.66 38.55 -47.96
CA SER D 14 18.53 39.63 -47.52
C SER D 14 18.60 39.71 -45.99
N LEU D 15 19.55 40.50 -45.46
CA LEU D 15 19.68 40.70 -44.03
C LEU D 15 18.35 41.22 -43.46
N GLY D 16 17.96 40.69 -42.30
CA GLY D 16 16.75 41.08 -41.60
C GLY D 16 15.46 40.45 -42.09
N GLU D 17 15.56 39.56 -43.09
CA GLU D 17 14.38 38.90 -43.61
C GLU D 17 14.07 37.65 -42.82
N ARG D 18 12.80 37.30 -42.84
CA ARG D 18 12.27 36.11 -42.19
C ARG D 18 12.12 35.05 -43.27
N VAL D 19 12.68 33.88 -43.03
CA VAL D 19 12.62 32.78 -43.97
C VAL D 19 12.29 31.46 -43.32
N SER D 20 11.68 30.55 -44.10
CA SER D 20 11.28 29.23 -43.64
C SER D 20 11.70 28.17 -44.63
N LEU D 21 12.21 27.05 -44.10
CA LEU D 21 12.58 25.88 -44.90
C LEU D 21 11.72 24.74 -44.39
N THR D 22 11.36 23.83 -45.28
CA THR D 22 10.47 22.73 -44.94
C THR D 22 11.01 21.35 -45.26
N CYS D 23 10.65 20.37 -44.41
CA CYS D 23 10.89 18.95 -44.61
C CYS D 23 9.59 18.23 -44.47
N ARG D 24 9.24 17.49 -45.51
CA ARG D 24 8.04 16.69 -45.56
C ARG D 24 8.45 15.23 -45.38
N ALA D 25 7.85 14.57 -44.39
CA ALA D 25 8.10 13.17 -44.06
C ALA D 25 7.18 12.25 -44.84
N SER D 26 7.74 11.21 -45.47
CA SER D 26 6.97 10.26 -46.25
C SER D 26 6.12 9.34 -45.38
N GLN D 27 6.43 9.28 -44.08
CA GLN D 27 5.70 8.51 -43.07
C GLN D 27 5.60 9.36 -41.83
N ASP D 28 4.64 9.10 -40.94
CA ASP D 28 4.62 9.94 -39.75
C ASP D 28 5.84 9.67 -38.86
N ILE D 29 6.54 10.74 -38.54
CA ILE D 29 7.74 10.75 -37.71
C ILE D 29 7.47 11.35 -36.31
N GLY D 30 6.21 11.65 -36.00
CA GLY D 30 5.82 12.29 -34.75
C GLY D 30 6.57 13.60 -34.58
N GLY D 31 7.18 13.78 -33.43
CA GLY D 31 7.98 14.98 -33.19
C GLY D 31 9.48 14.74 -33.31
N ASN D 32 9.89 13.60 -33.87
CA ASN D 32 11.30 13.23 -33.89
C ASN D 32 12.07 13.72 -35.12
N LEU D 33 12.36 15.01 -35.10
CA LEU D 33 13.14 15.68 -36.14
C LEU D 33 14.18 16.63 -35.51
N TYR D 34 15.39 16.66 -36.09
CA TYR D 34 16.47 17.57 -35.76
C TYR D 34 16.64 18.55 -36.91
N TRP D 35 17.08 19.79 -36.62
CA TRP D 35 17.55 20.69 -37.65
C TRP D 35 19.02 20.91 -37.40
N LEU D 36 19.82 20.66 -38.43
CA LEU D 36 21.27 20.79 -38.42
C LEU D 36 21.74 21.95 -39.31
N GLN D 37 22.84 22.59 -38.89
CA GLN D 37 23.45 23.68 -39.62
C GLN D 37 24.86 23.30 -39.89
N GLN D 38 25.27 23.48 -41.15
CA GLN D 38 26.64 23.19 -41.58
C GLN D 38 27.35 24.47 -42.05
N GLY D 39 28.49 24.75 -41.41
CA GLY D 39 29.29 25.91 -41.79
C GLY D 39 30.11 25.66 -43.05
N PRO D 40 30.59 26.73 -43.72
CA PRO D 40 31.44 26.53 -44.91
C PRO D 40 32.72 25.75 -44.59
N ASP D 41 33.16 25.74 -43.32
CA ASP D 41 34.34 24.97 -42.90
C ASP D 41 34.01 23.46 -42.73
N GLY D 42 32.71 23.14 -42.78
CA GLY D 42 32.18 21.78 -42.70
C GLY D 42 31.54 21.42 -41.37
N THR D 43 31.81 22.25 -40.34
CA THR D 43 31.31 22.00 -38.99
C THR D 43 29.83 21.89 -38.96
N ILE D 44 29.35 20.76 -38.43
CA ILE D 44 27.92 20.53 -38.27
C ILE D 44 27.53 20.85 -36.82
N LYS D 45 26.38 21.48 -36.65
CA LYS D 45 25.88 21.89 -35.35
C LYS D 45 24.38 21.60 -35.35
N ARG D 46 23.82 21.11 -34.22
CA ARG D 46 22.37 20.88 -34.14
C ARG D 46 21.70 22.14 -33.58
N LEU D 47 20.63 22.57 -34.24
CA LEU D 47 19.93 23.77 -33.79
C LEU D 47 18.61 23.46 -33.07
N ILE D 48 17.90 22.43 -33.52
CA ILE D 48 16.59 22.10 -32.98
C ILE D 48 16.54 20.61 -32.76
N TYR D 49 16.00 20.19 -31.62
CA TYR D 49 15.73 18.77 -31.36
C TYR D 49 14.25 18.64 -31.08
N ALA D 50 13.71 17.46 -31.31
CA ALA D 50 12.30 17.20 -31.08
C ALA D 50 11.37 18.22 -31.76
N THR D 51 11.65 18.53 -33.04
CA THR D 51 10.86 19.44 -33.89
C THR D 51 10.89 20.90 -33.52
N SER D 52 10.73 21.24 -32.23
CA SER D 52 10.59 22.63 -31.83
C SER D 52 11.53 23.12 -30.73
N SER D 53 12.26 22.23 -30.04
CA SER D 53 13.15 22.62 -28.94
C SER D 53 14.51 23.14 -29.39
N LEU D 54 14.79 24.39 -29.05
CA LEU D 54 16.05 25.05 -29.39
C LEU D 54 17.19 24.56 -28.50
N ASP D 55 18.34 24.22 -29.09
CA ASP D 55 19.52 23.82 -28.33
C ASP D 55 20.10 25.03 -27.63
N SER D 56 20.81 24.78 -26.50
CA SER D 56 21.51 25.81 -25.71
C SER D 56 22.45 26.59 -26.61
N GLY D 57 22.46 27.91 -26.42
CA GLY D 57 23.31 28.79 -27.20
C GLY D 57 22.76 29.25 -28.54
N VAL D 58 21.77 28.54 -29.09
CA VAL D 58 21.21 28.91 -30.38
C VAL D 58 20.41 30.22 -30.30
N PRO D 59 20.72 31.24 -31.16
CA PRO D 59 19.98 32.50 -31.11
C PRO D 59 18.49 32.26 -31.26
N LYS D 60 17.70 33.01 -30.49
CA LYS D 60 16.23 32.92 -30.41
C LYS D 60 15.49 33.25 -31.72
N ARG D 61 16.22 33.75 -32.75
CA ARG D 61 15.65 34.04 -34.06
C ARG D 61 15.37 32.73 -34.82
N PHE D 62 15.88 31.60 -34.30
CA PHE D 62 15.66 30.27 -34.86
C PHE D 62 14.49 29.60 -34.19
N SER D 63 13.54 29.06 -34.98
CA SER D 63 12.42 28.31 -34.42
C SER D 63 12.02 27.16 -35.32
N GLY D 64 11.49 26.11 -34.70
CA GLY D 64 11.00 24.93 -35.40
C GLY D 64 9.53 24.73 -35.13
N SER D 65 8.77 24.30 -36.15
CA SER D 65 7.32 24.07 -36.02
C SER D 65 6.85 22.94 -36.93
N ARG D 66 5.66 22.40 -36.64
CA ARG D 66 5.06 21.32 -37.41
C ARG D 66 3.61 21.63 -37.73
N SER D 67 3.20 21.26 -38.95
CA SER D 67 1.83 21.35 -39.45
C SER D 67 1.62 20.18 -40.40
N GLY D 68 0.76 19.25 -40.02
CA GLY D 68 0.55 18.02 -40.76
C GLY D 68 1.86 17.24 -40.82
N SER D 69 2.35 16.93 -42.02
CA SER D 69 3.64 16.27 -42.20
C SER D 69 4.73 17.23 -42.64
N ASP D 70 4.50 18.54 -42.45
CA ASP D 70 5.47 19.59 -42.74
C ASP D 70 6.08 20.15 -41.47
N TYR D 71 7.38 19.99 -41.41
CA TYR D 71 8.27 20.41 -40.33
C TYR D 71 9.05 21.58 -40.88
N SER D 72 8.97 22.72 -40.20
CA SER D 72 9.61 23.94 -40.68
C SER D 72 10.63 24.52 -39.73
N LEU D 73 11.70 25.08 -40.30
CA LEU D 73 12.71 25.85 -39.58
C LEU D 73 12.54 27.29 -40.02
N THR D 74 12.42 28.20 -39.07
CA THR D 74 12.21 29.60 -39.39
C THR D 74 13.31 30.47 -38.76
N ILE D 75 13.92 31.35 -39.57
CA ILE D 75 14.89 32.34 -39.06
C ILE D 75 14.17 33.67 -39.18
N SER D 76 13.72 34.21 -38.03
CA SER D 76 12.86 35.40 -37.96
C SER D 76 13.47 36.70 -38.49
N SER D 77 14.82 36.81 -38.44
CA SER D 77 15.55 38.01 -38.87
C SER D 77 16.98 37.64 -39.18
N LEU D 78 17.25 37.38 -40.45
CA LEU D 78 18.53 36.89 -40.91
C LEU D 78 19.71 37.79 -40.58
N GLU D 79 20.79 37.15 -40.17
CA GLU D 79 22.08 37.80 -39.91
C GLU D 79 23.07 37.24 -40.94
N SER D 80 24.22 37.90 -41.13
CA SER D 80 25.18 37.47 -42.16
C SER D 80 25.73 36.07 -41.97
N GLU D 81 25.86 35.64 -40.71
CA GLU D 81 26.36 34.31 -40.35
C GLU D 81 25.35 33.18 -40.65
N ASP D 82 24.08 33.52 -40.89
CA ASP D 82 23.05 32.53 -41.15
C ASP D 82 23.02 32.03 -42.60
N PHE D 83 23.73 32.70 -43.50
CA PHE D 83 23.72 32.31 -44.92
C PHE D 83 24.60 31.11 -45.20
N VAL D 84 24.17 29.97 -44.66
CA VAL D 84 24.90 28.72 -44.75
C VAL D 84 23.90 27.61 -45.15
N ASP D 85 24.25 26.36 -44.86
CA ASP D 85 23.46 25.19 -45.20
C ASP D 85 22.71 24.60 -44.01
N TYR D 86 21.51 24.09 -44.27
CA TYR D 86 20.65 23.52 -43.26
C TYR D 86 20.13 22.17 -43.66
N TYR D 87 20.02 21.23 -42.70
CA TYR D 87 19.54 19.86 -42.96
C TYR D 87 18.63 19.37 -41.87
N CYS D 88 17.51 18.77 -42.27
CA CYS D 88 16.64 18.13 -41.31
C CYS D 88 17.05 16.68 -41.23
N LEU D 89 16.77 16.04 -40.09
CA LEU D 89 17.03 14.63 -39.90
C LEU D 89 15.95 13.99 -39.01
N GLN D 90 15.37 12.85 -39.45
CA GLN D 90 14.39 12.10 -38.68
C GLN D 90 15.04 10.97 -37.90
N TYR D 91 14.67 10.83 -36.63
CA TYR D 91 15.18 9.73 -35.81
C TYR D 91 14.02 8.86 -35.27
N SER D 92 12.85 8.94 -35.93
CA SER D 92 11.64 8.19 -35.55
C SER D 92 11.75 6.74 -35.87
N SER D 93 12.55 6.39 -36.89
CA SER D 93 12.64 5.02 -37.32
C SER D 93 14.00 4.67 -37.79
N SER D 94 14.44 3.50 -37.29
CA SER D 94 15.64 2.67 -37.48
C SER D 94 16.55 3.17 -38.59
N PRO D 95 16.23 3.27 -39.90
CA PRO D 95 17.19 3.94 -40.79
C PRO D 95 17.07 5.48 -40.61
N TRP D 96 17.99 6.15 -39.85
CA TRP D 96 17.98 7.62 -39.63
C TRP D 96 18.12 8.27 -40.98
N THR D 97 17.25 9.20 -41.38
CA THR D 97 17.39 9.80 -42.74
C THR D 97 17.39 11.29 -42.72
N PHE D 98 18.07 11.88 -43.70
CA PHE D 98 18.28 13.31 -43.80
C PHE D 98 17.57 13.91 -44.98
N GLY D 99 17.18 15.18 -44.84
CA GLY D 99 16.68 15.99 -45.94
C GLY D 99 17.84 16.29 -46.87
N GLY D 100 17.53 16.70 -48.10
CA GLY D 100 18.54 17.00 -49.11
C GLY D 100 19.30 18.29 -48.92
N GLY D 101 18.90 19.10 -47.96
CA GLY D 101 19.58 20.36 -47.70
C GLY D 101 19.06 21.58 -48.41
N THR D 102 19.30 22.72 -47.75
CA THR D 102 18.96 24.04 -48.22
C THR D 102 20.16 24.94 -48.03
N LYS D 103 20.56 25.56 -49.12
CA LYS D 103 21.61 26.55 -49.08
C LYS D 103 20.92 27.88 -49.04
N LEU D 104 21.26 28.69 -48.04
CA LEU D 104 20.71 30.02 -47.87
C LEU D 104 21.74 30.99 -48.43
N GLU D 105 21.37 31.75 -49.45
CA GLU D 105 22.26 32.69 -50.11
C GLU D 105 21.78 34.13 -50.02
N ILE D 106 22.72 35.09 -50.10
CA ILE D 106 22.41 36.51 -50.02
C ILE D 106 21.85 36.99 -51.36
N LYS D 107 20.73 37.72 -51.31
CA LYS D 107 20.05 38.32 -52.47
C LYS D 107 20.80 39.55 -52.96
N ARG D 108 20.87 39.69 -54.28
CA ARG D 108 21.60 40.73 -54.96
C ARG D 108 20.88 41.09 -56.24
N ALA D 109 21.34 42.17 -56.91
CA ALA D 109 20.84 42.57 -58.21
C ALA D 109 21.46 41.64 -59.27
N ASP D 110 20.71 41.32 -60.34
CA ASP D 110 21.21 40.50 -61.45
C ASP D 110 22.43 41.16 -62.11
N ALA D 111 23.36 40.33 -62.57
CA ALA D 111 24.57 40.82 -63.21
C ALA D 111 25.03 39.84 -64.25
N ALA D 112 25.35 40.37 -65.43
CA ALA D 112 25.88 39.59 -66.54
C ALA D 112 27.33 39.18 -66.25
N PRO D 113 27.78 37.98 -66.72
CA PRO D 113 29.18 37.62 -66.49
C PRO D 113 30.14 38.46 -67.32
N THR D 114 31.31 38.76 -66.73
CA THR D 114 32.43 39.42 -67.42
C THR D 114 33.25 38.24 -67.95
N VAL D 115 33.18 38.02 -69.25
CA VAL D 115 33.80 36.86 -69.90
C VAL D 115 35.13 37.22 -70.53
N SER D 116 36.13 36.39 -70.25
CA SER D 116 37.49 36.54 -70.72
C SER D 116 38.02 35.17 -71.15
N ILE D 117 38.58 35.12 -72.37
CA ILE D 117 39.19 33.92 -72.97
C ILE D 117 40.70 34.16 -73.07
N PHE D 118 41.48 33.09 -72.93
CA PHE D 118 42.93 33.17 -72.95
C PHE D 118 43.56 32.06 -73.72
N PRO D 119 44.38 32.42 -74.73
CA PRO D 119 45.14 31.40 -75.45
C PRO D 119 46.21 30.78 -74.55
N PRO D 120 46.64 29.55 -74.83
CA PRO D 120 47.73 28.96 -74.02
C PRO D 120 48.94 29.90 -74.04
N SER D 121 49.68 29.98 -72.93
CA SER D 121 50.87 30.81 -72.93
C SER D 121 51.93 30.09 -73.76
N SER D 122 52.83 30.85 -74.38
CA SER D 122 53.93 30.23 -75.13
C SER D 122 54.83 29.40 -74.18
N GLU D 123 54.85 29.74 -72.88
CA GLU D 123 55.62 29.03 -71.86
C GLU D 123 55.05 27.62 -71.64
N GLN D 124 53.71 27.45 -71.71
CA GLN D 124 53.07 26.12 -71.58
C GLN D 124 53.32 25.31 -72.86
N LEU D 125 53.16 25.93 -74.03
CA LEU D 125 53.39 25.28 -75.31
C LEU D 125 54.79 24.68 -75.38
N THR D 126 55.79 25.40 -74.83
CA THR D 126 57.18 24.95 -74.71
C THR D 126 57.24 23.58 -73.98
N SER D 127 56.34 23.38 -73.01
CA SER D 127 56.24 22.15 -72.22
C SER D 127 55.50 20.99 -72.94
N GLY D 128 54.80 21.28 -74.03
CA GLY D 128 54.07 20.26 -74.80
C GLY D 128 52.57 20.18 -74.58
N GLY D 129 52.04 21.07 -73.73
CA GLY D 129 50.62 21.11 -73.45
C GLY D 129 49.99 22.43 -73.86
N ALA D 130 48.67 22.43 -74.04
CA ALA D 130 47.95 23.65 -74.40
C ALA D 130 46.60 23.76 -73.70
N SER D 131 46.53 24.66 -72.73
CA SER D 131 45.28 24.90 -72.03
C SER D 131 44.66 26.22 -72.46
N VAL D 132 43.37 26.17 -72.80
CA VAL D 132 42.59 27.35 -73.14
C VAL D 132 41.66 27.59 -71.95
N VAL D 133 41.80 28.77 -71.34
CA VAL D 133 41.07 29.16 -70.13
C VAL D 133 40.04 30.24 -70.46
N CYS D 134 38.87 30.08 -69.88
CA CYS D 134 37.80 31.04 -69.99
C CYS D 134 37.27 31.36 -68.61
N PHE D 135 37.25 32.64 -68.24
CA PHE D 135 36.68 33.10 -67.00
C PHE D 135 35.32 33.73 -67.27
N LEU D 136 34.35 33.43 -66.41
CA LEU D 136 32.99 33.98 -66.48
C LEU D 136 32.79 34.58 -65.08
N ASN D 137 33.15 35.86 -64.92
CA ASN D 137 33.22 36.46 -63.59
C ASN D 137 32.12 37.43 -63.15
N ASN D 138 31.87 37.41 -61.83
CA ASN D 138 31.00 38.34 -61.12
C ASN D 138 29.60 38.40 -61.69
N PHE D 139 28.98 37.23 -61.86
CA PHE D 139 27.62 37.16 -62.33
C PHE D 139 26.66 36.80 -61.19
N TYR D 140 25.39 37.08 -61.40
CA TYR D 140 24.31 36.75 -60.48
C TYR D 140 23.02 36.68 -61.29
N PRO D 141 22.17 35.63 -61.12
CA PRO D 141 22.27 34.48 -60.18
C PRO D 141 23.37 33.45 -60.50
N LYS D 142 23.52 32.43 -59.64
CA LYS D 142 24.60 31.43 -59.72
C LYS D 142 24.54 30.46 -60.90
N ASP D 143 23.37 30.28 -61.52
CA ASP D 143 23.20 29.37 -62.66
C ASP D 143 23.78 29.96 -63.93
N ILE D 144 24.59 29.17 -64.62
CA ILE D 144 25.28 29.59 -65.83
C ILE D 144 25.64 28.36 -66.65
N ASN D 145 25.77 28.53 -67.96
CA ASN D 145 26.21 27.45 -68.84
C ASN D 145 27.27 27.93 -69.82
N VAL D 146 28.35 27.15 -69.96
CA VAL D 146 29.46 27.45 -70.88
C VAL D 146 29.52 26.38 -71.99
N LYS D 147 29.87 26.81 -73.23
CA LYS D 147 30.06 25.93 -74.37
C LYS D 147 31.36 26.28 -75.03
N TRP D 148 32.16 25.28 -75.39
CA TRP D 148 33.40 25.49 -76.14
C TRP D 148 33.18 25.15 -77.62
N LYS D 149 33.89 25.86 -78.54
CA LYS D 149 33.85 25.61 -79.99
C LYS D 149 35.24 25.66 -80.58
N ILE D 150 35.62 24.69 -81.39
CA ILE D 150 36.95 24.86 -81.90
C ILE D 150 36.81 25.55 -83.27
N ASP D 151 36.96 24.95 -84.43
CA ASP D 151 36.77 25.73 -85.66
C ASP D 151 35.25 25.73 -85.98
N GLY D 152 34.46 26.23 -85.02
CA GLY D 152 33.00 26.29 -85.09
C GLY D 152 32.29 25.02 -84.67
N SER D 153 33.06 24.03 -84.18
CA SER D 153 32.50 22.76 -83.72
C SER D 153 32.54 22.68 -82.21
N GLU D 154 31.39 22.36 -81.60
CA GLU D 154 31.30 22.17 -80.17
C GLU D 154 32.30 21.10 -79.72
N ARG D 155 33.06 21.44 -78.67
CA ARG D 155 34.05 20.58 -78.06
C ARG D 155 33.67 20.33 -76.60
N GLN D 156 33.48 19.05 -76.22
CA GLN D 156 33.09 18.69 -74.84
C GLN D 156 34.21 17.93 -74.08
N ASN D 157 35.02 17.14 -74.79
CA ASN D 157 36.15 16.39 -74.22
C ASN D 157 37.28 17.33 -73.78
N GLY D 158 37.84 17.06 -72.61
CA GLY D 158 38.95 17.83 -72.06
C GLY D 158 38.58 19.16 -71.43
N VAL D 159 37.27 19.37 -71.15
CA VAL D 159 36.74 20.58 -70.51
C VAL D 159 36.53 20.29 -69.04
N LEU D 160 37.08 21.14 -68.18
CA LEU D 160 36.90 21.07 -66.72
C LEU D 160 36.45 22.41 -66.19
N ASN D 161 35.46 22.39 -65.28
CA ASN D 161 34.86 23.59 -64.74
C ASN D 161 34.94 23.68 -63.27
N SER D 162 35.01 24.90 -62.77
CA SER D 162 35.05 25.14 -61.34
C SER D 162 34.30 26.41 -61.01
N TRP D 163 33.60 26.41 -59.89
CA TRP D 163 32.79 27.56 -59.50
C TRP D 163 33.19 28.00 -58.11
N THR D 164 33.33 29.32 -57.90
CA THR D 164 33.66 29.82 -56.56
C THR D 164 32.39 29.83 -55.73
N ASP D 165 32.55 29.99 -54.41
CA ASP D 165 31.39 30.14 -53.54
C ASP D 165 30.99 31.63 -53.64
N GLN D 166 29.77 31.97 -53.16
CA GLN D 166 29.27 33.35 -53.24
C GLN D 166 30.30 34.32 -52.66
N ASP D 167 30.61 35.38 -53.42
CA ASP D 167 31.60 36.38 -53.01
C ASP D 167 31.17 37.13 -51.75
N SER D 168 32.10 37.28 -50.79
CA SER D 168 31.86 37.95 -49.52
C SER D 168 31.60 39.45 -49.66
N LYS D 169 32.20 40.08 -50.70
CA LYS D 169 32.12 41.51 -50.97
C LYS D 169 30.87 41.91 -51.76
N ASP D 170 30.71 41.38 -52.99
CA ASP D 170 29.62 41.78 -53.87
C ASP D 170 28.48 40.77 -54.02
N SER D 171 28.61 39.58 -53.39
CA SER D 171 27.60 38.52 -53.40
C SER D 171 27.32 37.92 -54.78
N THR D 172 28.31 38.01 -55.69
CA THR D 172 28.23 37.43 -57.03
C THR D 172 28.90 36.05 -57.02
N TYR D 173 28.87 35.40 -58.19
CA TYR D 173 29.49 34.10 -58.42
C TYR D 173 30.40 34.19 -59.65
N SER D 174 31.43 33.34 -59.70
CA SER D 174 32.37 33.23 -60.82
C SER D 174 32.62 31.78 -61.21
N MET D 175 32.94 31.56 -62.48
CA MET D 175 33.27 30.23 -62.99
C MET D 175 34.49 30.31 -63.88
N SER D 176 35.28 29.24 -63.91
CA SER D 176 36.37 29.12 -64.84
C SER D 176 36.20 27.83 -65.57
N SER D 177 36.42 27.89 -66.87
CA SER D 177 36.33 26.74 -67.75
C SER D 177 37.66 26.56 -68.46
N THR D 178 38.22 25.35 -68.36
CA THR D 178 39.51 25.02 -68.96
C THR D 178 39.44 23.88 -69.96
N LEU D 179 39.78 24.19 -71.20
CA LEU D 179 39.86 23.20 -72.26
C LEU D 179 41.35 22.82 -72.40
N THR D 180 41.69 21.57 -72.06
CA THR D 180 43.07 21.09 -72.14
C THR D 180 43.30 20.19 -73.34
N LEU D 181 44.35 20.51 -74.12
CA LEU D 181 44.76 19.78 -75.31
C LEU D 181 46.27 19.55 -75.30
N THR D 182 46.75 18.75 -76.26
CA THR D 182 48.18 18.60 -76.49
C THR D 182 48.56 19.80 -77.34
N LYS D 183 49.85 20.16 -77.36
CA LYS D 183 50.34 21.25 -78.23
C LYS D 183 50.01 20.93 -79.70
N ASP D 184 50.27 19.68 -80.14
CA ASP D 184 49.98 19.29 -81.52
C ASP D 184 48.53 19.49 -81.90
N GLU D 185 47.58 19.09 -81.02
CA GLU D 185 46.16 19.25 -81.31
C GLU D 185 45.73 20.71 -81.37
N TYR D 186 46.24 21.52 -80.43
CA TYR D 186 45.95 22.95 -80.40
C TYR D 186 46.39 23.63 -81.70
N GLU D 187 47.54 23.21 -82.25
CA GLU D 187 48.11 23.78 -83.46
C GLU D 187 47.49 23.25 -84.76
N ARG D 188 46.52 22.33 -84.65
CA ARG D 188 45.77 21.81 -85.80
C ARG D 188 44.57 22.72 -86.09
N HIS D 189 44.28 23.69 -85.20
CA HIS D 189 43.09 24.51 -85.37
C HIS D 189 43.37 26.03 -85.27
N ASN D 190 42.40 26.84 -85.77
CA ASN D 190 42.54 28.30 -85.84
C ASN D 190 41.71 29.07 -84.81
N SER D 191 40.38 28.96 -84.84
CA SER D 191 39.54 29.74 -83.94
C SER D 191 39.09 28.98 -82.70
N TYR D 192 39.18 29.64 -81.55
CA TYR D 192 38.76 29.07 -80.28
C TYR D 192 37.71 29.98 -79.65
N THR D 193 36.53 29.42 -79.31
CA THR D 193 35.38 30.16 -78.78
C THR D 193 34.91 29.69 -77.38
N CYS D 194 34.56 30.65 -76.53
CA CYS D 194 33.98 30.44 -75.22
C CYS D 194 32.60 31.09 -75.22
N GLU D 195 31.55 30.31 -74.93
CA GLU D 195 30.17 30.84 -74.91
C GLU D 195 29.47 30.70 -73.58
N ALA D 196 29.13 31.84 -72.96
CA ALA D 196 28.44 31.91 -71.67
C ALA D 196 26.93 32.18 -71.85
N THR D 197 26.07 31.26 -71.39
CA THR D 197 24.62 31.49 -71.40
C THR D 197 24.18 31.77 -69.97
N HIS D 198 23.55 32.94 -69.75
CA HIS D 198 23.12 33.38 -68.43
C HIS D 198 21.74 34.06 -68.48
N LYS D 199 20.97 34.00 -67.37
CA LYS D 199 19.62 34.57 -67.26
C LYS D 199 19.51 36.00 -67.79
N THR D 200 20.50 36.84 -67.49
CA THR D 200 20.53 38.26 -67.83
C THR D 200 20.39 38.58 -69.35
N SER D 201 20.68 37.60 -70.23
CA SER D 201 20.56 37.81 -71.67
C SER D 201 20.00 36.63 -72.42
N THR D 202 19.19 36.93 -73.47
CA THR D 202 18.56 35.98 -74.42
C THR D 202 19.69 35.32 -75.25
N SER D 203 20.69 36.14 -75.57
CA SER D 203 21.81 35.73 -76.39
C SER D 203 23.07 35.44 -75.54
N PRO D 204 23.79 34.33 -75.87
CA PRO D 204 25.06 34.06 -75.20
C PRO D 204 26.11 35.17 -75.40
N ILE D 205 27.02 35.29 -74.42
CA ILE D 205 28.18 36.17 -74.49
C ILE D 205 29.25 35.27 -75.09
N VAL D 206 29.77 35.71 -76.24
CA VAL D 206 30.71 34.97 -77.05
C VAL D 206 32.11 35.58 -77.00
N LYS D 207 33.10 34.81 -76.54
CA LYS D 207 34.50 35.26 -76.59
C LYS D 207 35.32 34.29 -77.40
N SER D 208 36.06 34.79 -78.40
CA SER D 208 36.95 33.95 -79.21
C SER D 208 38.28 34.58 -79.57
N PHE D 209 39.24 33.76 -79.99
CA PHE D 209 40.49 34.23 -80.56
C PHE D 209 40.88 33.29 -81.68
N ASN D 210 41.79 33.77 -82.51
CA ASN D 210 42.36 33.00 -83.60
C ASN D 210 43.83 32.79 -83.25
N ARG D 211 44.34 31.57 -83.48
CA ARG D 211 45.73 31.16 -83.21
C ARG D 211 46.70 31.86 -84.22
N GLY D 212 46.73 33.19 -84.22
CA GLY D 212 47.55 33.97 -85.15
C GLY D 212 48.87 34.34 -84.56
N GLU D 213 49.20 35.63 -84.58
CA GLU D 213 50.44 36.12 -84.00
C GLU D 213 50.23 36.79 -82.66
N CYS D 214 51.31 36.77 -81.84
CA CYS D 214 51.40 37.32 -80.49
C CYS D 214 52.87 37.76 -80.25
N PRO E 4 -68.86 -15.70 -9.53
CA PRO E 4 -69.43 -14.36 -9.80
C PRO E 4 -68.81 -13.24 -8.96
N GLY E 5 -68.52 -13.50 -7.70
CA GLY E 5 -67.92 -12.53 -6.80
C GLY E 5 -66.43 -12.28 -7.02
N GLU E 6 -65.76 -11.85 -5.97
CA GLU E 6 -64.35 -11.49 -5.96
C GLU E 6 -63.40 -12.67 -5.96
N VAL E 7 -62.19 -12.35 -6.42
CA VAL E 7 -61.01 -13.17 -6.29
C VAL E 7 -60.25 -12.55 -5.12
N CYS E 8 -60.06 -13.33 -4.07
CA CYS E 8 -59.35 -12.82 -2.93
C CYS E 8 -58.01 -13.44 -2.79
N PRO E 9 -57.09 -12.73 -2.13
CA PRO E 9 -55.75 -13.31 -1.89
C PRO E 9 -55.79 -14.32 -0.75
N GLY E 10 -54.69 -15.04 -0.57
CA GLY E 10 -54.56 -15.98 0.55
C GLY E 10 -54.69 -15.27 1.88
N MET E 11 -55.24 -15.96 2.87
CA MET E 11 -55.40 -15.40 4.20
C MET E 11 -54.99 -16.33 5.29
N ASP E 12 -54.65 -15.71 6.39
CA ASP E 12 -54.15 -16.33 7.58
C ASP E 12 -54.91 -15.74 8.76
N ILE E 13 -55.94 -16.43 9.20
CA ILE E 13 -56.85 -15.95 10.22
C ILE E 13 -56.61 -16.65 11.56
N ARG E 14 -56.28 -15.87 12.59
CA ARG E 14 -55.94 -16.34 13.93
C ARG E 14 -56.68 -15.59 15.05
N ASN E 15 -56.67 -16.17 16.27
CA ASN E 15 -57.14 -15.58 17.54
C ASN E 15 -58.63 -15.28 17.63
N ASN E 16 -59.12 -14.36 16.79
CA ASN E 16 -60.51 -13.90 16.72
C ASN E 16 -61.11 -14.24 15.39
N LEU E 17 -62.45 -14.31 15.34
CA LEU E 17 -63.14 -14.45 14.07
C LEU E 17 -63.31 -13.14 13.31
N THR E 18 -62.94 -11.97 13.90
CA THR E 18 -63.15 -10.67 13.25
C THR E 18 -62.71 -10.61 11.76
N ARG E 19 -61.45 -10.94 11.47
CA ARG E 19 -60.90 -10.84 10.10
C ARG E 19 -61.47 -11.84 9.11
N LEU E 20 -62.19 -12.85 9.62
CA LEU E 20 -62.79 -13.89 8.80
C LEU E 20 -63.83 -13.36 7.82
N HIS E 21 -64.49 -12.26 8.18
CA HIS E 21 -65.51 -11.63 7.36
C HIS E 21 -64.94 -10.97 6.12
N GLU E 22 -63.60 -10.93 6.03
CA GLU E 22 -62.92 -10.45 4.83
C GLU E 22 -63.18 -11.45 3.66
N LEU E 23 -63.63 -12.68 3.95
CA LEU E 23 -63.95 -13.68 2.92
C LEU E 23 -65.37 -13.56 2.38
N GLU E 24 -66.17 -12.68 2.97
CA GLU E 24 -67.59 -12.65 2.69
C GLU E 24 -67.99 -12.55 1.20
N ASN E 25 -67.19 -11.92 0.31
CA ASN E 25 -67.54 -11.84 -1.11
C ASN E 25 -66.68 -12.71 -2.07
N CYS E 26 -65.81 -13.59 -1.54
CA CYS E 26 -64.94 -14.38 -2.40
C CYS E 26 -65.59 -15.56 -3.02
N SER E 27 -65.40 -15.69 -4.32
CA SER E 27 -65.79 -16.88 -5.07
C SER E 27 -64.56 -17.80 -5.10
N VAL E 28 -63.38 -17.18 -5.16
CA VAL E 28 -62.11 -17.87 -5.30
C VAL E 28 -61.07 -17.29 -4.39
N ILE E 29 -60.33 -18.14 -3.69
CA ILE E 29 -59.17 -17.67 -2.95
C ILE E 29 -57.95 -18.03 -3.77
N GLU E 30 -57.26 -17.00 -4.25
CA GLU E 30 -56.05 -17.16 -5.04
C GLU E 30 -54.89 -17.11 -4.04
N GLY E 31 -54.60 -18.27 -3.48
CA GLY E 31 -53.64 -18.48 -2.40
C GLY E 31 -54.17 -19.57 -1.49
N HIS E 32 -53.72 -19.59 -0.24
CA HIS E 32 -54.20 -20.56 0.74
C HIS E 32 -55.16 -19.93 1.75
N LEU E 33 -55.78 -20.78 2.55
CA LEU E 33 -56.63 -20.35 3.63
C LEU E 33 -56.23 -21.12 4.85
N GLN E 34 -55.72 -20.41 5.87
CA GLN E 34 -55.40 -20.97 7.17
C GLN E 34 -56.29 -20.29 8.20
N ILE E 35 -56.98 -21.10 9.00
CA ILE E 35 -57.78 -20.65 10.13
C ILE E 35 -57.27 -21.40 11.36
N LEU E 36 -56.77 -20.68 12.36
CA LEU E 36 -56.09 -21.30 13.49
C LEU E 36 -56.08 -20.54 14.78
N LEU E 37 -55.82 -21.29 15.85
CA LEU E 37 -55.59 -20.78 17.18
C LEU E 37 -56.69 -19.84 17.68
N MET E 38 -57.90 -20.36 17.76
CA MET E 38 -59.04 -19.66 18.30
C MET E 38 -59.51 -20.43 19.47
N PHE E 39 -59.02 -20.01 20.62
CA PHE E 39 -59.25 -20.72 21.86
C PHE E 39 -60.50 -20.32 22.61
N LYS E 40 -61.06 -19.13 22.34
CA LYS E 40 -62.22 -18.65 23.08
C LYS E 40 -63.56 -18.82 22.36
N THR E 41 -63.51 -19.18 21.06
CA THR E 41 -64.70 -19.41 20.24
C THR E 41 -65.53 -20.61 20.74
N ARG E 42 -66.84 -20.52 20.52
CA ARG E 42 -67.84 -21.51 20.94
C ARG E 42 -68.86 -21.74 19.80
N PRO E 43 -69.67 -22.84 19.83
CA PRO E 43 -70.61 -23.12 18.73
C PRO E 43 -71.45 -21.93 18.27
N GLU E 44 -71.95 -21.15 19.24
CA GLU E 44 -72.77 -19.96 18.94
C GLU E 44 -72.11 -18.99 18.00
N ASP E 45 -70.77 -18.87 18.05
CA ASP E 45 -70.01 -17.99 17.16
C ASP E 45 -70.05 -18.43 15.70
N PHE E 46 -70.34 -19.72 15.46
CA PHE E 46 -70.37 -20.30 14.12
C PHE E 46 -71.75 -20.59 13.57
N ARG E 47 -72.79 -20.65 14.43
CA ARG E 47 -74.18 -20.91 14.05
C ARG E 47 -74.69 -20.04 12.87
N ASP E 48 -74.38 -18.74 12.90
CA ASP E 48 -74.81 -17.79 11.86
C ASP E 48 -73.64 -17.31 11.01
N LEU E 49 -72.70 -18.21 10.72
CA LEU E 49 -71.50 -17.89 9.96
C LEU E 49 -71.39 -18.80 8.77
N SER E 50 -71.39 -18.19 7.58
CA SER E 50 -71.42 -18.93 6.33
C SER E 50 -70.74 -18.18 5.20
N PHE E 51 -69.99 -18.90 4.33
CA PHE E 51 -69.35 -18.31 3.14
C PHE E 51 -69.74 -19.12 1.91
N PRO E 52 -71.02 -19.00 1.50
CA PRO E 52 -71.56 -19.83 0.41
C PRO E 52 -71.04 -19.48 -0.96
N LYS E 53 -70.43 -18.31 -1.10
CA LYS E 53 -69.86 -17.89 -2.37
C LYS E 53 -68.56 -18.63 -2.70
N LEU E 54 -67.82 -19.14 -1.70
CA LEU E 54 -66.54 -19.79 -1.94
C LEU E 54 -66.66 -21.14 -2.64
N ILE E 55 -66.11 -21.18 -3.84
CA ILE E 55 -66.15 -22.33 -4.72
C ILE E 55 -64.82 -23.00 -4.76
N MET E 56 -63.75 -22.22 -4.69
CA MET E 56 -62.45 -22.75 -4.94
C MET E 56 -61.31 -22.07 -4.23
N ILE E 57 -60.30 -22.87 -3.83
CA ILE E 57 -59.03 -22.43 -3.24
C ILE E 57 -57.90 -22.93 -4.16
N THR E 58 -57.01 -22.04 -4.62
CA THR E 58 -55.99 -22.47 -5.58
C THR E 58 -54.84 -23.27 -4.94
N ASP E 59 -54.57 -23.01 -3.66
CA ASP E 59 -53.47 -23.66 -2.93
C ASP E 59 -54.03 -24.71 -1.98
N TYR E 60 -54.05 -24.42 -0.68
CA TYR E 60 -54.48 -25.37 0.31
C TYR E 60 -55.37 -24.77 1.38
N LEU E 61 -56.10 -25.63 2.08
CA LEU E 61 -56.96 -25.28 3.20
C LEU E 61 -56.40 -25.95 4.45
N LEU E 62 -56.15 -25.14 5.49
CA LEU E 62 -55.62 -25.63 6.75
C LEU E 62 -56.45 -25.09 7.93
N LEU E 63 -56.86 -26.01 8.81
CA LEU E 63 -57.62 -25.68 10.01
C LEU E 63 -56.89 -26.33 11.20
N PHE E 64 -56.51 -25.51 12.19
CA PHE E 64 -55.75 -25.95 13.35
C PHE E 64 -56.22 -25.31 14.66
N ARG E 65 -56.63 -26.10 15.66
CA ARG E 65 -57.04 -25.55 16.97
C ARG E 65 -58.07 -24.44 16.90
N VAL E 66 -59.19 -24.70 16.23
CA VAL E 66 -60.28 -23.76 16.19
C VAL E 66 -61.40 -24.35 17.08
N TYR E 67 -61.58 -23.74 18.26
CA TYR E 67 -62.53 -24.23 19.26
C TYR E 67 -63.97 -23.86 18.91
N GLY E 68 -64.90 -24.72 19.30
CA GLY E 68 -66.33 -24.50 19.11
C GLY E 68 -66.90 -24.91 17.76
N LEU E 69 -66.03 -25.11 16.73
CA LEU E 69 -66.45 -25.46 15.37
C LEU E 69 -66.70 -26.94 15.27
N GLU E 70 -67.95 -27.33 14.97
CA GLU E 70 -68.44 -28.71 14.96
C GLU E 70 -68.63 -29.34 13.60
N SER E 71 -68.74 -28.51 12.59
CA SER E 71 -68.89 -28.94 11.20
C SER E 71 -68.47 -27.79 10.31
N LEU E 72 -68.09 -28.11 9.07
CA LEU E 72 -67.76 -27.10 8.07
C LEU E 72 -68.90 -26.95 7.06
N LYS E 73 -70.02 -27.67 7.24
CA LYS E 73 -71.12 -27.67 6.30
C LYS E 73 -71.79 -26.32 6.10
N ASP E 74 -71.73 -25.44 7.11
CA ASP E 74 -72.30 -24.11 7.00
C ASP E 74 -71.26 -23.08 6.68
N LEU E 75 -70.03 -23.32 7.08
CA LEU E 75 -68.97 -22.38 6.76
C LEU E 75 -68.63 -22.42 5.25
N PHE E 76 -68.36 -23.63 4.69
CA PHE E 76 -67.96 -23.75 3.28
C PHE E 76 -68.82 -24.76 2.54
N PRO E 77 -70.12 -24.44 2.42
CA PRO E 77 -71.05 -25.40 1.82
C PRO E 77 -70.83 -25.68 0.34
N ASN E 78 -70.26 -24.71 -0.39
CA ASN E 78 -70.08 -24.80 -1.84
C ASN E 78 -68.63 -24.96 -2.33
N LEU E 79 -67.69 -25.12 -1.39
CA LEU E 79 -66.29 -25.32 -1.77
C LEU E 79 -66.22 -26.64 -2.53
N THR E 80 -65.84 -26.54 -3.82
CA THR E 80 -65.87 -27.62 -4.80
C THR E 80 -64.49 -28.15 -5.19
N VAL E 81 -63.50 -27.25 -5.31
CA VAL E 81 -62.15 -27.60 -5.74
C VAL E 81 -61.12 -26.94 -4.87
N ILE E 82 -60.12 -27.73 -4.50
CA ILE E 82 -58.87 -27.28 -3.90
C ILE E 82 -57.81 -27.69 -4.94
N ARG E 83 -57.17 -26.71 -5.62
CA ARG E 83 -56.24 -27.03 -6.72
C ARG E 83 -54.88 -27.53 -6.26
N GLY E 84 -54.42 -27.07 -5.12
CA GLY E 84 -53.14 -27.53 -4.59
C GLY E 84 -51.96 -27.08 -5.40
N SER E 85 -52.01 -25.87 -5.99
CA SER E 85 -50.87 -25.31 -6.77
C SER E 85 -49.65 -25.15 -5.87
N ARG E 86 -49.89 -24.72 -4.64
CA ARG E 86 -48.91 -24.71 -3.55
C ARG E 86 -49.53 -25.52 -2.43
N LEU E 87 -48.68 -26.24 -1.70
CA LEU E 87 -49.11 -27.17 -0.66
C LEU E 87 -48.48 -26.87 0.66
N PHE E 88 -49.07 -27.44 1.71
CA PHE E 88 -48.54 -27.35 3.06
C PHE E 88 -47.88 -28.68 3.29
N PHE E 89 -46.55 -28.73 3.21
CA PHE E 89 -45.87 -30.02 3.44
C PHE E 89 -46.57 -31.18 2.66
N ASN E 90 -46.72 -31.10 1.32
CA ASN E 90 -47.40 -32.03 0.35
C ASN E 90 -48.92 -32.20 0.52
N TYR E 91 -49.54 -31.45 1.45
CA TYR E 91 -50.97 -31.53 1.70
C TYR E 91 -51.76 -30.35 1.16
N ALA E 92 -52.92 -30.65 0.55
CA ALA E 92 -53.84 -29.63 0.05
C ALA E 92 -54.97 -29.35 1.07
N LEU E 93 -55.17 -30.30 2.00
CA LEU E 93 -56.17 -30.19 3.04
C LEU E 93 -55.60 -30.70 4.35
N VAL E 94 -55.59 -29.83 5.35
CA VAL E 94 -55.07 -30.13 6.68
C VAL E 94 -56.10 -29.78 7.77
N ILE E 95 -56.49 -30.79 8.57
CA ILE E 95 -57.46 -30.65 9.67
C ILE E 95 -56.72 -31.24 10.85
N PHE E 96 -56.27 -30.38 11.76
CA PHE E 96 -55.41 -30.82 12.83
C PHE E 96 -55.75 -30.22 14.17
N GLU E 97 -55.97 -31.08 15.19
CA GLU E 97 -56.32 -30.65 16.55
C GLU E 97 -57.51 -29.71 16.55
N MET E 98 -58.53 -30.08 15.79
CA MET E 98 -59.79 -29.39 15.75
C MET E 98 -60.66 -30.08 16.79
N VAL E 99 -60.52 -29.59 18.03
CA VAL E 99 -61.19 -30.10 19.18
C VAL E 99 -62.56 -29.45 18.96
N HIS E 100 -63.56 -30.27 18.93
CA HIS E 100 -64.98 -30.00 18.78
C HIS E 100 -65.51 -30.39 17.40
N LEU E 101 -64.66 -30.61 16.37
CA LEU E 101 -65.15 -30.96 15.02
C LEU E 101 -65.71 -32.37 15.00
N LYS E 102 -67.00 -32.49 14.64
CA LYS E 102 -67.73 -33.76 14.65
C LYS E 102 -67.83 -34.38 13.28
N GLU E 103 -67.78 -33.56 12.24
CA GLU E 103 -67.83 -34.01 10.85
C GLU E 103 -67.10 -32.96 10.02
N LEU E 104 -66.64 -33.32 8.82
CA LEU E 104 -66.09 -32.34 7.91
C LEU E 104 -67.25 -31.56 7.30
N GLY E 105 -68.16 -32.28 6.65
CA GLY E 105 -69.32 -31.70 6.01
C GLY E 105 -69.04 -30.82 4.79
N LEU E 106 -67.92 -31.06 4.07
CA LEU E 106 -67.58 -30.32 2.84
C LEU E 106 -68.27 -31.06 1.68
N TYR E 107 -69.62 -31.04 1.70
CA TYR E 107 -70.46 -31.87 0.85
C TYR E 107 -70.42 -31.51 -0.64
N ASN E 108 -69.79 -30.38 -0.99
CA ASN E 108 -69.60 -30.02 -2.38
C ASN E 108 -68.17 -30.23 -2.87
N LEU E 109 -67.27 -30.77 -2.02
CA LEU E 109 -65.87 -30.98 -2.41
C LEU E 109 -65.71 -32.18 -3.35
N MET E 110 -65.44 -31.90 -4.63
CA MET E 110 -65.39 -32.90 -5.69
C MET E 110 -64.01 -33.31 -6.13
N ASN E 111 -63.08 -32.37 -6.07
CA ASN E 111 -61.74 -32.61 -6.57
C ASN E 111 -60.69 -31.87 -5.80
N ILE E 112 -59.61 -32.58 -5.50
CA ILE E 112 -58.38 -32.03 -4.96
C ILE E 112 -57.36 -32.34 -6.06
N THR E 113 -56.97 -31.31 -6.81
CA THR E 113 -56.24 -31.46 -8.05
C THR E 113 -54.80 -31.91 -7.84
N ARG E 114 -54.20 -31.49 -6.76
CA ARG E 114 -52.83 -31.83 -6.46
C ARG E 114 -52.69 -31.83 -4.96
N GLY E 115 -51.86 -32.75 -4.46
CA GLY E 115 -51.59 -32.87 -3.04
C GLY E 115 -52.45 -33.90 -2.36
N SER E 116 -52.17 -34.13 -1.06
CA SER E 116 -52.87 -35.13 -0.26
C SER E 116 -53.66 -34.52 0.90
N VAL E 117 -54.30 -35.38 1.66
CA VAL E 117 -55.14 -34.99 2.78
C VAL E 117 -54.53 -35.45 4.10
N ARG E 118 -54.43 -34.54 5.08
CA ARG E 118 -53.96 -34.90 6.40
C ARG E 118 -55.00 -34.50 7.42
N ILE E 119 -55.66 -35.47 8.04
CA ILE E 119 -56.71 -35.25 9.03
C ILE E 119 -56.28 -36.01 10.28
N GLU E 120 -55.81 -35.29 11.30
CA GLU E 120 -55.16 -35.90 12.45
C GLU E 120 -55.50 -35.27 13.80
N LYS E 121 -55.72 -36.10 14.83
CA LYS E 121 -55.92 -35.66 16.23
C LYS E 121 -57.12 -34.77 16.44
N ASN E 122 -58.24 -35.21 15.89
CA ASN E 122 -59.54 -34.55 15.99
C ASN E 122 -60.41 -35.51 16.79
N ASN E 123 -60.49 -35.27 18.10
CA ASN E 123 -61.04 -36.19 19.10
C ASN E 123 -62.53 -36.45 19.00
N GLU E 124 -63.28 -35.57 18.36
CA GLU E 124 -64.71 -35.77 18.19
C GLU E 124 -65.06 -36.10 16.73
N LEU E 125 -64.05 -36.29 15.84
CA LEU E 125 -64.31 -36.34 14.41
C LEU E 125 -64.80 -37.66 13.84
N CYS E 126 -66.00 -37.62 13.26
CA CYS E 126 -66.64 -38.76 12.62
C CYS E 126 -66.97 -38.43 11.18
N TYR E 127 -67.71 -39.33 10.50
CA TYR E 127 -68.07 -39.15 9.09
C TYR E 127 -66.83 -39.09 8.18
N LEU E 128 -65.84 -39.92 8.51
CA LEU E 128 -64.60 -40.08 7.76
C LEU E 128 -64.62 -41.38 6.99
N ALA E 129 -65.07 -42.47 7.65
CA ALA E 129 -65.21 -43.78 7.03
C ALA E 129 -66.19 -43.75 5.87
N THR E 130 -67.12 -42.78 5.91
CA THR E 130 -68.19 -42.61 4.93
C THR E 130 -67.77 -41.87 3.69
N ILE E 131 -66.56 -41.29 3.69
CA ILE E 131 -66.06 -40.55 2.54
C ILE E 131 -65.22 -41.47 1.68
N ASP E 132 -65.50 -41.50 0.38
CA ASP E 132 -64.68 -42.21 -0.61
C ASP E 132 -63.75 -41.17 -1.23
N TRP E 133 -62.53 -41.10 -0.71
CA TRP E 133 -61.56 -40.14 -1.19
C TRP E 133 -61.06 -40.45 -2.62
N SER E 134 -61.19 -41.71 -3.09
CA SER E 134 -60.76 -42.05 -4.45
C SER E 134 -61.54 -41.31 -5.53
N ARG E 135 -62.70 -40.76 -5.16
CA ARG E 135 -63.49 -39.93 -6.07
C ARG E 135 -62.95 -38.51 -6.13
N ILE E 136 -62.19 -38.11 -5.12
CA ILE E 136 -61.74 -36.73 -4.96
C ILE E 136 -60.27 -36.50 -5.34
N LEU E 137 -59.41 -37.47 -4.99
CA LEU E 137 -57.97 -37.46 -5.27
C LEU E 137 -57.60 -38.64 -6.12
N ASP E 138 -56.68 -38.43 -7.07
CA ASP E 138 -56.14 -39.50 -7.91
C ASP E 138 -55.37 -40.52 -7.08
N SER E 139 -54.62 -40.05 -6.08
CA SER E 139 -53.94 -40.99 -5.19
C SER E 139 -54.17 -40.67 -3.74
N VAL E 140 -54.71 -41.64 -3.04
CA VAL E 140 -55.06 -41.60 -1.63
C VAL E 140 -53.97 -42.27 -0.80
N GLU E 141 -52.98 -42.80 -1.48
CA GLU E 141 -51.87 -43.51 -0.86
C GLU E 141 -51.11 -42.66 0.15
N ASP E 142 -51.01 -41.35 -0.10
CA ASP E 142 -50.30 -40.43 0.78
C ASP E 142 -51.21 -39.72 1.79
N ASN E 143 -52.50 -40.08 1.83
CA ASN E 143 -53.41 -39.51 2.82
C ASN E 143 -52.99 -40.00 4.20
N HIS E 144 -53.16 -39.13 5.20
CA HIS E 144 -52.79 -39.45 6.57
C HIS E 144 -53.94 -39.07 7.45
N ILE E 145 -54.81 -40.04 7.72
CA ILE E 145 -56.04 -39.84 8.46
C ILE E 145 -56.03 -40.74 9.64
N VAL E 146 -55.60 -40.21 10.78
CA VAL E 146 -55.38 -40.98 11.99
C VAL E 146 -55.70 -40.19 13.25
N LEU E 147 -55.78 -40.90 14.37
CA LEU E 147 -56.00 -40.35 15.69
C LEU E 147 -57.24 -39.45 15.76
N ASN E 148 -58.34 -39.90 15.15
CA ASN E 148 -59.64 -39.22 15.20
C ASN E 148 -60.64 -40.08 15.97
N LYS E 149 -61.80 -39.54 16.35
CA LYS E 149 -62.80 -40.35 17.07
C LYS E 149 -63.08 -41.65 16.29
N ASP E 150 -63.14 -41.54 14.97
CA ASP E 150 -63.35 -42.62 14.01
C ASP E 150 -62.47 -43.85 14.21
N ASP E 151 -61.26 -43.68 14.79
CA ASP E 151 -60.31 -44.77 15.09
C ASP E 151 -60.83 -45.71 16.15
N ASN E 152 -61.69 -45.23 17.06
CA ASN E 152 -62.24 -46.06 18.13
C ASN E 152 -63.64 -46.62 17.71
N GLU E 153 -64.45 -47.12 18.65
CA GLU E 153 -65.71 -47.85 18.39
C GLU E 153 -66.96 -47.04 18.75
N GLU E 154 -66.82 -45.74 18.66
CA GLU E 154 -67.78 -44.74 19.08
C GLU E 154 -68.49 -43.96 17.96
N CYS E 155 -68.09 -44.09 16.65
CA CYS E 155 -68.79 -43.33 15.60
C CYS E 155 -70.02 -44.10 15.15
N GLY E 156 -71.17 -43.44 15.26
CA GLY E 156 -72.45 -43.96 14.81
C GLY E 156 -72.82 -43.27 13.52
N ASP E 157 -71.94 -43.35 12.52
CA ASP E 157 -72.15 -42.71 11.22
C ASP E 157 -73.42 -43.22 10.58
N ILE E 158 -74.36 -42.31 10.29
CA ILE E 158 -75.64 -42.63 9.68
C ILE E 158 -75.90 -41.73 8.51
N CYS E 159 -76.00 -42.31 7.31
CA CYS E 159 -76.26 -41.56 6.08
C CYS E 159 -77.77 -41.48 5.84
N PRO E 160 -78.47 -42.65 5.87
CA PRO E 160 -79.92 -42.66 5.64
C PRO E 160 -80.72 -41.75 6.58
N GLY E 161 -81.68 -41.04 6.01
CA GLY E 161 -82.51 -40.12 6.77
C GLY E 161 -83.93 -39.98 6.27
N THR E 162 -84.09 -39.84 4.93
CA THR E 162 -85.38 -39.60 4.27
C THR E 162 -86.38 -40.74 4.48
N ALA E 163 -85.98 -41.98 4.09
CA ALA E 163 -86.73 -43.24 4.18
C ALA E 163 -85.98 -44.25 5.09
N LYS E 164 -84.63 -44.11 5.18
CA LYS E 164 -83.63 -44.92 5.89
C LYS E 164 -83.40 -46.30 5.26
N GLY E 165 -82.28 -46.41 4.55
CA GLY E 165 -81.81 -47.63 3.91
C GLY E 165 -82.55 -48.03 2.66
N LYS E 166 -83.43 -47.15 2.12
CA LYS E 166 -84.21 -47.41 0.90
C LYS E 166 -84.05 -46.28 -0.15
N THR E 167 -83.23 -46.56 -1.21
CA THR E 167 -82.80 -45.71 -2.34
C THR E 167 -82.35 -44.29 -1.87
N ASN E 168 -81.16 -44.19 -1.16
CA ASN E 168 -80.64 -42.89 -0.67
C ASN E 168 -79.19 -42.57 -1.20
N CYS E 169 -78.11 -42.79 -0.40
CA CYS E 169 -76.76 -42.44 -0.82
C CYS E 169 -76.16 -43.48 -1.77
N PRO E 170 -75.25 -43.07 -2.67
CA PRO E 170 -74.55 -44.06 -3.53
C PRO E 170 -73.56 -44.86 -2.67
N ALA E 171 -73.36 -46.12 -2.98
CA ALA E 171 -72.48 -46.96 -2.19
C ALA E 171 -71.34 -47.43 -3.03
N THR E 172 -70.15 -47.40 -2.45
CA THR E 172 -68.95 -47.85 -3.14
C THR E 172 -68.23 -48.83 -2.24
N VAL E 173 -67.35 -49.62 -2.84
CA VAL E 173 -66.58 -50.65 -2.14
C VAL E 173 -65.29 -50.12 -1.49
N ILE E 174 -64.94 -50.66 -0.32
CA ILE E 174 -63.63 -50.33 0.29
C ILE E 174 -62.61 -51.35 -0.28
N ASN E 175 -62.56 -52.58 0.27
CA ASN E 175 -61.87 -53.75 -0.23
C ASN E 175 -63.00 -54.62 -0.84
N GLY E 176 -63.80 -55.27 0.02
CA GLY E 176 -64.93 -56.12 -0.38
C GLY E 176 -66.29 -55.63 0.10
N GLN E 177 -66.29 -54.68 1.05
CA GLN E 177 -67.52 -54.18 1.62
C GLN E 177 -68.00 -52.88 0.98
N PHE E 178 -69.28 -52.88 0.63
CA PHE E 178 -70.00 -51.73 0.10
C PHE E 178 -70.39 -50.85 1.26
N VAL E 179 -70.11 -49.54 1.13
CA VAL E 179 -70.32 -48.53 2.16
C VAL E 179 -71.04 -47.36 1.52
N GLU E 180 -72.04 -46.84 2.20
CA GLU E 180 -72.92 -45.84 1.64
C GLU E 180 -72.34 -44.44 1.30
N ARG E 181 -71.32 -43.85 1.84
CA ARG E 181 -70.86 -42.53 1.31
C ARG E 181 -71.76 -41.29 1.43
N CYS E 182 -71.36 -40.59 2.47
CA CYS E 182 -71.93 -39.34 2.87
C CYS E 182 -70.96 -38.53 3.68
N TRP E 183 -71.28 -37.25 3.76
CA TRP E 183 -70.54 -36.23 4.48
C TRP E 183 -71.17 -35.95 5.86
N THR E 184 -72.50 -36.00 5.93
CA THR E 184 -73.29 -35.78 7.16
C THR E 184 -74.55 -36.66 7.16
N HIS E 185 -75.35 -36.59 8.23
CA HIS E 185 -76.62 -37.31 8.31
C HIS E 185 -77.57 -36.83 7.20
N SER E 186 -77.41 -35.58 6.74
CA SER E 186 -78.30 -35.04 5.74
C SER E 186 -77.65 -34.78 4.37
N HIS E 187 -76.38 -35.13 4.15
CA HIS E 187 -75.75 -34.90 2.86
C HIS E 187 -74.97 -36.09 2.33
N CYS E 188 -75.37 -36.59 1.15
CA CYS E 188 -74.68 -37.68 0.49
C CYS E 188 -73.43 -37.17 -0.20
N GLN E 189 -72.52 -38.11 -0.54
CA GLN E 189 -71.37 -37.82 -1.38
C GLN E 189 -71.86 -37.97 -2.80
N LYS E 190 -71.59 -36.96 -3.63
CA LYS E 190 -71.92 -37.00 -5.05
C LYS E 190 -71.01 -37.96 -5.78
N VAL E 191 -71.60 -38.83 -6.58
CA VAL E 191 -70.87 -39.82 -7.38
C VAL E 191 -71.44 -39.78 -8.78
N CYS E 192 -70.56 -39.61 -9.76
CA CYS E 192 -70.93 -39.53 -11.15
C CYS E 192 -70.56 -40.79 -11.87
N PRO E 193 -71.26 -41.06 -13.00
CA PRO E 193 -70.84 -42.16 -13.87
C PRO E 193 -69.40 -41.98 -14.31
N THR E 194 -68.73 -43.10 -14.55
CA THR E 194 -67.34 -43.17 -14.93
C THR E 194 -67.05 -42.41 -16.23
N ILE E 195 -68.00 -42.36 -17.18
CA ILE E 195 -67.81 -41.62 -18.43
C ILE E 195 -67.59 -40.14 -18.20
N CYS E 196 -68.07 -39.62 -17.06
CA CYS E 196 -67.95 -38.22 -16.70
C CYS E 196 -66.57 -37.83 -16.23
N LYS E 197 -65.79 -38.83 -15.82
CA LYS E 197 -64.42 -38.64 -15.33
C LYS E 197 -64.47 -37.61 -14.19
N SER E 198 -63.62 -36.59 -14.23
CA SER E 198 -63.57 -35.56 -13.19
C SER E 198 -64.45 -34.34 -13.50
N HIS E 199 -65.15 -34.37 -14.64
CA HIS E 199 -65.91 -33.21 -15.06
C HIS E 199 -67.17 -32.90 -14.25
N GLY E 200 -67.69 -33.90 -13.56
CA GLY E 200 -68.93 -33.75 -12.83
C GLY E 200 -70.13 -34.08 -13.68
N CYS E 201 -71.32 -34.01 -13.06
CA CYS E 201 -72.58 -34.32 -13.70
C CYS E 201 -73.71 -33.61 -13.00
N THR E 202 -74.87 -33.51 -13.66
CA THR E 202 -76.07 -32.95 -13.04
C THR E 202 -76.68 -34.01 -12.13
N ALA E 203 -77.73 -33.64 -11.38
CA ALA E 203 -78.42 -34.55 -10.47
C ALA E 203 -78.99 -35.75 -11.22
N GLU E 204 -79.32 -35.58 -12.50
CA GLU E 204 -79.86 -36.63 -13.35
C GLU E 204 -78.80 -37.55 -13.94
N GLY E 205 -77.53 -37.28 -13.62
CA GLY E 205 -76.42 -38.10 -14.08
C GLY E 205 -75.81 -37.75 -15.42
N LEU E 206 -76.19 -36.60 -15.99
CA LEU E 206 -75.70 -36.14 -17.30
C LEU E 206 -74.40 -35.41 -17.13
N CYS E 207 -73.42 -35.79 -17.93
CA CYS E 207 -72.08 -35.27 -17.85
C CYS E 207 -71.97 -33.78 -18.07
N CYS E 208 -71.16 -33.15 -17.22
CA CYS E 208 -70.75 -31.77 -17.41
C CYS E 208 -69.82 -31.77 -18.62
N HIS E 209 -69.57 -30.59 -19.16
CA HIS E 209 -68.64 -30.39 -20.24
C HIS E 209 -67.19 -30.77 -19.81
N SER E 210 -66.39 -31.22 -20.78
CA SER E 210 -65.00 -31.66 -20.56
C SER E 210 -64.08 -30.54 -20.01
N GLU E 211 -64.48 -29.27 -20.16
CA GLU E 211 -63.72 -28.15 -19.60
C GLU E 211 -64.13 -27.82 -18.16
N CYS E 212 -65.21 -28.46 -17.66
CA CYS E 212 -65.68 -28.29 -16.29
C CYS E 212 -64.87 -29.19 -15.35
N LEU E 213 -64.90 -28.85 -14.07
CA LEU E 213 -64.27 -29.63 -13.03
C LEU E 213 -65.24 -29.76 -11.87
N GLY E 214 -65.60 -31.00 -11.53
CA GLY E 214 -66.40 -31.29 -10.35
C GLY E 214 -67.91 -31.20 -10.42
N ASN E 215 -68.42 -30.12 -11.02
CA ASN E 215 -69.85 -29.87 -11.04
C ASN E 215 -70.22 -28.78 -12.02
N CYS E 216 -71.50 -28.76 -12.42
CA CYS E 216 -72.07 -27.77 -13.32
C CYS E 216 -73.54 -27.63 -13.02
N SER E 217 -74.14 -26.55 -13.53
CA SER E 217 -75.59 -26.34 -13.40
C SER E 217 -76.34 -26.99 -14.57
N GLN E 218 -75.66 -27.15 -15.72
CA GLN E 218 -76.22 -27.77 -16.92
C GLN E 218 -75.20 -28.63 -17.62
N PRO E 219 -75.66 -29.70 -18.29
CA PRO E 219 -74.75 -30.63 -18.96
C PRO E 219 -74.16 -30.10 -20.24
N ASP E 220 -72.95 -30.56 -20.53
CA ASP E 220 -72.23 -30.27 -21.75
C ASP E 220 -72.27 -28.79 -22.20
N ASP E 221 -72.04 -27.86 -21.25
CA ASP E 221 -72.01 -26.44 -21.51
C ASP E 221 -70.85 -25.79 -20.72
N PRO E 222 -69.83 -25.26 -21.42
CA PRO E 222 -68.67 -24.72 -20.72
C PRO E 222 -68.87 -23.37 -20.07
N THR E 223 -70.10 -22.85 -20.12
CA THR E 223 -70.48 -21.59 -19.48
C THR E 223 -71.32 -21.89 -18.25
N LYS E 224 -71.53 -23.19 -17.95
CA LYS E 224 -72.37 -23.60 -16.83
C LYS E 224 -71.63 -24.42 -15.79
N CYS E 225 -70.29 -24.35 -15.82
CA CYS E 225 -69.42 -25.04 -14.86
C CYS E 225 -69.37 -24.33 -13.53
N VAL E 226 -69.30 -25.10 -12.45
CA VAL E 226 -69.07 -24.53 -11.13
C VAL E 226 -67.59 -24.11 -11.04
N ALA E 227 -66.70 -24.94 -11.63
CA ALA E 227 -65.27 -24.65 -11.70
C ALA E 227 -64.70 -25.22 -12.99
N CYS E 228 -63.51 -24.74 -13.37
CA CYS E 228 -62.82 -25.12 -14.60
C CYS E 228 -61.75 -26.13 -14.41
N ARG E 229 -61.62 -27.03 -15.38
CA ARG E 229 -60.54 -28.00 -15.39
C ARG E 229 -59.22 -27.30 -15.72
N ASN E 230 -59.25 -26.39 -16.69
CA ASN E 230 -58.05 -25.71 -17.15
C ASN E 230 -58.04 -24.24 -16.74
N PHE E 231 -58.57 -23.34 -17.57
CA PHE E 231 -58.57 -21.91 -17.32
C PHE E 231 -59.93 -21.27 -17.38
N TYR E 232 -60.07 -20.14 -16.70
CA TYR E 232 -61.31 -19.41 -16.62
C TYR E 232 -61.23 -18.07 -17.33
N LEU E 233 -62.24 -17.75 -18.15
CA LEU E 233 -62.34 -16.44 -18.79
C LEU E 233 -63.79 -16.05 -19.05
N ASP E 234 -64.21 -14.85 -18.64
CA ASP E 234 -65.54 -14.29 -18.93
C ASP E 234 -66.70 -15.30 -18.81
N GLY E 235 -66.83 -15.89 -17.63
CA GLY E 235 -67.88 -16.85 -17.33
C GLY E 235 -67.82 -18.10 -18.17
N ARG E 236 -66.63 -18.49 -18.63
CA ARG E 236 -66.45 -19.67 -19.48
C ARG E 236 -65.18 -20.42 -19.13
N CYS E 237 -65.22 -21.76 -19.21
CA CYS E 237 -64.07 -22.61 -18.99
C CYS E 237 -63.43 -22.93 -20.33
N VAL E 238 -62.15 -22.57 -20.46
CA VAL E 238 -61.36 -22.75 -21.69
C VAL E 238 -60.11 -23.61 -21.46
N GLU E 239 -59.69 -24.33 -22.50
CA GLU E 239 -58.51 -25.19 -22.45
C GLU E 239 -57.24 -24.39 -22.34
N THR E 240 -57.14 -23.33 -23.12
CA THR E 240 -56.03 -22.38 -23.10
C THR E 240 -56.59 -20.99 -23.20
N CYS E 241 -55.83 -20.00 -22.73
CA CYS E 241 -56.21 -18.59 -22.82
C CYS E 241 -56.03 -18.11 -24.25
N PRO E 242 -57.11 -17.55 -24.85
CA PRO E 242 -57.01 -17.00 -26.20
C PRO E 242 -56.36 -15.60 -26.17
N PRO E 243 -55.87 -15.16 -27.35
CA PRO E 243 -55.34 -13.79 -27.46
C PRO E 243 -56.46 -12.80 -27.20
N PRO E 244 -56.14 -11.66 -26.58
CA PRO E 244 -54.80 -11.22 -26.16
C PRO E 244 -54.52 -11.52 -24.67
N TYR E 245 -55.05 -12.65 -24.13
CA TYR E 245 -54.92 -12.95 -22.71
C TYR E 245 -53.76 -13.83 -22.35
N TYR E 246 -53.36 -13.79 -21.09
CA TYR E 246 -52.27 -14.56 -20.53
C TYR E 246 -52.71 -15.49 -19.42
N HIS E 247 -52.05 -16.64 -19.31
CA HIS E 247 -52.30 -17.64 -18.27
C HIS E 247 -51.72 -17.14 -16.94
N PHE E 248 -52.56 -17.06 -15.89
CA PHE E 248 -52.18 -16.55 -14.59
C PHE E 248 -52.54 -17.52 -13.46
N GLN E 249 -51.55 -17.77 -12.58
CA GLN E 249 -51.68 -18.61 -11.38
C GLN E 249 -52.27 -19.97 -11.68
N ASP E 250 -52.00 -20.47 -12.90
CA ASP E 250 -52.46 -21.76 -13.41
C ASP E 250 -54.00 -21.99 -13.33
N TRP E 251 -54.82 -20.93 -13.38
CA TRP E 251 -56.28 -21.10 -13.36
C TRP E 251 -57.09 -19.99 -14.10
N ARG E 252 -56.54 -18.79 -14.30
CA ARG E 252 -57.31 -17.78 -15.00
C ARG E 252 -56.57 -17.02 -16.08
N CYS E 253 -57.35 -16.38 -16.96
CA CYS E 253 -56.89 -15.57 -18.07
C CYS E 253 -56.96 -14.11 -17.69
N VAL E 254 -55.84 -13.41 -17.87
CA VAL E 254 -55.74 -12.01 -17.54
C VAL E 254 -55.16 -11.25 -18.74
N ASN E 255 -55.40 -9.94 -18.78
CA ASN E 255 -54.88 -9.13 -19.87
C ASN E 255 -53.54 -8.51 -19.49
N PHE E 256 -52.88 -7.94 -20.49
CA PHE E 256 -51.58 -7.32 -20.30
C PHE E 256 -51.56 -6.29 -19.16
N SER E 257 -52.59 -5.47 -19.12
CA SER E 257 -52.70 -4.36 -18.19
C SER E 257 -52.71 -4.82 -16.75
N PHE E 258 -53.35 -5.96 -16.49
CA PHE E 258 -53.39 -6.59 -15.18
C PHE E 258 -52.00 -7.02 -14.76
N CYS E 259 -51.28 -7.71 -15.66
CA CYS E 259 -49.92 -8.14 -15.41
C CYS E 259 -49.03 -6.93 -15.16
N GLN E 260 -49.28 -5.86 -15.89
CA GLN E 260 -48.52 -4.63 -15.80
C GLN E 260 -48.75 -3.96 -14.46
N ASP E 261 -50.01 -3.91 -13.99
CA ASP E 261 -50.35 -3.32 -12.70
C ASP E 261 -49.63 -4.03 -11.56
N LEU E 262 -49.61 -5.38 -11.59
CA LEU E 262 -48.89 -6.19 -10.58
C LEU E 262 -47.41 -5.82 -10.56
N HIS E 263 -46.81 -5.80 -11.74
CA HIS E 263 -45.41 -5.47 -11.90
C HIS E 263 -45.02 -4.15 -11.29
N HIS E 264 -45.85 -3.14 -11.48
CA HIS E 264 -45.41 -1.82 -11.15
C HIS E 264 -45.26 -1.49 -9.68
N LYS E 265 -43.97 -1.11 -9.55
CA LYS E 265 -43.07 -0.49 -8.60
C LYS E 265 -43.56 -0.61 -7.20
N CYS E 266 -43.45 -1.84 -6.72
CA CYS E 266 -43.72 -2.21 -5.33
C CYS E 266 -42.53 -1.71 -4.49
N LYS E 267 -42.35 -0.38 -4.61
CA LYS E 267 -41.35 0.57 -4.16
C LYS E 267 -40.18 -0.14 -3.46
N ASN E 268 -40.38 -0.61 -2.20
CA ASN E 268 -39.38 -1.30 -1.40
C ASN E 268 -39.50 -2.81 -1.56
N SER E 269 -40.34 -3.46 -0.70
CA SER E 269 -40.64 -4.87 -0.40
C SER E 269 -40.29 -5.88 -1.51
N ARG E 270 -38.99 -6.10 -1.71
CA ARG E 270 -38.40 -7.08 -2.64
C ARG E 270 -38.52 -8.49 -2.00
N ARG E 271 -38.28 -8.55 -0.65
CA ARG E 271 -38.31 -9.74 0.20
C ARG E 271 -39.76 -10.00 0.63
N GLN E 272 -40.45 -10.85 -0.16
CA GLN E 272 -41.83 -11.35 -0.03
C GLN E 272 -42.87 -10.22 0.02
N GLY E 273 -43.12 -9.62 -1.14
CA GLY E 273 -44.09 -8.56 -1.27
C GLY E 273 -43.92 -7.73 -2.52
N CYS E 274 -43.47 -8.37 -3.63
CA CYS E 274 -43.27 -7.68 -4.92
C CYS E 274 -43.24 -8.58 -6.16
N HIS E 275 -42.17 -9.42 -6.32
CA HIS E 275 -41.74 -10.28 -7.47
C HIS E 275 -41.34 -9.52 -8.76
N GLN E 276 -42.23 -8.58 -9.18
CA GLN E 276 -42.37 -7.81 -10.43
C GLN E 276 -42.69 -8.76 -11.57
N TYR E 277 -43.98 -8.93 -11.85
CA TYR E 277 -44.48 -9.88 -12.83
C TYR E 277 -44.00 -9.63 -14.27
N VAL E 278 -43.78 -10.71 -15.01
CA VAL E 278 -43.27 -10.68 -16.38
C VAL E 278 -44.12 -11.55 -17.31
N ILE E 279 -43.92 -11.37 -18.61
CA ILE E 279 -44.59 -12.19 -19.63
C ILE E 279 -43.59 -13.19 -20.22
N HIS E 280 -43.99 -14.44 -20.26
CA HIS E 280 -43.18 -15.48 -20.88
C HIS E 280 -44.09 -16.62 -21.38
N ASN E 281 -43.94 -17.05 -22.64
CA ASN E 281 -44.77 -18.10 -23.27
C ASN E 281 -46.27 -18.00 -22.96
N ASN E 282 -46.83 -16.80 -23.12
CA ASN E 282 -48.24 -16.50 -22.85
C ASN E 282 -48.70 -16.74 -21.41
N LYS E 283 -47.77 -16.58 -20.48
CA LYS E 283 -48.03 -16.66 -19.06
C LYS E 283 -47.57 -15.36 -18.40
N CYS E 284 -48.33 -14.91 -17.42
CA CYS E 284 -47.94 -13.78 -16.60
C CYS E 284 -47.36 -14.44 -15.34
N ILE E 285 -46.04 -14.36 -15.16
CA ILE E 285 -45.37 -15.06 -14.05
C ILE E 285 -44.52 -14.16 -13.13
N PRO E 286 -44.24 -14.65 -11.90
CA PRO E 286 -43.50 -13.85 -10.91
C PRO E 286 -42.13 -13.39 -11.37
N GLU E 287 -41.38 -14.25 -12.06
CA GLU E 287 -40.05 -13.86 -12.52
C GLU E 287 -39.62 -14.61 -13.75
N CYS E 288 -38.65 -14.05 -14.49
CA CYS E 288 -38.12 -14.70 -15.68
C CYS E 288 -37.47 -16.01 -15.34
N PRO E 289 -37.68 -17.06 -16.16
CA PRO E 289 -36.98 -18.32 -15.93
C PRO E 289 -35.48 -18.16 -16.21
N SER E 290 -34.69 -19.17 -15.84
CA SER E 290 -33.24 -19.19 -16.03
C SER E 290 -32.94 -19.08 -17.50
N GLY E 291 -31.96 -18.24 -17.84
CA GLY E 291 -31.56 -18.01 -19.22
C GLY E 291 -32.25 -16.83 -19.88
N TYR E 292 -33.21 -16.21 -19.16
CA TYR E 292 -33.99 -15.08 -19.65
C TYR E 292 -33.86 -13.88 -18.75
N THR E 293 -34.09 -12.71 -19.33
CA THR E 293 -34.08 -11.45 -18.63
C THR E 293 -35.19 -10.62 -19.15
N MET E 294 -35.58 -9.60 -18.41
CA MET E 294 -36.75 -8.87 -18.77
C MET E 294 -36.51 -7.57 -19.54
N ASN E 295 -36.91 -7.62 -20.84
CA ASN E 295 -37.05 -6.48 -21.76
C ASN E 295 -38.04 -5.56 -21.03
N SER E 296 -37.60 -4.35 -20.71
CA SER E 296 -38.24 -3.44 -19.78
C SER E 296 -39.51 -2.74 -20.24
N SER E 297 -39.59 -2.39 -21.52
CA SER E 297 -40.69 -1.59 -22.01
C SER E 297 -41.97 -2.35 -22.29
N ASN E 298 -41.91 -3.69 -22.29
CA ASN E 298 -43.04 -4.54 -22.60
C ASN E 298 -43.19 -5.79 -21.73
N LEU E 299 -42.46 -5.83 -20.60
CA LEU E 299 -42.47 -6.90 -19.58
C LEU E 299 -42.15 -8.27 -20.12
N LEU E 300 -41.60 -8.34 -21.33
CA LEU E 300 -41.38 -9.61 -21.97
C LEU E 300 -40.02 -10.24 -21.71
N CYS E 301 -40.02 -11.48 -21.20
CA CYS E 301 -38.78 -12.22 -21.01
C CYS E 301 -38.15 -12.53 -22.37
N THR E 302 -36.87 -12.18 -22.54
CA THR E 302 -36.05 -12.45 -23.73
C THR E 302 -34.81 -13.21 -23.32
N PRO E 303 -34.28 -14.11 -24.16
CA PRO E 303 -33.07 -14.87 -23.78
C PRO E 303 -31.87 -13.97 -23.60
N CYS E 304 -31.02 -14.32 -22.64
CA CYS E 304 -29.87 -13.51 -22.30
C CYS E 304 -28.79 -13.53 -23.32
N LEU E 305 -28.25 -12.34 -23.62
CA LEU E 305 -27.08 -12.16 -24.48
C LEU E 305 -25.93 -12.50 -23.54
N GLY E 306 -25.42 -13.73 -23.65
CA GLY E 306 -24.42 -14.27 -22.75
C GLY E 306 -25.05 -14.53 -21.38
N PRO E 307 -24.29 -14.32 -20.27
CA PRO E 307 -24.84 -14.53 -18.92
C PRO E 307 -25.83 -13.45 -18.51
N CYS E 308 -26.84 -13.85 -17.76
CA CYS E 308 -27.91 -12.98 -17.34
C CYS E 308 -27.51 -11.95 -16.29
N PRO E 309 -28.13 -10.75 -16.38
CA PRO E 309 -28.01 -9.77 -15.31
C PRO E 309 -28.54 -10.31 -13.98
N LYS E 310 -27.94 -9.83 -12.91
CA LYS E 310 -28.09 -10.28 -11.55
C LYS E 310 -28.19 -9.13 -10.55
N VAL E 311 -29.35 -9.04 -9.90
CA VAL E 311 -29.65 -8.03 -8.88
C VAL E 311 -29.25 -8.55 -7.53
N CYS E 312 -28.42 -7.82 -6.84
CA CYS E 312 -27.98 -8.18 -5.51
C CYS E 312 -28.54 -7.23 -4.50
N HIS E 313 -29.39 -7.76 -3.61
CA HIS E 313 -30.01 -6.97 -2.56
C HIS E 313 -29.17 -7.08 -1.30
N LEU E 314 -28.68 -5.93 -0.81
CA LEU E 314 -27.81 -5.90 0.34
C LEU E 314 -28.57 -5.91 1.64
N LEU E 315 -28.00 -6.60 2.65
CA LEU E 315 -28.55 -6.68 4.00
C LEU E 315 -28.48 -5.30 4.62
N GLU E 316 -29.62 -4.79 5.12
CA GLU E 316 -29.72 -3.45 5.69
C GLU E 316 -29.48 -2.35 4.62
N GLY E 317 -29.49 -2.68 3.32
CA GLY E 317 -29.24 -1.68 2.27
C GLY E 317 -27.80 -1.19 2.16
N GLU E 318 -26.85 -1.88 2.80
CA GLU E 318 -25.46 -1.49 2.65
C GLU E 318 -24.49 -2.64 2.73
N LYS E 319 -23.29 -2.40 2.23
CA LYS E 319 -22.20 -3.35 2.31
C LYS E 319 -20.92 -2.60 2.23
N THR E 320 -20.01 -2.95 3.13
CA THR E 320 -18.66 -2.42 3.19
C THR E 320 -17.70 -3.44 2.53
N ILE E 321 -16.94 -2.99 1.53
CA ILE E 321 -15.95 -3.80 0.86
C ILE E 321 -14.59 -3.37 1.36
N ASP E 322 -13.96 -4.24 2.13
CA ASP E 322 -12.67 -3.95 2.72
C ASP E 322 -11.60 -5.00 2.35
N SER E 323 -11.93 -5.91 1.44
CA SER E 323 -11.02 -7.00 1.05
C SER E 323 -11.48 -7.60 -0.26
N VAL E 324 -10.61 -8.46 -0.84
CA VAL E 324 -10.90 -9.23 -2.05
C VAL E 324 -12.04 -10.17 -1.71
N THR E 325 -11.98 -10.77 -0.52
CA THR E 325 -13.00 -11.70 -0.06
C THR E 325 -14.37 -11.06 -0.05
N SER E 326 -14.53 -9.85 0.51
CA SER E 326 -15.86 -9.23 0.56
C SER E 326 -16.35 -8.84 -0.83
N ALA E 327 -15.42 -8.39 -1.70
CA ALA E 327 -15.72 -8.01 -3.09
C ALA E 327 -16.27 -9.21 -3.87
N GLN E 328 -15.66 -10.39 -3.63
CA GLN E 328 -16.08 -11.64 -4.23
C GLN E 328 -17.54 -11.96 -3.98
N GLU E 329 -18.07 -11.58 -2.81
CA GLU E 329 -19.48 -11.79 -2.46
C GLU E 329 -20.42 -11.09 -3.44
N LEU E 330 -19.90 -10.16 -4.26
CA LEU E 330 -20.69 -9.42 -5.25
C LEU E 330 -20.39 -9.86 -6.68
N ARG E 331 -19.54 -10.90 -6.85
CA ARG E 331 -19.19 -11.42 -8.16
C ARG E 331 -20.43 -11.80 -8.96
N GLY E 332 -20.50 -11.34 -10.20
CA GLY E 332 -21.66 -11.56 -11.04
C GLY E 332 -22.76 -10.51 -10.97
N CYS E 333 -22.76 -9.66 -9.91
CA CYS E 333 -23.79 -8.60 -9.78
C CYS E 333 -23.71 -7.58 -10.90
N THR E 334 -24.88 -7.21 -11.43
CA THR E 334 -25.00 -6.16 -12.45
C THR E 334 -25.80 -4.98 -11.88
N VAL E 335 -26.57 -5.25 -10.83
CA VAL E 335 -27.37 -4.24 -10.17
C VAL E 335 -27.21 -4.41 -8.66
N ILE E 336 -26.88 -3.31 -7.98
CA ILE E 336 -26.83 -3.28 -6.52
C ILE E 336 -28.04 -2.55 -6.03
N ASN E 337 -28.79 -3.22 -5.16
CA ASN E 337 -29.92 -2.61 -4.49
C ASN E 337 -29.42 -2.33 -3.10
N GLY E 338 -29.03 -1.08 -2.89
CA GLY E 338 -28.40 -0.64 -1.67
C GLY E 338 -27.27 0.30 -1.99
N SER E 339 -26.34 0.45 -1.04
CA SER E 339 -25.22 1.36 -1.10
C SER E 339 -23.92 0.64 -0.79
N LEU E 340 -22.82 1.08 -1.41
CA LEU E 340 -21.51 0.46 -1.18
C LEU E 340 -20.56 1.38 -0.49
N ILE E 341 -19.80 0.84 0.47
CA ILE E 341 -18.74 1.57 1.14
C ILE E 341 -17.41 0.87 0.84
N ILE E 342 -16.47 1.56 0.17
CA ILE E 342 -15.15 0.99 -0.16
C ILE E 342 -14.09 1.42 0.85
N ASN E 343 -13.48 0.44 1.54
CA ASN E 343 -12.49 0.64 2.59
C ASN E 343 -11.33 -0.32 2.44
N ILE E 344 -10.56 -0.15 1.37
CA ILE E 344 -9.49 -1.08 1.05
C ILE E 344 -8.13 -0.49 1.34
N ARG E 345 -7.44 -1.03 2.37
CA ARG E 345 -6.16 -0.48 2.82
C ARG E 345 -4.93 -1.14 2.23
N GLY E 346 -5.06 -2.38 1.80
CA GLY E 346 -3.94 -3.08 1.20
C GLY E 346 -4.31 -4.37 0.52
N GLY E 347 -3.27 -5.03 -0.01
CA GLY E 347 -3.39 -6.29 -0.74
C GLY E 347 -2.55 -6.34 -2.01
N ASN E 348 -2.88 -7.28 -2.91
CA ASN E 348 -2.14 -7.46 -4.15
C ASN E 348 -3.03 -7.71 -5.35
N ASN E 349 -2.63 -7.17 -6.51
CA ASN E 349 -3.32 -7.34 -7.80
C ASN E 349 -4.78 -6.91 -7.67
N LEU E 350 -4.98 -5.85 -6.90
CA LEU E 350 -6.29 -5.34 -6.52
C LEU E 350 -7.12 -4.85 -7.66
N ALA E 351 -6.50 -4.16 -8.62
CA ALA E 351 -7.25 -3.60 -9.75
C ALA E 351 -7.89 -4.69 -10.56
N ALA E 352 -7.17 -5.80 -10.77
CA ALA E 352 -7.68 -6.92 -11.53
C ALA E 352 -8.70 -7.70 -10.72
N GLU E 353 -8.38 -7.97 -9.45
CA GLU E 353 -9.30 -8.69 -8.58
C GLU E 353 -10.60 -7.94 -8.37
N LEU E 354 -10.51 -6.63 -8.13
CA LEU E 354 -11.69 -5.79 -7.93
C LEU E 354 -12.49 -5.66 -9.20
N GLU E 355 -11.79 -5.59 -10.36
CA GLU E 355 -12.50 -5.51 -11.62
C GLU E 355 -13.24 -6.82 -11.92
N ALA E 356 -12.63 -7.97 -11.59
CA ALA E 356 -13.27 -9.27 -11.79
C ALA E 356 -14.60 -9.41 -11.01
N ASN E 357 -14.63 -8.89 -9.77
CA ASN E 357 -15.77 -9.03 -8.86
C ASN E 357 -16.78 -7.91 -8.91
N LEU E 358 -16.33 -6.71 -9.26
CA LEU E 358 -17.17 -5.52 -9.24
C LEU E 358 -17.34 -4.85 -10.60
N GLY E 359 -16.59 -5.33 -11.58
CA GLY E 359 -16.57 -4.79 -12.93
C GLY E 359 -17.85 -4.91 -13.73
N LEU E 360 -18.79 -5.78 -13.29
CA LEU E 360 -20.08 -5.94 -13.98
C LEU E 360 -21.19 -5.07 -13.42
N ILE E 361 -20.98 -4.39 -12.29
CA ILE E 361 -22.01 -3.54 -11.68
C ILE E 361 -22.29 -2.36 -12.59
N GLU E 362 -23.54 -2.24 -13.03
CA GLU E 362 -23.99 -1.17 -13.92
C GLU E 362 -24.73 -0.09 -13.18
N GLU E 363 -25.35 -0.45 -12.06
CA GLU E 363 -26.19 0.44 -11.31
C GLU E 363 -26.08 0.18 -9.82
N ILE E 364 -26.15 1.25 -9.02
CA ILE E 364 -26.22 1.24 -7.55
C ILE E 364 -27.41 2.11 -7.22
N SER E 365 -28.43 1.57 -6.52
CA SER E 365 -29.65 2.34 -6.20
C SER E 365 -29.50 3.39 -5.10
N GLY E 366 -28.53 3.20 -4.20
CA GLY E 366 -28.29 4.13 -3.11
C GLY E 366 -27.13 5.05 -3.41
N TYR E 367 -26.13 5.04 -2.54
CA TYR E 367 -24.95 5.88 -2.67
C TYR E 367 -23.69 5.04 -2.78
N LEU E 368 -22.59 5.71 -3.16
CA LEU E 368 -21.27 5.09 -3.25
C LEU E 368 -20.33 5.92 -2.43
N LYS E 369 -19.66 5.29 -1.47
CA LYS E 369 -18.76 5.97 -0.57
C LYS E 369 -17.39 5.32 -0.64
N ILE E 370 -16.33 6.12 -0.90
CA ILE E 370 -14.94 5.65 -0.91
C ILE E 370 -14.27 6.37 0.23
N ARG E 371 -13.78 5.63 1.22
CA ARG E 371 -13.22 6.21 2.43
C ARG E 371 -12.07 5.43 3.04
N ARG E 372 -10.95 6.11 3.31
CA ARG E 372 -9.75 5.50 3.88
C ARG E 372 -9.24 4.31 3.05
N SER E 373 -9.56 4.31 1.75
CA SER E 373 -9.10 3.29 0.83
C SER E 373 -7.71 3.66 0.35
N TYR E 374 -6.76 3.49 1.24
CA TYR E 374 -5.38 3.85 1.04
C TYR E 374 -4.79 3.20 -0.21
N ALA E 375 -5.15 1.94 -0.47
CA ALA E 375 -4.61 1.19 -1.59
C ALA E 375 -5.04 1.63 -3.00
N LEU E 376 -6.13 2.37 -3.13
CA LEU E 376 -6.64 2.67 -4.47
C LEU E 376 -6.03 3.89 -5.17
N VAL E 377 -5.70 3.69 -6.44
CA VAL E 377 -5.19 4.75 -7.29
C VAL E 377 -6.27 5.20 -8.28
N SER E 378 -7.24 4.33 -8.54
CA SER E 378 -8.33 4.63 -9.47
C SER E 378 -9.61 3.89 -9.07
N LEU E 379 -10.76 4.38 -9.55
CA LEU E 379 -12.04 3.69 -9.35
C LEU E 379 -12.46 2.99 -10.64
N SER E 380 -11.53 2.86 -11.61
CA SER E 380 -11.83 2.32 -12.93
C SER E 380 -12.21 0.86 -12.92
N PHE E 381 -11.82 0.11 -11.87
CA PHE E 381 -12.23 -1.27 -11.65
C PHE E 381 -13.77 -1.41 -11.71
N PHE E 382 -14.51 -0.32 -11.38
CA PHE E 382 -15.97 -0.29 -11.53
C PHE E 382 -16.28 -0.04 -13.02
N ARG E 383 -15.81 -0.97 -13.87
CA ARG E 383 -15.78 -0.85 -15.33
C ARG E 383 -17.10 -0.52 -15.99
N LYS E 384 -18.18 -1.11 -15.49
CA LYS E 384 -19.48 -0.91 -16.11
C LYS E 384 -20.41 0.00 -15.34
N LEU E 385 -19.94 0.64 -14.25
CA LEU E 385 -20.84 1.49 -13.47
C LEU E 385 -21.29 2.74 -14.23
N ARG E 386 -22.59 2.83 -14.58
CA ARG E 386 -23.12 3.95 -15.38
C ARG E 386 -24.17 4.76 -14.61
N LEU E 387 -24.73 4.18 -13.53
CA LEU E 387 -25.76 4.86 -12.78
C LEU E 387 -25.65 4.69 -11.29
N ILE E 388 -25.80 5.81 -10.57
CA ILE E 388 -25.96 5.88 -9.12
C ILE E 388 -27.27 6.65 -8.95
N ARG E 389 -28.30 6.01 -8.38
CA ARG E 389 -29.60 6.65 -8.30
C ARG E 389 -29.73 7.61 -7.14
N GLY E 390 -29.05 7.34 -6.04
CA GLY E 390 -29.19 8.17 -4.85
C GLY E 390 -30.55 8.06 -4.19
N GLU E 391 -31.22 6.88 -4.28
CA GLU E 391 -32.52 6.66 -3.65
C GLU E 391 -32.35 6.66 -2.14
N THR E 392 -31.13 6.32 -1.70
CA THR E 392 -30.69 6.44 -0.32
C THR E 392 -29.41 7.25 -0.37
N LEU E 393 -29.19 8.06 0.67
CA LEU E 393 -28.04 8.95 0.73
C LEU E 393 -27.33 8.90 2.05
N GLU E 394 -26.03 9.23 2.03
CA GLU E 394 -25.20 9.35 3.23
C GLU E 394 -25.65 10.63 3.93
N ILE E 395 -25.66 10.63 5.27
CA ILE E 395 -26.09 11.81 6.02
C ILE E 395 -25.43 13.08 5.46
N GLY E 396 -26.26 14.08 5.19
CA GLY E 396 -25.82 15.30 4.50
C GLY E 396 -26.24 15.24 3.04
N ASN E 397 -27.07 14.24 2.68
CA ASN E 397 -27.64 14.06 1.35
C ASN E 397 -26.57 13.89 0.25
N TYR E 398 -25.61 13.00 0.48
CA TYR E 398 -24.59 12.66 -0.50
C TYR E 398 -24.82 11.30 -1.12
N SER E 399 -24.75 11.25 -2.45
CA SER E 399 -24.86 10.05 -3.27
C SER E 399 -23.47 9.54 -3.71
N PHE E 400 -22.45 10.41 -3.71
CA PHE E 400 -21.07 10.03 -4.03
C PHE E 400 -20.15 10.74 -3.02
N TYR E 401 -19.34 9.99 -2.28
CA TYR E 401 -18.59 10.54 -1.17
C TYR E 401 -17.19 9.98 -1.16
N ALA E 402 -16.20 10.84 -1.24
CA ALA E 402 -14.82 10.42 -1.23
C ALA E 402 -14.03 11.16 -0.15
N LEU E 403 -13.54 10.41 0.84
CA LEU E 403 -12.88 10.96 2.00
C LEU E 403 -11.63 10.22 2.35
N ASP E 404 -10.54 10.97 2.49
CA ASP E 404 -9.27 10.44 3.01
C ASP E 404 -8.75 9.23 2.24
N ASN E 405 -8.60 9.40 0.94
CA ASN E 405 -8.04 8.39 0.05
C ASN E 405 -6.71 8.92 -0.42
N GLN E 406 -5.65 8.46 0.22
CA GLN E 406 -4.34 9.07 0.08
C GLN E 406 -3.65 8.88 -1.27
N ASN E 407 -4.03 7.87 -2.07
CA ASN E 407 -3.37 7.63 -3.36
C ASN E 407 -4.28 7.76 -4.55
N LEU E 408 -5.52 8.16 -4.33
CA LEU E 408 -6.47 8.24 -5.42
C LEU E 408 -6.11 9.35 -6.39
N ARG E 409 -5.77 8.96 -7.64
CA ARG E 409 -5.38 9.89 -8.72
C ARG E 409 -6.43 9.95 -9.83
N GLN E 410 -7.27 8.92 -9.94
CA GLN E 410 -8.31 8.87 -10.97
C GLN E 410 -9.64 8.38 -10.39
N LEU E 411 -10.73 8.94 -10.88
CA LEU E 411 -12.05 8.44 -10.56
C LEU E 411 -12.29 7.44 -11.70
N TRP E 412 -12.89 7.91 -12.78
CA TRP E 412 -12.94 7.14 -14.02
C TRP E 412 -12.24 8.01 -15.10
N ASP E 413 -11.85 7.39 -16.24
CA ASP E 413 -11.30 8.11 -17.38
C ASP E 413 -12.49 8.76 -18.08
N TRP E 414 -12.65 10.06 -17.89
CA TRP E 414 -13.81 10.77 -18.39
C TRP E 414 -13.77 11.02 -19.90
N SER E 415 -12.72 10.58 -20.58
CA SER E 415 -12.72 10.63 -22.03
C SER E 415 -13.61 9.47 -22.57
N LYS E 416 -13.66 8.32 -21.85
CA LYS E 416 -14.41 7.12 -22.21
C LYS E 416 -15.64 6.82 -21.37
N HIS E 417 -15.56 7.00 -20.05
CA HIS E 417 -16.63 6.59 -19.16
C HIS E 417 -17.75 7.59 -18.96
N ASN E 418 -18.99 7.11 -19.03
CA ASN E 418 -20.15 7.94 -18.69
C ASN E 418 -20.76 7.40 -17.39
N LEU E 419 -21.03 8.30 -16.44
CA LEU E 419 -21.67 7.97 -15.17
C LEU E 419 -22.74 8.99 -14.86
N THR E 420 -23.95 8.54 -14.57
CA THR E 420 -25.08 9.41 -14.22
C THR E 420 -25.43 9.27 -12.74
N ILE E 421 -25.68 10.40 -12.06
CA ILE E 421 -26.07 10.46 -10.65
C ILE E 421 -27.41 11.18 -10.57
N THR E 422 -28.48 10.41 -10.44
CA THR E 422 -29.83 10.94 -10.46
C THR E 422 -30.10 12.01 -9.39
N GLN E 423 -29.87 11.64 -8.12
CA GLN E 423 -30.12 12.49 -6.95
C GLN E 423 -28.90 12.57 -6.08
N GLY E 424 -28.93 13.50 -5.12
CA GLY E 424 -27.89 13.71 -4.11
C GLY E 424 -26.68 14.51 -4.56
N LYS E 425 -25.84 14.86 -3.57
CA LYS E 425 -24.65 15.68 -3.79
C LYS E 425 -23.35 14.88 -3.74
N LEU E 426 -22.26 15.56 -4.11
CA LEU E 426 -20.90 15.04 -4.08
C LEU E 426 -20.17 15.56 -2.85
N PHE E 427 -19.26 14.75 -2.34
CA PHE E 427 -18.44 15.13 -1.22
C PHE E 427 -17.02 14.70 -1.55
N PHE E 428 -16.07 15.62 -1.44
CA PHE E 428 -14.66 15.31 -1.66
C PHE E 428 -13.84 16.05 -0.65
N HIS E 429 -13.13 15.31 0.22
CA HIS E 429 -12.24 15.89 1.21
C HIS E 429 -11.12 14.93 1.44
N TYR E 430 -9.89 15.44 1.60
CA TYR E 430 -8.69 14.69 1.90
C TYR E 430 -8.38 13.61 0.86
N ASN E 431 -8.39 14.03 -0.41
CA ASN E 431 -7.95 13.21 -1.54
C ASN E 431 -6.72 13.95 -2.14
N PRO E 432 -5.53 13.83 -1.49
CA PRO E 432 -4.37 14.66 -1.86
C PRO E 432 -3.82 14.52 -3.27
N LYS E 433 -4.05 13.38 -3.90
CA LYS E 433 -3.49 13.14 -5.23
C LYS E 433 -4.52 13.29 -6.31
N LEU E 434 -5.71 13.75 -5.96
CA LEU E 434 -6.79 13.87 -6.91
C LEU E 434 -7.03 15.31 -7.30
N CYS E 435 -6.72 15.66 -8.55
CA CYS E 435 -6.94 16.99 -9.02
C CYS E 435 -8.34 17.41 -9.09
N LEU E 436 -8.58 18.69 -8.75
CA LEU E 436 -9.93 19.28 -8.81
C LEU E 436 -10.52 19.22 -10.24
N SER E 437 -9.67 19.17 -11.29
CA SER E 437 -10.14 19.03 -12.67
C SER E 437 -10.93 17.72 -12.86
N GLU E 438 -10.44 16.62 -12.30
CA GLU E 438 -11.11 15.32 -12.32
C GLU E 438 -12.45 15.38 -11.62
N ILE E 439 -12.50 16.07 -10.49
CA ILE E 439 -13.75 16.24 -9.74
C ILE E 439 -14.71 17.08 -10.57
N HIS E 440 -14.21 18.20 -11.13
CA HIS E 440 -15.02 19.11 -11.96
C HIS E 440 -15.52 18.41 -13.23
N LYS E 441 -14.68 17.56 -13.84
CA LYS E 441 -15.11 16.75 -14.97
C LYS E 441 -16.27 15.85 -14.53
N MET E 442 -16.16 15.19 -13.35
CA MET E 442 -17.19 14.29 -12.83
C MET E 442 -18.52 15.03 -12.66
N GLU E 443 -18.50 16.26 -12.10
CA GLU E 443 -19.71 17.08 -11.96
C GLU E 443 -20.39 17.24 -13.31
N GLU E 444 -19.59 17.56 -14.33
CA GLU E 444 -20.09 17.78 -15.68
C GLU E 444 -20.73 16.50 -16.22
N VAL E 445 -19.97 15.41 -16.25
CA VAL E 445 -20.43 14.12 -16.76
C VAL E 445 -21.68 13.62 -16.05
N SER E 446 -21.69 13.67 -14.71
CA SER E 446 -22.72 13.04 -13.89
C SER E 446 -24.03 13.78 -13.76
N GLY E 447 -24.02 15.04 -14.15
CA GLY E 447 -25.21 15.86 -14.05
C GLY E 447 -25.45 16.39 -12.65
N THR E 448 -24.33 16.55 -11.87
CA THR E 448 -24.37 17.13 -10.52
C THR E 448 -24.03 18.66 -10.77
N LYS E 449 -24.78 19.10 -11.80
CA LYS E 449 -24.91 20.34 -12.52
C LYS E 449 -24.85 21.49 -11.58
N GLY E 450 -24.11 22.49 -12.01
CA GLY E 450 -23.86 23.74 -11.31
C GLY E 450 -24.96 24.77 -11.32
N ARG E 451 -26.15 24.45 -11.90
CA ARG E 451 -27.29 25.36 -11.84
C ARG E 451 -28.05 25.08 -10.52
N GLN E 452 -27.96 23.83 -10.03
CA GLN E 452 -28.63 23.28 -8.85
C GLN E 452 -27.97 23.64 -7.51
N GLU E 453 -27.97 22.71 -6.55
CA GLU E 453 -27.46 22.90 -5.22
C GLU E 453 -26.04 22.46 -5.12
N ARG E 454 -25.41 22.75 -3.97
CA ARG E 454 -24.02 22.54 -3.62
C ARG E 454 -23.53 21.07 -3.73
N ASN E 455 -22.24 20.87 -3.43
CA ASN E 455 -21.49 19.63 -3.33
C ASN E 455 -20.35 20.05 -2.38
N ASP E 456 -20.24 19.48 -1.17
CA ASP E 456 -19.15 19.85 -0.25
C ASP E 456 -17.79 19.34 -0.78
N ILE E 457 -17.19 20.16 -1.65
CA ILE E 457 -15.91 19.86 -2.29
C ILE E 457 -14.84 20.80 -1.75
N ALA E 458 -13.81 20.25 -1.09
CA ALA E 458 -12.73 21.07 -0.54
C ALA E 458 -11.80 21.61 -1.60
N LEU E 459 -11.49 22.88 -1.49
CA LEU E 459 -10.55 23.47 -2.42
C LEU E 459 -9.10 23.19 -1.97
N LYS E 460 -8.88 23.14 -0.67
CA LYS E 460 -7.55 22.99 -0.12
C LYS E 460 -7.07 21.55 0.10
N THR E 461 -7.97 20.53 0.13
CA THR E 461 -7.57 19.15 0.47
C THR E 461 -7.78 18.10 -0.64
N ASN E 462 -8.09 18.58 -1.84
CA ASN E 462 -8.16 17.75 -3.03
C ASN E 462 -7.07 18.16 -4.02
N GLY E 463 -6.08 17.29 -4.24
CA GLY E 463 -5.01 17.55 -5.19
C GLY E 463 -3.82 18.30 -4.64
N ASP E 464 -3.88 18.72 -3.37
CA ASP E 464 -2.81 19.50 -2.73
C ASP E 464 -1.41 18.87 -2.80
N GLN E 465 -1.32 17.53 -2.94
CA GLN E 465 -0.02 16.86 -3.04
C GLN E 465 0.28 16.42 -4.48
N ALA E 466 -0.48 16.96 -5.46
CA ALA E 466 -0.28 16.65 -6.85
C ALA E 466 -0.13 17.91 -7.69
N SER E 467 0.83 17.89 -8.64
CA SER E 467 1.04 18.89 -9.67
C SER E 467 0.39 18.22 -10.86
N CYS E 468 -0.61 18.85 -11.45
CA CYS E 468 -1.39 18.12 -12.42
C CYS E 468 -1.12 18.43 -13.88
N GLU E 469 -0.31 17.47 -14.43
CA GLU E 469 0.31 17.23 -15.75
C GLU E 469 1.37 18.31 -16.04
N ASN E 470 0.92 19.58 -15.98
CA ASN E 470 1.60 20.85 -16.17
C ASN E 470 2.52 20.90 -17.39
N GLU E 471 3.81 20.61 -17.19
CA GLU E 471 4.79 20.73 -18.26
C GLU E 471 4.95 19.46 -19.08
N LEU E 472 5.56 19.64 -20.26
CA LEU E 472 5.83 18.57 -21.18
C LEU E 472 7.33 18.34 -21.39
N LEU E 473 7.79 17.11 -21.11
CA LEU E 473 9.15 16.67 -21.40
C LEU E 473 9.10 16.10 -22.83
N LYS E 474 10.11 16.39 -23.66
CA LYS E 474 10.13 15.85 -25.02
C LYS E 474 11.37 14.97 -25.23
N PHE E 475 11.27 13.91 -26.05
CA PHE E 475 12.42 13.05 -26.27
C PHE E 475 13.35 13.61 -27.31
N SER E 476 14.59 13.84 -26.88
CA SER E 476 15.59 14.40 -27.76
C SER E 476 16.26 13.29 -28.53
N TYR E 477 16.27 12.05 -28.01
CA TYR E 477 16.92 10.95 -28.72
C TYR E 477 16.28 9.61 -28.47
N ILE E 478 16.18 8.80 -29.54
CA ILE E 478 15.62 7.45 -29.52
C ILE E 478 16.51 6.51 -30.38
N ARG E 479 16.94 5.37 -29.78
CA ARG E 479 17.72 4.33 -30.47
C ARG E 479 17.27 2.91 -30.16
N THR E 480 16.92 2.17 -31.21
CA THR E 480 16.54 0.77 -31.08
C THR E 480 17.72 -0.14 -31.38
N SER E 481 17.63 -1.36 -30.80
CA SER E 481 18.47 -2.56 -30.93
C SER E 481 17.43 -3.66 -30.90
N PHE E 482 17.75 -4.90 -31.28
CA PHE E 482 16.68 -5.88 -31.19
C PHE E 482 16.22 -6.08 -29.71
N ASP E 483 17.16 -6.02 -28.75
CA ASP E 483 16.89 -6.23 -27.32
C ASP E 483 16.86 -4.97 -26.44
N LYS E 484 17.33 -3.84 -26.98
CA LYS E 484 17.48 -2.59 -26.22
C LYS E 484 16.83 -1.36 -26.86
N ILE E 485 16.65 -0.29 -26.05
CA ILE E 485 16.10 1.03 -26.43
C ILE E 485 16.89 2.04 -25.60
N LEU E 486 17.46 3.04 -26.24
CA LEU E 486 18.21 4.07 -25.55
C LEU E 486 17.46 5.33 -25.79
N LEU E 487 17.16 6.04 -24.73
CA LEU E 487 16.41 7.28 -24.88
C LEU E 487 17.08 8.43 -24.19
N ARG E 488 16.82 9.66 -24.67
CA ARG E 488 17.22 10.91 -24.03
C ARG E 488 16.03 11.80 -24.04
N TRP E 489 15.99 12.75 -23.16
CA TRP E 489 14.88 13.66 -23.12
C TRP E 489 15.29 14.91 -22.46
N GLU E 490 14.51 15.98 -22.71
CA GLU E 490 14.71 17.30 -22.14
C GLU E 490 15.05 17.29 -20.64
N PRO E 491 15.94 18.20 -20.23
CA PRO E 491 16.28 18.28 -18.80
C PRO E 491 15.21 19.12 -18.13
N TYR E 492 14.85 18.79 -16.91
CA TYR E 492 13.83 19.64 -16.32
C TYR E 492 14.44 20.59 -15.29
N TRP E 493 14.02 21.85 -15.34
CA TRP E 493 14.44 22.90 -14.43
C TRP E 493 13.23 23.67 -13.89
N PRO E 494 12.98 23.54 -12.59
CA PRO E 494 11.85 24.27 -11.96
C PRO E 494 12.16 25.79 -11.90
N PRO E 495 11.26 26.69 -11.38
CA PRO E 495 11.59 28.14 -11.31
C PRO E 495 12.95 28.39 -10.69
N ASP E 496 13.13 28.12 -9.39
CA ASP E 496 14.43 28.22 -8.75
C ASP E 496 15.04 26.87 -9.10
N PHE E 497 15.88 26.84 -10.18
CA PHE E 497 16.55 25.68 -10.79
C PHE E 497 17.28 24.78 -9.79
N ARG E 498 17.58 25.32 -8.60
CA ARG E 498 18.20 24.61 -7.50
C ARG E 498 17.57 23.21 -7.21
N ASP E 499 18.37 22.32 -6.56
CA ASP E 499 18.07 20.98 -6.04
C ASP E 499 17.14 20.16 -6.94
N LEU E 500 17.60 19.87 -8.14
CA LEU E 500 16.78 19.01 -9.00
C LEU E 500 17.10 17.56 -8.59
N LEU E 501 16.06 16.78 -8.15
CA LEU E 501 16.24 15.37 -7.77
C LEU E 501 15.11 14.40 -8.23
N GLY E 502 15.41 13.74 -9.36
CA GLY E 502 14.73 12.61 -10.00
C GLY E 502 13.88 12.66 -11.26
N PHE E 503 14.01 11.59 -12.05
CA PHE E 503 13.14 11.31 -13.18
C PHE E 503 12.60 9.88 -12.96
N MET E 504 11.54 9.52 -13.70
CA MET E 504 10.94 8.19 -13.61
C MET E 504 10.47 7.78 -14.99
N LEU E 505 11.05 6.69 -15.51
CA LEU E 505 10.75 6.14 -16.81
C LEU E 505 9.88 4.87 -16.75
N PHE E 506 8.78 4.92 -17.48
CA PHE E 506 7.82 3.85 -17.52
C PHE E 506 7.78 3.25 -18.88
N TYR E 507 7.79 1.93 -18.93
CA TYR E 507 7.67 1.19 -20.17
C TYR E 507 6.93 -0.11 -19.99
N LYS E 508 6.03 -0.42 -20.91
CA LYS E 508 5.36 -1.71 -20.90
C LYS E 508 5.26 -2.17 -22.34
N GLU E 509 5.17 -3.47 -22.50
CA GLU E 509 4.96 -4.10 -23.79
C GLU E 509 3.54 -3.68 -24.12
N ALA E 510 3.32 -3.02 -25.25
CA ALA E 510 2.01 -2.53 -25.63
C ALA E 510 1.62 -2.92 -27.04
N PRO E 511 0.30 -3.08 -27.30
CA PRO E 511 -0.12 -3.35 -28.68
C PRO E 511 -0.23 -1.97 -29.31
N TYR E 512 -1.40 -1.61 -29.78
CA TYR E 512 -1.58 -0.28 -30.32
C TYR E 512 -2.45 0.53 -29.39
N GLN E 513 -2.30 1.88 -29.49
CA GLN E 513 -2.97 3.06 -28.91
C GLN E 513 -3.32 3.00 -27.46
N ASN E 514 -4.12 1.97 -27.11
CA ASN E 514 -4.82 1.82 -25.86
C ASN E 514 -3.86 1.55 -24.69
N VAL E 515 -3.25 2.66 -24.23
CA VAL E 515 -2.35 2.73 -23.09
C VAL E 515 -2.53 4.05 -22.29
N THR E 516 -2.63 3.96 -20.95
CA THR E 516 -2.78 5.13 -20.08
C THR E 516 -1.93 5.01 -18.78
N GLU E 517 -1.54 6.15 -18.13
CA GLU E 517 -0.71 6.22 -16.90
C GLU E 517 -1.32 5.51 -15.70
N PHE E 518 -2.59 5.86 -15.46
CA PHE E 518 -3.48 5.42 -14.39
C PHE E 518 -4.15 4.11 -14.86
N ASP E 519 -3.29 3.16 -15.30
CA ASP E 519 -3.72 1.90 -15.86
C ASP E 519 -3.58 0.73 -14.92
N GLY E 520 -4.67 -0.03 -14.82
CA GLY E 520 -4.83 -1.23 -14.00
C GLY E 520 -4.15 -1.16 -12.65
N GLN E 521 -4.47 -0.10 -11.87
CA GLN E 521 -3.96 0.29 -10.54
C GLN E 521 -2.66 -0.39 -10.08
N ASP E 522 -1.53 0.33 -10.24
CA ASP E 522 -0.18 -0.07 -9.82
C ASP E 522 -0.19 -0.28 -8.29
N ALA E 523 -1.00 0.54 -7.58
CA ALA E 523 -1.24 0.54 -6.15
C ALA E 523 0.00 0.09 -5.39
N CYS E 524 -0.12 -0.98 -4.58
CA CYS E 524 1.01 -1.52 -3.86
C CYS E 524 1.10 -3.04 -4.00
N GLY E 525 2.01 -3.45 -4.89
CA GLY E 525 2.27 -4.85 -5.20
C GLY E 525 2.36 -5.13 -6.68
N SER E 526 1.54 -6.10 -7.17
CA SER E 526 1.44 -6.51 -8.58
C SER E 526 1.20 -5.26 -9.42
N ASN E 527 2.14 -5.00 -10.32
CA ASN E 527 2.12 -3.79 -11.15
C ASN E 527 1.75 -4.03 -12.61
N SER E 528 1.25 -2.96 -13.24
CA SER E 528 0.86 -2.92 -14.64
C SER E 528 1.96 -2.21 -15.48
N TRP E 529 2.97 -1.56 -14.84
CA TRP E 529 4.06 -0.82 -15.49
C TRP E 529 5.46 -1.16 -14.99
N THR E 530 6.43 -1.30 -15.93
CA THR E 530 7.85 -1.52 -15.64
C THR E 530 8.45 -0.13 -15.46
N VAL E 531 9.07 0.08 -14.34
CA VAL E 531 9.48 1.40 -13.89
C VAL E 531 10.93 1.52 -13.60
N VAL E 532 11.52 2.67 -13.96
CA VAL E 532 12.92 2.95 -13.67
C VAL E 532 13.07 4.33 -12.98
N ASP E 533 13.86 4.38 -11.91
CA ASP E 533 14.19 5.62 -11.22
C ASP E 533 15.50 6.10 -11.84
N ILE E 534 15.47 7.31 -12.43
CA ILE E 534 16.62 7.87 -13.11
C ILE E 534 17.16 9.03 -12.29
N ASP E 535 18.42 8.88 -11.85
CA ASP E 535 19.12 9.88 -11.04
C ASP E 535 19.16 11.24 -11.76
N PRO E 536 18.97 12.38 -11.06
CA PRO E 536 19.06 13.70 -11.73
C PRO E 536 20.44 13.95 -12.35
N PRO E 537 20.51 14.55 -13.57
CA PRO E 537 21.82 14.77 -14.19
C PRO E 537 22.67 15.83 -13.48
N LEU E 538 23.89 16.06 -14.01
CA LEU E 538 24.83 17.08 -13.53
C LEU E 538 24.90 18.15 -14.65
N ARG E 539 24.42 19.39 -14.33
CA ARG E 539 24.31 20.55 -15.22
C ARG E 539 25.58 20.90 -16.08
N SER E 540 26.83 20.93 -15.49
CA SER E 540 28.14 21.25 -16.13
C SER E 540 28.22 22.69 -16.76
N ASN E 541 27.81 23.73 -15.96
CA ASN E 541 27.76 25.20 -16.15
C ASN E 541 26.42 25.70 -16.76
N ASP E 542 26.42 26.87 -17.40
CA ASP E 542 25.23 27.49 -18.02
C ASP E 542 25.25 27.37 -19.57
N PRO E 543 26.39 27.69 -20.29
CA PRO E 543 26.38 27.52 -21.76
C PRO E 543 26.61 26.03 -22.15
N LYS E 544 25.55 25.33 -22.65
CA LYS E 544 25.48 23.89 -23.05
C LYS E 544 25.41 22.95 -21.82
N SER E 545 24.30 23.06 -21.10
CA SER E 545 23.98 22.33 -19.87
C SER E 545 22.97 21.18 -20.07
N GLN E 546 22.61 20.95 -21.36
CA GLN E 546 21.71 19.89 -21.79
C GLN E 546 22.47 18.56 -21.80
N ASN E 547 22.82 18.07 -20.61
CA ASN E 547 23.44 16.76 -20.55
C ASN E 547 22.30 15.78 -20.27
N HIS E 548 21.30 15.89 -21.20
CA HIS E 548 20.04 15.20 -21.36
C HIS E 548 19.96 13.89 -20.64
N PRO E 549 19.10 13.84 -19.63
CA PRO E 549 18.91 12.60 -18.91
C PRO E 549 18.44 11.53 -19.87
N GLY E 550 18.92 10.33 -19.67
CA GLY E 550 18.54 9.22 -20.52
C GLY E 550 18.50 7.89 -19.82
N TRP E 551 18.25 6.84 -20.59
CA TRP E 551 18.21 5.50 -20.02
C TRP E 551 18.36 4.46 -21.09
N LEU E 552 19.00 3.36 -20.73
CA LEU E 552 19.21 2.23 -21.63
C LEU E 552 18.31 1.10 -21.15
N MET E 553 17.28 0.80 -21.92
CA MET E 553 16.35 -0.26 -21.61
C MET E 553 16.96 -1.50 -22.17
N ARG E 554 17.05 -2.53 -21.36
CA ARG E 554 17.66 -3.79 -21.80
C ARG E 554 16.56 -4.76 -21.44
N GLY E 555 16.71 -6.04 -21.75
CA GLY E 555 15.73 -7.06 -21.39
C GLY E 555 14.37 -6.95 -22.06
N LEU E 556 14.38 -6.45 -23.29
CA LEU E 556 13.22 -6.26 -24.13
C LEU E 556 13.19 -7.41 -25.13
N LYS E 557 11.97 -7.81 -25.52
CA LYS E 557 11.71 -8.83 -26.53
C LYS E 557 11.93 -8.19 -27.91
N PRO E 558 12.42 -8.90 -28.95
CA PRO E 558 12.59 -8.24 -30.25
C PRO E 558 11.29 -8.19 -31.01
N TRP E 559 11.18 -7.22 -31.93
CA TRP E 559 10.00 -6.95 -32.74
C TRP E 559 8.76 -6.80 -31.83
N THR E 560 8.93 -5.96 -30.79
CA THR E 560 7.92 -5.70 -29.77
C THR E 560 7.69 -4.20 -29.54
N GLN E 561 6.41 -3.79 -29.57
CA GLN E 561 6.06 -2.39 -29.34
C GLN E 561 5.99 -2.07 -27.84
N TYR E 562 6.66 -0.98 -27.44
CA TYR E 562 6.72 -0.55 -26.06
C TYR E 562 6.13 0.79 -25.85
N ALA E 563 5.21 0.85 -24.91
CA ALA E 563 4.64 2.11 -24.47
C ALA E 563 5.67 2.57 -23.48
N ILE E 564 6.08 3.85 -23.62
CA ILE E 564 7.14 4.51 -22.85
C ILE E 564 6.76 5.95 -22.60
N PHE E 565 7.16 6.46 -21.42
CA PHE E 565 6.99 7.85 -20.99
C PHE E 565 7.80 8.09 -19.73
N VAL E 566 8.23 9.34 -19.57
CA VAL E 566 9.01 9.83 -18.44
C VAL E 566 8.20 10.83 -17.64
N LYS E 567 8.55 10.96 -16.37
CA LYS E 567 7.90 11.82 -15.40
C LYS E 567 8.99 12.43 -14.48
N THR E 568 8.75 13.65 -13.98
CA THR E 568 9.66 14.27 -13.02
C THR E 568 9.10 14.04 -11.61
N LEU E 569 9.96 13.54 -10.71
CA LEU E 569 9.60 13.28 -9.32
C LEU E 569 8.84 14.43 -8.62
N VAL E 570 7.65 14.10 -8.15
CA VAL E 570 6.64 14.88 -7.42
C VAL E 570 7.20 15.95 -6.42
N GLY E 580 6.00 18.81 -11.76
CA GLY E 580 6.51 19.48 -12.94
C GLY E 580 6.01 18.95 -14.26
N ALA E 581 6.86 18.14 -14.93
CA ALA E 581 6.63 17.64 -16.29
C ALA E 581 6.66 16.12 -16.48
N LYS E 582 5.80 15.64 -17.38
CA LYS E 582 5.78 14.25 -17.85
C LYS E 582 5.89 14.33 -19.38
N SER E 583 6.50 13.31 -20.01
CA SER E 583 6.63 13.25 -21.47
C SER E 583 5.35 12.63 -21.95
N ASP E 584 5.12 12.63 -23.24
CA ASP E 584 3.93 12.00 -23.77
C ASP E 584 4.20 10.50 -23.92
N ILE E 585 3.15 9.67 -24.13
CA ILE E 585 3.39 8.24 -24.36
C ILE E 585 3.82 8.03 -25.78
N ILE E 586 5.03 7.54 -25.92
CA ILE E 586 5.58 7.21 -27.22
C ILE E 586 5.57 5.70 -27.31
N TYR E 587 5.34 5.16 -28.51
CA TYR E 587 5.43 3.72 -28.69
C TYR E 587 6.71 3.52 -29.44
N VAL E 588 7.50 2.54 -29.00
CA VAL E 588 8.79 2.25 -29.63
C VAL E 588 8.85 0.75 -29.92
N GLN E 589 9.06 0.39 -31.18
CA GLN E 589 9.14 -1.03 -31.49
C GLN E 589 10.58 -1.49 -31.66
N THR E 590 11.00 -2.46 -30.80
CA THR E 590 12.33 -3.05 -30.88
C THR E 590 12.55 -3.57 -32.30
N ASP E 591 13.81 -3.76 -32.66
CA ASP E 591 14.15 -4.28 -33.97
C ASP E 591 13.70 -5.73 -34.05
N ALA E 592 13.40 -6.15 -35.33
CA ALA E 592 13.07 -7.45 -35.90
C ALA E 592 14.16 -7.78 -36.92
N THR E 593 13.99 -8.92 -37.62
CA THR E 593 14.85 -9.53 -38.65
C THR E 593 15.05 -8.63 -39.91
N THR E 594 16.26 -8.66 -40.60
CA THR E 594 16.46 -7.89 -41.86
C THR E 594 15.72 -8.74 -42.85
N PHE E 595 15.18 -8.12 -43.90
CA PHE E 595 14.49 -8.92 -44.92
C PHE E 595 15.40 -10.08 -45.41
N GLU E 596 16.65 -9.74 -45.68
CA GLU E 596 17.74 -10.57 -46.12
C GLU E 596 17.79 -11.81 -45.23
N ASP E 597 17.75 -11.60 -43.87
CA ASP E 597 17.82 -12.63 -42.83
C ASP E 597 16.51 -13.40 -42.63
N TYR E 598 15.37 -12.90 -43.13
CA TYR E 598 14.13 -13.69 -43.07
C TYR E 598 14.33 -14.73 -44.20
N LEU E 599 14.81 -14.24 -45.38
CA LEU E 599 15.09 -14.99 -46.62
C LEU E 599 15.99 -16.15 -46.38
N HIS E 600 17.16 -15.90 -45.83
CA HIS E 600 18.13 -16.91 -45.54
C HIS E 600 17.49 -18.09 -44.84
N ASN E 601 17.02 -17.90 -43.59
CA ASN E 601 16.33 -18.91 -42.76
C ASN E 601 15.20 -19.67 -43.46
N VAL E 602 14.64 -19.07 -44.52
CA VAL E 602 13.55 -19.65 -45.29
C VAL E 602 14.12 -20.53 -46.41
N VAL E 603 15.05 -19.95 -47.15
CA VAL E 603 15.73 -20.43 -48.34
C VAL E 603 16.79 -21.52 -48.04
N PHE E 604 17.12 -21.79 -46.78
CA PHE E 604 18.17 -22.77 -46.48
C PHE E 604 17.90 -23.75 -45.33
N VAL E 605 16.78 -24.52 -45.44
CA VAL E 605 16.35 -25.53 -44.45
C VAL E 605 16.29 -24.93 -43.00
N HIS F 1 68.16 -23.18 9.79
CA HIS F 1 68.87 -23.15 8.53
C HIS F 1 69.00 -24.53 7.84
N LEU F 2 67.89 -25.33 7.79
CA LEU F 2 67.80 -26.63 7.05
C LEU F 2 67.39 -26.29 5.60
N TYR F 3 66.71 -25.11 5.47
CA TYR F 3 66.26 -24.41 4.27
C TYR F 3 66.89 -22.98 4.45
N PRO F 4 68.22 -22.79 4.15
CA PRO F 4 68.89 -21.50 4.47
C PRO F 4 68.30 -20.22 3.85
N GLY F 5 67.91 -20.27 2.59
CA GLY F 5 67.31 -19.13 1.89
C GLY F 5 65.86 -18.84 2.24
N GLU F 6 65.18 -18.17 1.32
CA GLU F 6 63.81 -17.72 1.46
C GLU F 6 62.76 -18.81 1.32
N VAL F 7 61.61 -18.50 1.91
CA VAL F 7 60.36 -19.20 1.73
C VAL F 7 59.59 -18.32 0.74
N CYS F 8 59.28 -18.87 -0.42
CA CYS F 8 58.56 -18.10 -1.39
C CYS F 8 57.17 -18.59 -1.55
N PRO F 9 56.27 -17.70 -2.00
CA PRO F 9 54.90 -18.11 -2.30
C PRO F 9 54.81 -18.92 -3.61
N GLY F 10 53.65 -19.53 -3.87
CA GLY F 10 53.40 -20.24 -5.12
C GLY F 10 53.53 -19.31 -6.31
N MET F 11 53.97 -19.85 -7.44
CA MET F 11 54.16 -19.09 -8.67
C MET F 11 53.63 -19.78 -9.89
N ASP F 12 53.31 -18.95 -10.86
CA ASP F 12 52.75 -19.32 -12.11
C ASP F 12 53.51 -18.59 -13.21
N ILE F 13 54.45 -19.28 -13.80
CA ILE F 13 55.35 -18.69 -14.78
C ILE F 13 55.00 -19.13 -16.19
N ARG F 14 54.71 -18.15 -17.06
CA ARG F 14 54.26 -18.32 -18.45
C ARG F 14 55.01 -17.46 -19.46
N ASN F 15 54.92 -17.83 -20.76
CA ASN F 15 55.37 -17.07 -21.92
C ASN F 15 56.86 -16.87 -22.04
N ASN F 16 57.47 -16.14 -21.08
CA ASN F 16 58.88 -15.78 -21.01
C ASN F 16 59.54 -16.38 -19.77
N LEU F 17 60.88 -16.55 -19.85
CA LEU F 17 61.65 -16.95 -18.68
C LEU F 17 61.95 -15.81 -17.71
N THR F 18 61.64 -14.54 -18.05
CA THR F 18 61.96 -13.39 -17.20
C THR F 18 61.58 -13.57 -15.71
N ARG F 19 60.31 -13.85 -15.42
CA ARG F 19 59.80 -13.95 -14.03
C ARG F 19 60.34 -15.16 -13.27
N LEU F 20 60.96 -16.12 -13.98
CA LEU F 20 61.51 -17.33 -13.39
C LEU F 20 62.62 -17.07 -12.37
N HIS F 21 63.34 -15.96 -12.57
CA HIS F 21 64.43 -15.55 -11.70
C HIS F 21 63.95 -15.10 -10.33
N GLU F 22 62.63 -14.97 -10.17
CA GLU F 22 62.03 -14.68 -8.87
C GLU F 22 62.25 -15.87 -7.90
N LEU F 23 62.58 -17.06 -8.42
CA LEU F 23 62.86 -18.25 -7.59
C LEU F 23 64.31 -18.34 -7.12
N GLU F 24 65.17 -17.43 -7.58
CA GLU F 24 66.60 -17.56 -7.39
C GLU F 24 67.05 -17.75 -5.93
N ASN F 25 66.35 -17.22 -4.93
CA ASN F 25 66.77 -17.41 -3.54
C ASN F 25 65.87 -18.35 -2.70
N CYS F 26 64.93 -19.07 -3.33
CA CYS F 26 64.02 -19.93 -2.56
C CYS F 26 64.60 -21.25 -2.20
N SER F 27 64.45 -21.61 -0.94
CA SER F 27 64.76 -22.94 -0.43
C SER F 27 63.48 -23.76 -0.45
N VAL F 28 62.35 -23.08 -0.21
CA VAL F 28 61.05 -23.70 -0.12
C VAL F 28 60.00 -22.88 -0.85
N ILE F 29 59.17 -23.54 -1.65
CA ILE F 29 58.03 -22.87 -2.24
C ILE F 29 56.82 -23.26 -1.40
N GLU F 30 56.24 -22.30 -0.72
CA GLU F 30 55.05 -22.52 0.10
C GLU F 30 53.85 -22.21 -0.81
N GLY F 31 53.46 -23.23 -1.56
CA GLY F 31 52.45 -23.16 -2.61
C GLY F 31 52.84 -24.11 -3.73
N HIS F 32 52.35 -23.86 -4.96
CA HIS F 32 52.70 -24.68 -6.11
C HIS F 32 53.64 -23.95 -7.05
N LEU F 33 54.17 -24.69 -8.01
CA LEU F 33 55.00 -24.13 -9.06
C LEU F 33 54.51 -24.65 -10.37
N GLN F 34 54.01 -23.75 -11.21
CA GLN F 34 53.60 -24.03 -12.57
C GLN F 34 54.50 -23.25 -13.52
N ILE F 35 55.10 -23.96 -14.49
CA ILE F 35 55.89 -23.39 -15.58
C ILE F 35 55.28 -23.89 -16.87
N LEU F 36 54.77 -22.97 -17.70
CA LEU F 36 54.01 -23.33 -18.89
C LEU F 36 54.01 -22.35 -20.03
N LEU F 37 53.67 -22.88 -21.19
CA LEU F 37 53.43 -22.11 -22.41
C LEU F 37 54.59 -21.18 -22.79
N MET F 38 55.73 -21.77 -23.00
CA MET F 38 56.90 -21.07 -23.47
C MET F 38 57.25 -21.66 -24.78
N PHE F 39 56.76 -21.02 -25.82
CA PHE F 39 56.89 -21.51 -27.16
C PHE F 39 58.15 -21.08 -27.90
N LYS F 40 58.78 -19.99 -27.46
CA LYS F 40 59.96 -19.45 -28.15
C LYS F 40 61.30 -19.81 -27.52
N THR F 41 61.27 -20.43 -26.34
CA THR F 41 62.47 -20.88 -25.63
C THR F 41 63.19 -22.02 -26.38
N ARG F 42 64.52 -22.07 -26.24
CA ARG F 42 65.39 -23.05 -26.89
C ARG F 42 66.44 -23.56 -25.86
N PRO F 43 67.16 -24.68 -26.15
CA PRO F 43 68.13 -25.22 -25.15
C PRO F 43 69.10 -24.20 -24.55
N GLU F 44 69.62 -23.28 -25.39
CA GLU F 44 70.52 -22.23 -24.94
C GLU F 44 69.99 -21.41 -23.80
N ASP F 45 68.67 -21.19 -23.76
CA ASP F 45 68.02 -20.44 -22.68
C ASP F 45 68.11 -21.17 -21.33
N PHE F 46 68.30 -22.49 -21.34
CA PHE F 46 68.35 -23.31 -20.13
C PHE F 46 69.74 -23.82 -19.75
N ARG F 47 70.72 -23.69 -20.64
CA ARG F 47 72.11 -24.12 -20.38
C ARG F 47 72.72 -23.51 -19.10
N ASP F 48 72.47 -22.22 -18.86
CA ASP F 48 72.99 -21.48 -17.72
C ASP F 48 71.91 -21.08 -16.72
N LEU F 49 70.94 -21.96 -16.51
CA LEU F 49 69.81 -21.68 -15.64
C LEU F 49 69.68 -22.76 -14.61
N SER F 50 69.80 -22.38 -13.35
CA SER F 50 69.79 -23.34 -12.27
C SER F 50 69.21 -22.75 -11.00
N PHE F 51 68.44 -23.56 -10.23
CA PHE F 51 67.91 -23.15 -8.92
C PHE F 51 68.26 -24.20 -7.88
N PRO F 52 69.56 -24.26 -7.54
CA PRO F 52 70.06 -25.30 -6.63
C PRO F 52 69.62 -25.16 -5.19
N LYS F 53 69.10 -23.98 -4.83
CA LYS F 53 68.63 -23.75 -3.48
C LYS F 53 67.30 -24.44 -3.20
N LEU F 54 66.48 -24.71 -4.24
CA LEU F 54 65.17 -25.31 -4.04
C LEU F 54 65.22 -26.76 -3.59
N ILE F 55 64.70 -26.97 -2.37
CA ILE F 55 64.70 -28.26 -1.70
C ILE F 55 63.30 -28.84 -1.69
N MET F 56 62.31 -27.96 -1.55
CA MET F 56 60.97 -28.44 -1.33
C MET F 56 59.85 -27.56 -1.85
N ILE F 57 58.76 -28.20 -2.32
CA ILE F 57 57.51 -27.56 -2.76
C ILE F 57 56.39 -28.15 -1.88
N THR F 58 55.59 -27.29 -1.22
CA THR F 58 54.58 -27.81 -0.29
C THR F 58 53.35 -28.39 -1.00
N ASP F 59 53.04 -27.89 -2.22
CA ASP F 59 51.88 -28.33 -2.99
C ASP F 59 52.28 -29.24 -4.13
N TYR F 60 52.28 -28.72 -5.36
CA TYR F 60 52.60 -29.51 -6.52
C TYR F 60 53.50 -28.78 -7.53
N LEU F 61 54.12 -29.58 -8.42
CA LEU F 61 54.96 -29.09 -9.50
C LEU F 61 54.31 -29.47 -10.80
N LEU F 62 54.08 -28.48 -11.68
CA LEU F 62 53.47 -28.70 -12.96
C LEU F 62 54.30 -28.04 -14.08
N LEU F 63 54.62 -28.81 -15.13
CA LEU F 63 55.36 -28.33 -16.30
C LEU F 63 54.55 -28.72 -17.55
N PHE F 64 54.18 -27.71 -18.36
CA PHE F 64 53.33 -27.90 -19.53
C PHE F 64 53.79 -27.07 -20.73
N ARG F 65 54.09 -27.69 -21.88
CA ARG F 65 54.49 -26.95 -23.09
C ARG F 65 55.61 -25.95 -22.89
N VAL F 66 56.74 -26.39 -22.33
CA VAL F 66 57.91 -25.55 -22.17
C VAL F 66 58.94 -26.06 -23.21
N TYR F 67 59.12 -25.26 -24.27
CA TYR F 67 59.98 -25.63 -25.39
C TYR F 67 61.45 -25.43 -25.07
N GLY F 68 62.28 -26.27 -25.65
CA GLY F 68 63.74 -26.20 -25.52
C GLY F 68 64.32 -26.88 -24.30
N LEU F 69 63.49 -27.20 -23.28
CA LEU F 69 63.93 -27.82 -22.02
C LEU F 69 64.07 -29.31 -22.20
N GLU F 70 65.28 -29.83 -22.02
CA GLU F 70 65.64 -31.23 -22.28
C GLU F 70 65.83 -32.10 -21.06
N SER F 71 66.02 -31.47 -19.92
CA SER F 71 66.18 -32.15 -18.65
C SER F 71 65.89 -31.15 -17.57
N LEU F 72 65.54 -31.65 -16.38
CA LEU F 72 65.35 -30.81 -15.20
C LEU F 72 66.55 -30.91 -14.24
N LYS F 73 67.60 -31.68 -14.62
CA LYS F 73 68.76 -31.93 -13.75
C LYS F 73 69.52 -30.69 -13.35
N ASP F 74 69.50 -29.65 -14.18
CA ASP F 74 70.18 -28.40 -13.87
C ASP F 74 69.24 -27.36 -13.31
N LEU F 75 67.98 -27.43 -13.69
CA LEU F 75 67.02 -26.49 -13.15
C LEU F 75 66.75 -26.77 -11.67
N PHE F 76 66.39 -28.03 -11.31
CA PHE F 76 66.04 -28.39 -9.92
C PHE F 76 66.84 -29.57 -9.41
N PRO F 77 68.17 -29.38 -9.32
CA PRO F 77 69.04 -30.49 -8.94
C PRO F 77 68.84 -31.02 -7.52
N ASN F 78 68.40 -30.16 -6.61
CA ASN F 78 68.25 -30.48 -5.18
C ASN F 78 66.84 -30.60 -4.65
N LEU F 79 65.83 -30.54 -5.54
CA LEU F 79 64.43 -30.69 -5.13
C LEU F 79 64.27 -32.12 -4.61
N THR F 80 63.95 -32.22 -3.31
CA THR F 80 63.95 -33.45 -2.54
C THR F 80 62.56 -33.95 -2.16
N VAL F 81 61.67 -33.02 -1.82
CA VAL F 81 60.31 -33.33 -1.37
C VAL F 81 59.28 -32.44 -2.06
N ILE F 82 58.19 -33.08 -2.50
CA ILE F 82 56.98 -32.43 -2.94
C ILE F 82 55.94 -32.94 -1.94
N ARG F 83 55.42 -32.07 -1.06
CA ARG F 83 54.51 -32.50 0.01
C ARG F 83 53.09 -32.83 -0.45
N GLY F 84 52.62 -32.15 -1.49
CA GLY F 84 51.29 -32.42 -2.02
C GLY F 84 50.17 -32.03 -1.09
N SER F 85 50.34 -30.94 -0.28
CA SER F 85 49.28 -30.45 0.64
C SER F 85 48.05 -30.05 -0.15
N ARG F 86 48.26 -29.41 -1.30
CA ARG F 86 47.25 -29.14 -2.31
C ARG F 86 47.78 -29.78 -3.59
N LEU F 87 46.85 -30.30 -4.40
CA LEU F 87 47.18 -31.04 -5.60
C LEU F 87 46.53 -30.46 -6.83
N PHE F 88 47.01 -30.89 -7.99
CA PHE F 88 46.43 -30.53 -9.27
C PHE F 88 45.65 -31.74 -9.68
N PHE F 89 44.32 -31.74 -9.56
CA PHE F 89 43.57 -32.94 -9.98
C PHE F 89 44.25 -34.25 -9.47
N ASN F 90 44.39 -34.44 -8.15
CA ASN F 90 45.02 -35.54 -7.40
C ASN F 90 46.51 -35.76 -7.66
N TYR F 91 47.15 -34.91 -8.48
CA TYR F 91 48.57 -35.05 -8.81
C TYR F 91 49.49 -34.05 -8.10
N ALA F 92 50.64 -34.55 -7.62
CA ALA F 92 51.66 -33.70 -6.99
C ALA F 92 52.76 -33.34 -7.99
N LEU F 93 52.85 -34.12 -9.06
CA LEU F 93 53.84 -33.90 -10.11
C LEU F 93 53.18 -34.12 -11.48
N VAL F 94 53.21 -33.08 -12.33
CA VAL F 94 52.61 -33.09 -13.65
C VAL F 94 53.63 -32.64 -14.70
N ILE F 95 53.90 -33.52 -15.69
CA ILE F 95 54.81 -33.26 -16.81
C ILE F 95 53.98 -33.59 -18.04
N PHE F 96 53.56 -32.55 -18.75
CA PHE F 96 52.61 -32.73 -19.82
C PHE F 96 52.95 -31.93 -21.05
N GLU F 97 53.05 -32.59 -22.20
CA GLU F 97 53.37 -31.96 -23.48
C GLU F 97 54.63 -31.11 -23.40
N MET F 98 55.64 -31.68 -22.78
CA MET F 98 56.98 -31.10 -22.70
C MET F 98 57.75 -31.67 -23.90
N VAL F 99 57.57 -30.98 -25.04
CA VAL F 99 58.14 -31.33 -26.30
C VAL F 99 59.57 -30.84 -26.03
N HIS F 100 60.50 -31.72 -26.19
CA HIS F 100 61.95 -31.58 -26.05
C HIS F 100 62.50 -32.24 -24.81
N LEU F 101 61.68 -32.58 -23.80
CA LEU F 101 62.19 -33.19 -22.57
C LEU F 101 62.64 -34.62 -22.81
N LYS F 102 63.92 -34.89 -22.55
CA LYS F 102 64.55 -36.18 -22.81
C LYS F 102 64.65 -37.04 -21.56
N GLU F 103 64.71 -36.41 -20.39
CA GLU F 103 64.77 -37.11 -19.12
C GLU F 103 64.16 -36.18 -18.09
N LEU F 104 63.73 -36.71 -16.95
CA LEU F 104 63.28 -35.86 -15.85
C LEU F 104 64.53 -35.29 -15.18
N GLY F 105 65.38 -36.18 -14.71
CA GLY F 105 66.62 -35.80 -14.05
C GLY F 105 66.47 -35.16 -12.69
N LEU F 106 65.37 -35.44 -11.97
CA LEU F 106 65.16 -34.91 -10.62
C LEU F 106 65.83 -35.88 -9.65
N TYR F 107 67.17 -35.96 -9.73
CA TYR F 107 67.99 -36.98 -9.07
C TYR F 107 68.02 -36.88 -7.55
N ASN F 108 67.48 -35.79 -6.99
CA ASN F 108 67.37 -35.65 -5.54
C ASN F 108 65.95 -35.84 -5.02
N LEU F 109 64.98 -36.17 -5.90
CA LEU F 109 63.59 -36.33 -5.47
C LEU F 109 63.36 -37.67 -4.76
N MET F 110 63.16 -37.58 -3.43
CA MET F 110 63.08 -38.75 -2.56
C MET F 110 61.70 -39.13 -2.12
N ASN F 111 60.85 -38.13 -1.97
CA ASN F 111 59.54 -38.36 -1.43
C ASN F 111 58.51 -37.42 -2.01
N ILE F 112 57.37 -37.99 -2.36
CA ILE F 112 56.16 -37.28 -2.71
C ILE F 112 55.18 -37.70 -1.61
N THR F 113 54.90 -36.79 -0.69
CA THR F 113 54.22 -37.09 0.55
C THR F 113 52.73 -37.38 0.36
N ARG F 114 52.09 -36.72 -0.60
CA ARG F 114 50.69 -36.92 -0.88
C ARG F 114 50.48 -36.66 -2.35
N GLY F 115 49.57 -37.41 -2.96
CA GLY F 115 49.24 -37.24 -4.36
C GLY F 115 49.99 -38.19 -5.28
N SER F 116 49.66 -38.15 -6.58
CA SER F 116 50.23 -39.05 -7.58
C SER F 116 51.03 -38.31 -8.64
N VAL F 117 51.56 -39.08 -9.57
CA VAL F 117 52.38 -38.57 -10.64
C VAL F 117 51.68 -38.75 -12.00
N ARG F 118 51.63 -37.69 -12.81
CA ARG F 118 51.08 -37.77 -14.15
C ARG F 118 52.14 -37.26 -15.12
N ILE F 119 52.69 -38.17 -15.93
CA ILE F 119 53.71 -37.84 -16.92
C ILE F 119 53.20 -38.34 -18.27
N GLU F 120 52.72 -37.41 -19.11
CA GLU F 120 51.97 -37.76 -20.31
C GLU F 120 52.30 -36.92 -21.53
N LYS F 121 52.39 -37.56 -22.71
CA LYS F 121 52.56 -36.89 -24.02
C LYS F 121 53.83 -36.07 -24.13
N ASN F 122 54.94 -36.68 -23.72
CA ASN F 122 56.27 -36.12 -23.78
C ASN F 122 57.04 -36.99 -24.79
N ASN F 123 57.06 -36.52 -26.05
CA ASN F 123 57.48 -37.28 -27.22
C ASN F 123 58.95 -37.68 -27.25
N GLU F 124 59.80 -36.97 -26.50
CA GLU F 124 61.22 -37.30 -26.44
C GLU F 124 61.61 -37.91 -25.09
N LEU F 125 60.64 -38.18 -24.21
CA LEU F 125 60.94 -38.51 -22.82
C LEU F 125 61.34 -39.95 -22.52
N CYS F 126 62.57 -40.09 -22.00
CA CYS F 126 63.13 -41.38 -21.62
C CYS F 126 63.55 -41.35 -20.16
N TYR F 127 64.24 -42.41 -19.69
CA TYR F 127 64.67 -42.53 -18.31
C TYR F 127 63.48 -42.53 -17.34
N LEU F 128 62.41 -43.22 -17.75
CA LEU F 128 61.18 -43.40 -16.96
C LEU F 128 61.12 -44.81 -16.41
N ALA F 129 61.45 -45.79 -17.26
CA ALA F 129 61.51 -47.20 -16.89
C ALA F 129 62.56 -47.44 -15.80
N THR F 130 63.58 -46.56 -15.73
CA THR F 130 64.70 -46.65 -14.79
C THR F 130 64.40 -46.08 -13.40
N ILE F 131 63.24 -45.43 -13.24
CA ILE F 131 62.84 -44.86 -11.97
C ILE F 131 61.96 -45.86 -11.25
N ASP F 132 62.28 -46.15 -9.98
CA ASP F 132 61.44 -46.96 -9.10
C ASP F 132 60.63 -45.98 -8.26
N TRP F 133 59.39 -45.74 -8.69
CA TRP F 133 58.51 -44.81 -8.01
C TRP F 133 58.05 -45.32 -6.64
N SER F 134 58.09 -46.65 -6.38
CA SER F 134 57.68 -47.20 -5.08
C SER F 134 58.59 -46.71 -3.94
N ARG F 135 59.78 -46.19 -4.27
CA ARG F 135 60.66 -45.59 -3.28
C ARG F 135 60.25 -44.17 -2.96
N ILE F 136 59.48 -43.53 -3.84
CA ILE F 136 59.13 -42.10 -3.75
C ILE F 136 57.69 -41.85 -3.26
N LEU F 137 56.74 -42.69 -3.70
CA LEU F 137 55.32 -42.61 -3.34
C LEU F 137 54.90 -43.90 -2.71
N ASP F 138 54.06 -43.80 -1.67
CA ASP F 138 53.48 -44.95 -1.02
C ASP F 138 52.60 -45.76 -1.96
N SER F 139 51.83 -45.09 -2.83
CA SER F 139 51.03 -45.81 -3.82
C SER F 139 51.22 -45.25 -5.20
N VAL F 140 51.66 -46.12 -6.09
CA VAL F 140 51.94 -45.86 -7.50
C VAL F 140 50.77 -46.27 -8.36
N GLU F 141 49.76 -46.84 -7.73
CA GLU F 141 48.58 -47.34 -8.41
C GLU F 141 47.84 -46.27 -9.21
N ASP F 142 47.85 -45.03 -8.72
CA ASP F 142 47.17 -43.91 -9.39
C ASP F 142 48.12 -43.10 -10.29
N ASN F 143 49.37 -43.54 -10.46
CA ASN F 143 50.27 -42.86 -11.38
C ASN F 143 49.78 -43.06 -12.80
N HIS F 144 49.97 -42.06 -13.66
CA HIS F 144 49.52 -42.12 -15.03
C HIS F 144 50.68 -41.67 -15.89
N ILE F 145 51.43 -42.64 -16.37
CA ILE F 145 52.66 -42.39 -17.13
C ILE F 145 52.53 -43.08 -18.45
N VAL F 146 52.11 -42.33 -19.47
CA VAL F 146 51.78 -42.85 -20.78
C VAL F 146 52.12 -41.88 -21.89
N LEU F 147 52.08 -42.36 -23.12
CA LEU F 147 52.29 -41.61 -24.34
C LEU F 147 53.60 -40.81 -24.31
N ASN F 148 54.69 -41.44 -23.82
CA ASN F 148 56.01 -40.85 -23.83
C ASN F 148 56.91 -41.63 -24.80
N LYS F 149 58.11 -41.12 -25.14
CA LYS F 149 59.00 -41.87 -26.03
C LYS F 149 59.22 -43.29 -25.50
N ASP F 150 59.32 -43.43 -24.19
CA ASP F 150 59.48 -44.66 -23.42
C ASP F 150 58.50 -45.77 -23.81
N ASP F 151 57.29 -45.43 -24.28
CA ASP F 151 56.25 -46.39 -24.71
C ASP F 151 56.66 -47.16 -25.94
N ASN F 152 57.50 -46.59 -26.80
CA ASN F 152 57.95 -47.24 -28.03
C ASN F 152 59.30 -47.97 -27.81
N GLU F 153 60.00 -48.33 -28.87
CA GLU F 153 61.20 -49.17 -28.82
C GLU F 153 62.49 -48.40 -29.11
N GLU F 154 62.45 -47.12 -28.76
CA GLU F 154 63.47 -46.13 -29.06
C GLU F 154 64.33 -45.62 -27.86
N CYS F 155 64.00 -45.98 -26.57
CA CYS F 155 64.81 -45.50 -25.45
C CYS F 155 65.97 -46.43 -25.22
N GLY F 156 67.16 -45.87 -25.28
CA GLY F 156 68.39 -46.57 -24.99
C GLY F 156 68.86 -46.12 -23.63
N ASP F 157 68.02 -46.30 -22.60
CA ASP F 157 68.33 -45.89 -21.23
C ASP F 157 69.59 -46.58 -20.76
N ILE F 158 70.59 -45.80 -20.37
CA ILE F 158 71.87 -46.31 -19.90
C ILE F 158 72.27 -45.64 -18.61
N CYS F 159 72.39 -46.43 -17.54
CA CYS F 159 72.78 -45.93 -16.21
C CYS F 159 74.30 -46.02 -16.05
N PRO F 160 74.90 -47.23 -16.34
CA PRO F 160 76.35 -47.40 -16.18
C PRO F 160 77.18 -46.41 -16.97
N GLY F 161 78.21 -45.87 -16.34
CA GLY F 161 79.08 -44.89 -16.98
C GLY F 161 80.52 -44.93 -16.54
N THR F 162 80.74 -45.03 -15.20
CA THR F 162 82.07 -45.01 -14.58
C THR F 162 82.94 -46.19 -15.03
N ALA F 163 82.46 -47.42 -14.81
CA ALA F 163 83.11 -48.69 -15.15
C ALA F 163 82.27 -49.45 -16.20
N LYS F 164 80.92 -49.22 -16.19
CA LYS F 164 79.85 -49.82 -16.99
C LYS F 164 79.53 -51.28 -16.59
N GLY F 165 78.44 -51.43 -15.85
CA GLY F 165 77.90 -52.71 -15.41
C GLY F 165 78.63 -53.39 -14.28
N LYS F 166 79.61 -52.70 -13.63
CA LYS F 166 80.39 -53.23 -12.50
C LYS F 166 80.36 -52.28 -11.28
N THR F 167 79.55 -52.65 -10.23
CA THR F 167 79.21 -51.98 -8.94
C THR F 167 78.86 -50.48 -9.13
N ASN F 168 77.69 -50.16 -9.77
CA ASN F 168 77.29 -48.76 -9.99
C ASN F 168 75.91 -48.42 -9.35
N CYS F 169 74.80 -48.43 -10.11
CA CYS F 169 73.48 -48.06 -9.56
C CYS F 169 72.81 -49.21 -8.83
N PRO F 170 71.95 -48.91 -7.82
CA PRO F 170 71.21 -49.98 -7.14
C PRO F 170 70.16 -50.57 -8.08
N ALA F 171 69.85 -51.85 -7.91
CA ALA F 171 68.90 -52.49 -8.78
C ALA F 171 67.75 -53.01 -7.98
N THR F 172 66.53 -52.80 -8.49
CA THR F 172 65.33 -53.28 -7.83
C THR F 172 64.50 -54.01 -8.83
N VAL F 173 63.59 -54.84 -8.34
CA VAL F 173 62.72 -55.66 -9.16
C VAL F 173 61.44 -54.94 -9.63
N ILE F 174 60.99 -55.21 -10.87
CA ILE F 174 59.69 -54.71 -11.37
C ILE F 174 58.59 -55.74 -10.95
N ASN F 175 58.43 -56.83 -11.70
CA ASN F 175 57.66 -58.02 -11.36
C ASN F 175 58.75 -59.04 -10.98
N GLY F 176 59.46 -59.58 -11.98
CA GLY F 176 60.54 -60.56 -11.77
C GLY F 176 61.91 -60.09 -12.23
N GLN F 177 61.94 -59.00 -13.01
CA GLN F 177 63.18 -58.50 -13.55
C GLN F 177 63.78 -57.39 -12.74
N PHE F 178 65.07 -57.54 -12.47
CA PHE F 178 65.90 -56.55 -11.81
C PHE F 178 66.29 -55.50 -12.82
N VAL F 179 66.17 -54.26 -12.42
CA VAL F 179 66.44 -53.12 -13.26
C VAL F 179 67.27 -52.14 -12.43
N GLU F 180 68.37 -51.65 -13.01
CA GLU F 180 69.26 -50.69 -12.34
C GLU F 180 68.53 -49.35 -12.31
N ARG F 181 68.58 -48.58 -11.29
CA ARG F 181 67.74 -47.41 -11.17
C ARG F 181 68.53 -46.16 -11.23
N CYS F 182 68.13 -45.32 -12.19
CA CYS F 182 68.78 -44.05 -12.42
C CYS F 182 67.84 -43.05 -13.03
N TRP F 183 68.24 -41.79 -12.92
CA TRP F 183 67.55 -40.62 -13.43
C TRP F 183 68.15 -40.15 -14.75
N THR F 184 69.49 -40.26 -14.91
CA THR F 184 70.23 -39.88 -16.11
C THR F 184 71.41 -40.82 -16.32
N HIS F 185 72.18 -40.61 -17.41
CA HIS F 185 73.37 -41.40 -17.68
C HIS F 185 74.42 -41.19 -16.58
N SER F 186 74.38 -40.03 -15.88
CA SER F 186 75.34 -39.72 -14.83
C SER F 186 74.79 -39.73 -13.40
N HIS F 187 73.48 -40.02 -13.19
CA HIS F 187 72.90 -39.99 -11.84
C HIS F 187 72.06 -41.19 -11.48
N CYS F 188 72.47 -41.88 -10.42
CA CYS F 188 71.72 -43.02 -9.89
C CYS F 188 70.53 -42.52 -9.09
N GLN F 189 69.57 -43.43 -8.87
CA GLN F 189 68.47 -43.20 -7.95
C GLN F 189 68.99 -43.66 -6.60
N LYS F 190 68.81 -42.80 -5.59
CA LYS F 190 69.20 -43.12 -4.22
C LYS F 190 68.23 -44.13 -3.61
N VAL F 191 68.78 -45.18 -3.00
CA VAL F 191 68.00 -46.23 -2.35
C VAL F 191 68.63 -46.49 -1.01
N CYS F 192 67.82 -46.43 0.03
CA CYS F 192 68.28 -46.64 1.40
C CYS F 192 67.85 -47.97 1.91
N PRO F 193 68.57 -48.48 2.94
CA PRO F 193 68.12 -49.69 3.63
C PRO F 193 66.70 -49.49 4.17
N THR F 194 65.95 -50.59 4.24
CA THR F 194 64.56 -50.61 4.68
C THR F 194 64.38 -50.07 6.10
N ILE F 195 65.37 -50.26 7.00
CA ILE F 195 65.30 -49.73 8.37
C ILE F 195 65.20 -48.20 8.40
N CYS F 196 65.68 -47.54 7.35
CA CYS F 196 65.67 -46.08 7.25
C CYS F 196 64.30 -45.54 6.93
N LYS F 197 63.42 -46.39 6.39
CA LYS F 197 62.06 -46.01 6.03
C LYS F 197 62.13 -44.80 5.06
N SER F 198 61.37 -43.73 5.32
CA SER F 198 61.38 -42.54 4.47
C SER F 198 62.36 -41.48 4.93
N HIS F 199 63.11 -41.74 6.01
CA HIS F 199 63.98 -40.75 6.59
C HIS F 199 65.22 -40.39 5.78
N GLY F 200 65.63 -41.30 4.90
CA GLY F 200 66.85 -41.10 4.13
C GLY F 200 68.05 -41.67 4.85
N CYS F 201 69.21 -41.58 4.20
CA CYS F 201 70.47 -42.09 4.71
C CYS F 201 71.62 -41.34 4.08
N THR F 202 72.81 -41.43 4.68
CA THR F 202 74.03 -40.88 4.12
C THR F 202 74.52 -41.79 3.00
N ALA F 203 75.56 -41.36 2.28
CA ALA F 203 76.15 -42.14 1.20
C ALA F 203 76.66 -43.49 1.70
N GLU F 204 77.05 -43.55 2.97
CA GLU F 204 77.54 -44.78 3.59
C GLU F 204 76.44 -45.71 4.07
N GLY F 205 75.19 -45.33 3.87
CA GLY F 205 74.01 -46.13 4.22
C GLY F 205 73.49 -45.98 5.64
N LEU F 206 74.00 -44.98 6.39
CA LEU F 206 73.60 -44.72 7.77
C LEU F 206 72.35 -43.88 7.81
N CYS F 207 71.37 -44.33 8.58
CA CYS F 207 70.06 -43.69 8.65
C CYS F 207 70.08 -42.27 9.13
N CYS F 208 69.31 -41.43 8.45
CA CYS F 208 69.02 -40.08 8.90
C CYS F 208 68.14 -40.22 10.13
N HIS F 209 68.01 -39.14 10.87
CA HIS F 209 67.14 -39.07 12.02
C HIS F 209 65.66 -39.27 11.63
N SER F 210 64.86 -39.82 12.55
CA SER F 210 63.43 -40.12 12.33
C SER F 210 62.57 -38.88 12.05
N GLU F 211 63.09 -37.68 12.37
CA GLU F 211 62.40 -36.42 12.06
C GLU F 211 62.78 -35.87 10.67
N CYS F 212 63.79 -36.48 10.02
CA CYS F 212 64.21 -36.12 8.67
C CYS F 212 63.30 -36.78 7.64
N LEU F 213 63.29 -36.22 6.43
CA LEU F 213 62.57 -36.75 5.31
C LEU F 213 63.46 -36.76 4.09
N GLY F 214 63.72 -37.93 3.52
CA GLY F 214 64.43 -38.06 2.26
C GLY F 214 65.93 -38.09 2.28
N ASN F 215 66.57 -37.18 3.02
CA ASN F 215 68.00 -37.04 3.01
C ASN F 215 68.50 -36.18 4.14
N CYS F 216 69.79 -36.32 4.47
CA CYS F 216 70.48 -35.55 5.50
C CYS F 216 71.95 -35.45 5.15
N SER F 217 72.66 -34.53 5.79
CA SER F 217 74.10 -34.39 5.62
C SER F 217 74.86 -35.29 6.61
N GLN F 218 74.21 -35.61 7.76
CA GLN F 218 74.76 -36.48 8.80
C GLN F 218 73.69 -37.38 9.39
N PRO F 219 74.10 -38.57 9.84
CA PRO F 219 73.14 -39.54 10.38
C PRO F 219 72.63 -39.19 11.77
N ASP F 220 71.40 -39.62 12.05
CA ASP F 220 70.76 -39.51 13.34
C ASP F 220 70.91 -38.12 14.05
N ASP F 221 70.76 -37.03 13.28
CA ASP F 221 70.85 -35.67 13.79
C ASP F 221 69.73 -34.82 13.18
N PRO F 222 68.78 -34.34 14.02
CA PRO F 222 67.63 -33.60 13.49
C PRO F 222 67.93 -32.16 13.07
N THR F 223 69.21 -31.76 13.16
CA THR F 223 69.66 -30.43 12.72
C THR F 223 70.43 -30.59 11.40
N LYS F 224 70.51 -31.81 10.87
CA LYS F 224 71.27 -32.08 9.66
C LYS F 224 70.42 -32.66 8.53
N CYS F 225 69.08 -32.49 8.65
CA CYS F 225 68.12 -32.93 7.62
C CYS F 225 68.08 -32.00 6.43
N VAL F 226 67.90 -32.57 5.25
CA VAL F 226 67.67 -31.75 4.06
C VAL F 226 66.23 -31.23 4.12
N ALA F 227 65.29 -32.08 4.59
CA ALA F 227 63.90 -31.71 4.79
C ALA F 227 63.34 -32.46 5.99
N CYS F 228 62.20 -31.96 6.52
CA CYS F 228 61.55 -32.51 7.72
C CYS F 228 60.39 -33.39 7.42
N ARG F 229 60.22 -34.43 8.22
CA ARG F 229 59.07 -35.31 8.11
C ARG F 229 57.82 -34.60 8.64
N ASN F 230 57.97 -33.87 9.76
CA ASN F 230 56.85 -33.18 10.38
C ASN F 230 56.94 -31.67 10.23
N PHE F 231 57.58 -30.98 11.19
CA PHE F 231 57.67 -29.53 11.19
C PHE F 231 59.08 -29.01 11.28
N TYR F 232 59.29 -27.79 10.78
CA TYR F 232 60.57 -27.14 10.75
C TYR F 232 60.63 -25.94 11.69
N LEU F 233 61.71 -25.84 12.48
CA LEU F 233 61.94 -24.67 13.33
C LEU F 233 63.42 -24.43 13.55
N ASP F 234 63.90 -23.19 13.32
CA ASP F 234 65.29 -22.80 13.61
C ASP F 234 66.34 -23.85 13.26
N GLY F 235 66.36 -24.25 11.99
CA GLY F 235 67.32 -25.23 11.50
C GLY F 235 67.20 -26.60 12.13
N ARG F 236 66.01 -26.97 12.58
CA ARG F 236 65.78 -28.26 13.24
C ARG F 236 64.45 -28.86 12.84
N CYS F 237 64.40 -30.18 12.69
CA CYS F 237 63.17 -30.89 12.40
C CYS F 237 62.57 -31.40 13.69
N VAL F 238 61.33 -30.97 13.96
CA VAL F 238 60.57 -31.30 15.17
C VAL F 238 59.26 -32.02 14.87
N GLU F 239 58.82 -32.89 15.79
CA GLU F 239 57.58 -33.64 15.66
C GLU F 239 56.37 -32.74 15.74
N THR F 240 56.37 -31.83 16.71
CA THR F 240 55.35 -30.81 16.90
C THR F 240 56.03 -29.50 17.22
N CYS F 241 55.33 -28.39 16.96
CA CYS F 241 55.83 -27.05 17.27
C CYS F 241 55.76 -26.82 18.77
N PRO F 242 56.89 -26.45 19.39
CA PRO F 242 56.90 -26.14 20.82
C PRO F 242 56.37 -24.72 21.07
N PRO F 243 55.97 -24.46 22.32
CA PRO F 243 55.56 -23.11 22.70
C PRO F 243 56.76 -22.16 22.56
N PRO F 244 56.51 -20.91 22.18
CA PRO F 244 55.20 -20.29 21.90
C PRO F 244 54.82 -20.31 20.41
N TYR F 245 55.21 -21.35 19.65
CA TYR F 245 54.99 -21.39 18.20
C TYR F 245 53.75 -22.09 17.77
N TYR F 246 53.30 -21.82 16.55
CA TYR F 246 52.12 -22.39 15.93
C TYR F 246 52.45 -23.15 14.67
N HIS F 247 51.70 -24.23 14.40
CA HIS F 247 51.83 -25.04 13.18
C HIS F 247 51.24 -24.28 11.99
N PHE F 248 52.05 -24.08 10.93
CA PHE F 248 51.65 -23.32 9.75
C PHE F 248 51.88 -24.10 8.46
N GLN F 249 50.85 -24.11 7.60
CA GLN F 249 50.86 -24.73 6.27
C GLN F 249 51.34 -26.16 6.31
N ASP F 250 51.06 -26.83 7.44
CA ASP F 250 51.43 -28.23 7.72
C ASP F 250 52.94 -28.57 7.52
N TRP F 251 53.85 -27.58 7.71
CA TRP F 251 55.29 -27.88 7.58
C TRP F 251 56.23 -26.98 8.44
N ARG F 252 55.78 -25.79 8.86
CA ARG F 252 56.67 -24.98 9.68
C ARG F 252 56.03 -24.36 10.91
N CYS F 253 56.90 -23.94 11.85
CA CYS F 253 56.55 -23.30 13.11
C CYS F 253 56.72 -21.81 12.98
N VAL F 254 55.68 -21.08 13.33
CA VAL F 254 55.67 -19.63 13.24
C VAL F 254 55.20 -19.05 14.58
N ASN F 255 55.53 -17.79 14.83
CA ASN F 255 55.13 -17.14 16.08
C ASN F 255 53.82 -16.38 15.88
N PHE F 256 53.24 -15.95 16.99
CA PHE F 256 52.00 -15.21 16.98
C PHE F 256 52.02 -14.00 16.06
N SER F 257 53.12 -13.27 16.10
CA SER F 257 53.29 -12.03 15.38
C SER F 257 53.21 -12.23 13.87
N PHE F 258 53.74 -13.35 13.39
CA PHE F 258 53.68 -13.74 11.99
C PHE F 258 52.22 -13.99 11.57
N CYS F 259 51.50 -14.76 12.38
CA CYS F 259 50.10 -15.03 12.12
C CYS F 259 49.30 -13.74 12.14
N GLN F 260 49.67 -12.83 13.03
CA GLN F 260 49.01 -11.55 13.20
C GLN F 260 49.24 -10.67 11.98
N ASP F 261 50.48 -10.65 11.45
CA ASP F 261 50.80 -9.87 10.26
C ASP F 261 49.99 -10.32 9.05
N LEU F 262 49.86 -11.64 8.87
CA LEU F 262 49.04 -12.19 7.78
C LEU F 262 47.60 -11.71 7.89
N HIS F 263 47.05 -11.86 9.08
CA HIS F 263 45.68 -11.47 9.38
C HIS F 263 45.38 -10.03 9.03
N HIS F 264 46.30 -9.13 9.34
CA HIS F 264 45.94 -7.75 9.28
C HIS F 264 45.75 -7.16 7.89
N LYS F 265 44.49 -6.69 7.92
CA LYS F 265 43.62 -5.88 7.12
C LYS F 265 44.07 -5.78 5.70
N CYS F 266 43.86 -6.90 5.01
CA CYS F 266 44.05 -7.02 3.56
C CYS F 266 42.85 -6.30 2.87
N LYS F 267 42.78 -5.00 3.23
CA LYS F 267 41.83 -3.91 3.01
C LYS F 267 40.60 -4.37 2.27
N ASN F 268 40.73 -4.63 0.94
CA ASN F 268 39.63 -5.09 0.11
C ASN F 268 39.62 -6.62 0.02
N SER F 269 40.35 -7.17 -0.99
CA SER F 269 40.52 -8.53 -1.52
C SER F 269 40.12 -9.69 -0.58
N ARG F 270 38.80 -9.85 -0.39
CA ARG F 270 38.17 -10.93 0.38
C ARG F 270 38.15 -12.21 -0.48
N ARG F 271 37.82 -12.03 -1.79
CA ARG F 271 37.71 -13.05 -2.83
C ARG F 271 39.11 -13.35 -3.39
N GLN F 272 39.79 -14.33 -2.75
CA GLN F 272 41.11 -14.88 -3.07
C GLN F 272 42.27 -13.84 -3.01
N GLY F 273 42.60 -13.46 -1.80
CA GLY F 273 43.69 -12.51 -1.54
C GLY F 273 43.64 -11.94 -0.15
N CYS F 274 43.16 -12.73 0.85
CA CYS F 274 43.09 -12.27 2.25
C CYS F 274 43.00 -13.37 3.32
N HIS F 275 41.88 -14.16 3.37
CA HIS F 275 41.43 -15.14 4.38
C HIS F 275 41.16 -14.58 5.81
N GLN F 276 42.16 -13.82 6.33
CA GLN F 276 42.42 -13.28 7.67
C GLN F 276 42.69 -14.43 8.61
N TYR F 277 43.98 -14.76 8.78
CA TYR F 277 44.44 -15.91 9.57
C TYR F 277 44.02 -15.88 11.05
N VAL F 278 43.75 -17.06 11.61
CA VAL F 278 43.30 -17.23 12.99
C VAL F 278 44.10 -18.30 13.71
N ILE F 279 43.98 -18.34 15.04
CA ILE F 279 44.63 -19.36 15.86
C ILE F 279 43.58 -20.36 16.30
N HIS F 280 43.87 -21.64 16.10
CA HIS F 280 43.02 -22.72 16.58
C HIS F 280 43.85 -23.99 16.81
N ASN F 281 43.73 -24.60 18.02
CA ASN F 281 44.49 -25.80 18.40
C ASN F 281 45.99 -25.77 18.04
N ASN F 282 46.67 -24.66 18.37
CA ASN F 282 48.08 -24.43 18.09
C ASN F 282 48.44 -24.44 16.60
N LYS F 283 47.49 -24.06 15.77
CA LYS F 283 47.68 -23.91 14.35
C LYS F 283 47.31 -22.49 13.95
N CYS F 284 48.07 -21.91 13.02
CA CYS F 284 47.72 -20.64 12.41
C CYS F 284 47.06 -21.03 11.08
N ILE F 285 45.72 -20.83 10.99
CA ILE F 285 44.95 -21.26 9.83
C ILE F 285 44.14 -20.16 9.15
N PRO F 286 43.78 -20.40 7.86
CA PRO F 286 43.06 -19.39 7.07
C PRO F 286 41.75 -18.91 7.67
N GLU F 287 40.96 -19.82 8.24
CA GLU F 287 39.69 -19.45 8.84
C GLU F 287 39.25 -20.37 9.95
N CYS F 288 38.36 -19.88 10.82
CA CYS F 288 37.83 -20.68 11.91
C CYS F 288 37.07 -21.87 11.39
N PRO F 289 37.22 -23.05 12.02
CA PRO F 289 36.43 -24.21 11.61
C PRO F 289 34.97 -23.99 11.99
N SER F 290 34.11 -24.89 11.50
CA SER F 290 32.68 -24.83 11.75
C SER F 290 32.42 -24.97 13.25
N GLY F 291 31.53 -24.12 13.75
CA GLY F 291 31.18 -24.09 15.17
C GLY F 291 31.98 -23.09 15.97
N TYR F 292 32.96 -22.41 15.31
CA TYR F 292 33.84 -21.43 15.93
C TYR F 292 33.76 -20.09 15.26
N THR F 293 34.10 -19.06 16.02
CA THR F 293 34.16 -17.69 15.56
C THR F 293 35.36 -17.06 16.16
N MET F 294 35.80 -15.95 15.58
CA MET F 294 37.04 -15.39 16.00
C MET F 294 36.95 -14.23 17.00
N ASN F 295 37.39 -14.52 18.24
CA ASN F 295 37.66 -13.57 19.32
C ASN F 295 38.69 -12.62 18.72
N SER F 296 38.34 -11.35 18.63
CA SER F 296 39.03 -10.35 17.85
C SER F 296 40.36 -9.82 18.37
N SER F 297 40.51 -9.71 19.68
CA SER F 297 41.70 -9.08 20.22
C SER F 297 42.92 -9.96 20.28
N ASN F 298 42.74 -11.26 20.05
CA ASN F 298 43.80 -12.24 20.17
C ASN F 298 43.82 -13.32 19.09
N LEU F 299 43.05 -13.12 17.99
CA LEU F 299 42.96 -14.01 16.82
C LEU F 299 42.52 -15.42 17.13
N LEU F 300 42.02 -15.66 18.34
CA LEU F 300 41.71 -17.00 18.79
C LEU F 300 40.31 -17.48 18.49
N CYS F 301 40.20 -18.61 17.78
CA CYS F 301 38.89 -19.22 17.54
C CYS F 301 38.30 -19.74 18.86
N THR F 302 37.06 -19.32 19.15
CA THR F 302 36.28 -19.73 20.31
C THR F 302 34.96 -20.32 19.84
N PRO F 303 34.40 -21.31 20.54
CA PRO F 303 33.11 -21.91 20.11
C PRO F 303 31.97 -20.92 20.16
N CYS F 304 31.05 -21.04 19.21
CA CYS F 304 29.96 -20.10 19.07
C CYS F 304 28.91 -20.22 20.15
N LEU F 305 28.47 -19.05 20.70
CA LEU F 305 27.36 -18.94 21.64
C LEU F 305 26.12 -19.03 20.72
N GLY F 306 25.55 -20.22 20.65
CA GLY F 306 24.46 -20.52 19.73
C GLY F 306 25.02 -20.62 18.31
N PRO F 307 24.22 -20.19 17.29
CA PRO F 307 24.69 -20.24 15.89
C PRO F 307 25.75 -19.19 15.62
N CYS F 308 26.70 -19.52 14.75
CA CYS F 308 27.81 -18.64 14.44
C CYS F 308 27.39 -17.41 13.67
N PRO F 309 28.02 -16.25 13.98
CA PRO F 309 27.80 -15.06 13.18
C PRO F 309 28.17 -15.34 11.71
N LYS F 310 27.43 -14.71 10.82
CA LYS F 310 27.55 -14.92 9.41
C LYS F 310 27.81 -13.63 8.69
N VAL F 311 29.01 -13.52 8.13
CA VAL F 311 29.46 -12.36 7.39
C VAL F 311 29.10 -12.56 5.94
N CYS F 312 28.35 -11.62 5.40
CA CYS F 312 27.96 -11.65 4.00
C CYS F 312 28.68 -10.56 3.25
N HIS F 313 29.57 -10.98 2.34
CA HIS F 313 30.35 -10.05 1.52
C HIS F 313 29.59 -9.79 0.24
N LEU F 314 29.25 -8.53 0.01
CA LEU F 314 28.45 -8.17 -1.15
C LEU F 314 29.28 -7.98 -2.38
N LEU F 315 28.72 -8.37 -3.53
CA LEU F 315 29.33 -8.23 -4.85
C LEU F 315 29.44 -6.74 -5.15
N GLU F 316 30.65 -6.27 -5.49
CA GLU F 316 30.94 -4.85 -5.74
C GLU F 316 30.72 -3.98 -4.48
N GLY F 317 30.63 -4.58 -3.28
CA GLY F 317 30.43 -3.82 -2.06
C GLY F 317 29.05 -3.21 -1.91
N GLU F 318 28.08 -3.65 -2.73
CA GLU F 318 26.71 -3.15 -2.58
C GLU F 318 25.65 -4.17 -2.95
N LYS F 319 24.43 -3.92 -2.47
CA LYS F 319 23.28 -4.70 -2.81
C LYS F 319 22.07 -3.86 -2.65
N THR F 320 21.19 -3.91 -3.66
CA THR F 320 19.89 -3.25 -3.67
C THR F 320 18.82 -4.28 -3.29
N ILE F 321 18.03 -3.99 -2.25
CA ILE F 321 16.92 -4.82 -1.82
C ILE F 321 15.64 -4.15 -2.27
N ASP F 322 14.99 -4.76 -3.23
CA ASP F 322 13.77 -4.22 -3.81
C ASP F 322 12.60 -5.21 -3.75
N SER F 323 12.77 -6.31 -3.05
CA SER F 323 11.76 -7.36 -2.96
C SER F 323 12.04 -8.26 -1.81
N VAL F 324 11.06 -9.12 -1.47
CA VAL F 324 11.20 -10.14 -0.45
C VAL F 324 12.25 -11.13 -0.91
N THR F 325 12.22 -11.46 -2.21
CA THR F 325 13.18 -12.37 -2.78
C THR F 325 14.62 -11.90 -2.61
N SER F 326 14.94 -10.62 -2.90
CA SER F 326 16.31 -10.14 -2.73
C SER F 326 16.74 -10.10 -1.27
N ALA F 327 15.79 -9.74 -0.36
CA ALA F 327 16.03 -9.71 1.09
C ALA F 327 16.41 -11.09 1.61
N GLN F 328 15.72 -12.12 1.11
CA GLN F 328 15.98 -13.52 1.45
C GLN F 328 17.42 -13.91 1.21
N GLU F 329 18.05 -13.34 0.18
CA GLU F 329 19.45 -13.62 -0.14
C GLU F 329 20.39 -13.25 1.01
N LEU F 330 19.90 -12.47 1.98
CA LEU F 330 20.68 -12.06 3.13
C LEU F 330 20.25 -12.77 4.41
N ARG F 331 19.31 -13.71 4.31
CA ARG F 331 18.80 -14.46 5.47
C ARG F 331 19.96 -15.12 6.24
N GLY F 332 19.97 -14.95 7.55
CA GLY F 332 21.04 -15.47 8.39
C GLY F 332 22.24 -14.53 8.60
N CYS F 333 22.39 -13.49 7.74
CA CYS F 333 23.51 -12.54 7.86
C CYS F 333 23.45 -11.75 9.19
N THR F 334 24.60 -11.63 9.86
CA THR F 334 24.74 -10.84 11.09
C THR F 334 25.68 -9.65 10.84
N VAL F 335 26.52 -9.78 9.79
CA VAL F 335 27.45 -8.75 9.41
C VAL F 335 27.38 -8.57 7.90
N ILE F 336 27.21 -7.34 7.47
CA ILE F 336 27.26 -7.00 6.06
C ILE F 336 28.58 -6.31 5.79
N ASN F 337 29.32 -6.85 4.84
CA ASN F 337 30.54 -6.24 4.37
C ASN F 337 30.17 -5.62 3.04
N GLY F 338 29.94 -4.32 3.09
CA GLY F 338 29.42 -3.56 1.97
C GLY F 338 28.35 -2.61 2.44
N SER F 339 27.50 -2.18 1.50
CA SER F 339 26.47 -1.19 1.69
C SER F 339 25.13 -1.69 1.18
N LEU F 340 24.02 -1.27 1.82
CA LEU F 340 22.68 -1.68 1.39
C LEU F 340 21.88 -0.54 0.86
N ILE F 341 21.14 -0.78 -0.24
CA ILE F 341 20.21 0.19 -0.82
C ILE F 341 18.79 -0.43 -0.72
N ILE F 342 17.87 0.21 0.02
CA ILE F 342 16.50 -0.28 0.14
C ILE F 342 15.56 0.48 -0.79
N ASN F 343 14.91 -0.27 -1.72
CA ASN F 343 14.03 0.25 -2.76
C ASN F 343 12.75 -0.60 -2.87
N ILE F 344 11.93 -0.56 -1.83
CA ILE F 344 10.75 -1.41 -1.77
C ILE F 344 9.46 -0.63 -1.97
N ARG F 345 8.79 -0.86 -3.10
CA ARG F 345 7.59 -0.10 -3.49
C ARG F 345 6.26 -0.74 -3.15
N GLY F 346 6.23 -2.06 -3.01
CA GLY F 346 5.01 -2.75 -2.71
C GLY F 346 5.23 -4.17 -2.25
N GLY F 347 4.14 -4.84 -1.92
CA GLY F 347 4.13 -6.22 -1.45
C GLY F 347 3.19 -6.46 -0.28
N ASN F 348 3.36 -7.62 0.39
CA ASN F 348 2.51 -7.99 1.52
C ASN F 348 3.29 -8.56 2.69
N ASN F 349 2.85 -8.22 3.93
CA ASN F 349 3.42 -8.69 5.21
C ASN F 349 4.93 -8.41 5.25
N LEU F 350 5.30 -7.24 4.71
CA LEU F 350 6.67 -6.83 4.52
C LEU F 350 7.45 -6.67 5.78
N ALA F 351 6.84 -6.12 6.84
CA ALA F 351 7.54 -5.89 8.10
C ALA F 351 8.01 -7.19 8.70
N ALA F 352 7.19 -8.24 8.64
CA ALA F 352 7.54 -9.54 9.17
C ALA F 352 8.54 -10.24 8.26
N GLU F 353 8.27 -10.21 6.94
CA GLU F 353 9.18 -10.83 5.97
C GLU F 353 10.56 -10.19 6.01
N LEU F 354 10.62 -8.86 6.03
CA LEU F 354 11.88 -8.13 6.08
C LEU F 354 12.59 -8.35 7.40
N GLU F 355 11.84 -8.46 8.49
CA GLU F 355 12.46 -8.71 9.78
C GLU F 355 13.05 -10.12 9.83
N ALA F 356 12.36 -11.11 9.23
CA ALA F 356 12.86 -12.48 9.18
C ALA F 356 14.21 -12.61 8.45
N ASN F 357 14.38 -11.84 7.37
CA ASN F 357 15.56 -11.91 6.51
C ASN F 357 16.67 -10.93 6.84
N LEU F 358 16.30 -9.80 7.41
CA LEU F 358 17.25 -8.72 7.69
C LEU F 358 17.38 -8.37 9.18
N GLY F 359 16.52 -8.96 10.00
CA GLY F 359 16.45 -8.70 11.43
C GLY F 359 17.65 -9.11 12.22
N LEU F 360 18.54 -9.97 11.66
CA LEU F 360 19.76 -10.40 12.36
C LEU F 360 20.98 -9.56 12.07
N ILE F 361 20.90 -8.63 11.10
CA ILE F 361 22.05 -7.80 10.76
C ILE F 361 22.39 -6.88 11.92
N GLU F 362 23.61 -7.00 12.44
CA GLU F 362 24.06 -6.19 13.57
C GLU F 362 24.96 -5.06 13.12
N GLU F 363 25.64 -5.25 11.99
CA GLU F 363 26.61 -4.30 11.50
C GLU F 363 26.58 -4.23 9.98
N ILE F 364 26.82 -3.03 9.45
CA ILE F 364 26.99 -2.74 8.03
C ILE F 364 28.28 -1.95 7.95
N SER F 365 29.29 -2.45 7.20
CA SER F 365 30.58 -1.75 7.12
C SER F 365 30.60 -0.48 6.26
N GLY F 366 29.69 -0.38 5.30
CA GLY F 366 29.62 0.77 4.40
C GLY F 366 28.53 1.73 4.83
N TYR F 367 27.58 1.99 3.94
CA TYR F 367 26.47 2.91 4.17
C TYR F 367 25.14 2.21 4.04
N LEU F 368 24.10 2.89 4.47
CA LEU F 368 22.74 2.41 4.35
C LEU F 368 21.92 3.50 3.66
N LYS F 369 21.25 3.15 2.58
CA LYS F 369 20.51 4.11 1.80
C LYS F 369 19.08 3.61 1.66
N ILE F 370 18.10 4.45 2.00
CA ILE F 370 16.67 4.13 1.83
C ILE F 370 16.16 5.15 0.84
N ARG F 371 15.68 4.67 -0.31
CA ARG F 371 15.28 5.56 -1.39
C ARG F 371 14.09 5.04 -2.20
N ARG F 372 13.05 5.88 -2.37
CA ARG F 372 11.84 5.54 -3.12
C ARG F 372 11.16 4.26 -2.60
N SER F 373 11.38 3.96 -1.30
CA SER F 373 10.76 2.81 -0.65
C SER F 373 9.39 3.23 -0.16
N TYR F 374 8.50 3.34 -1.12
CA TYR F 374 7.15 3.79 -0.92
C TYR F 374 6.39 2.96 0.12
N ALA F 375 6.61 1.64 0.12
CA ALA F 375 5.91 0.74 1.03
C ALA F 375 6.27 0.83 2.52
N LEU F 376 7.44 1.41 2.88
CA LEU F 376 7.89 1.40 4.28
C LEU F 376 7.37 2.51 5.17
N VAL F 377 6.92 2.09 6.35
CA VAL F 377 6.43 2.99 7.38
C VAL F 377 7.48 3.09 8.49
N SER F 378 8.33 2.08 8.62
CA SER F 378 9.37 2.04 9.64
C SER F 378 10.58 1.27 9.16
N LEU F 379 11.75 1.52 9.76
CA LEU F 379 12.97 0.76 9.48
C LEU F 379 13.24 -0.23 10.62
N SER F 380 12.22 -0.47 11.48
CA SER F 380 12.37 -1.30 12.68
C SER F 380 12.62 -2.76 12.37
N PHE F 381 12.25 -3.22 11.14
CA PHE F 381 12.56 -4.58 10.66
C PHE F 381 14.07 -4.86 10.78
N PHE F 382 14.94 -3.82 10.75
CA PHE F 382 16.38 -3.97 11.00
C PHE F 382 16.57 -4.07 12.53
N ARG F 383 15.97 -5.11 13.14
CA ARG F 383 15.84 -5.29 14.59
C ARG F 383 17.15 -5.25 15.37
N LYS F 384 18.20 -5.82 14.83
CA LYS F 384 19.46 -5.91 15.54
C LYS F 384 20.55 -4.98 15.05
N LEU F 385 20.21 -4.07 14.11
CA LEU F 385 21.23 -3.18 13.56
C LEU F 385 21.74 -2.17 14.59
N ARG F 386 23.00 -2.29 15.00
CA ARG F 386 23.57 -1.43 16.04
C ARG F 386 24.75 -0.60 15.52
N LEU F 387 25.35 -0.99 14.39
CA LEU F 387 26.48 -0.28 13.87
C LEU F 387 26.47 -0.11 12.36
N ILE F 388 26.75 1.11 11.92
CA ILE F 388 27.04 1.47 10.53
C ILE F 388 28.42 2.12 10.59
N ARG F 389 29.42 1.52 9.96
CA ARG F 389 30.78 2.02 10.07
C ARG F 389 31.09 3.18 9.16
N GLY F 390 30.47 3.21 7.99
CA GLY F 390 30.76 4.25 7.01
C GLY F 390 32.15 4.14 6.43
N GLU F 391 32.70 2.90 6.31
CA GLU F 391 34.03 2.67 5.70
C GLU F 391 33.96 3.01 4.22
N THR F 392 32.74 2.91 3.65
CA THR F 392 32.40 3.36 2.32
C THR F 392 31.19 4.26 2.48
N LEU F 393 31.11 5.29 1.64
CA LEU F 393 30.05 6.28 1.72
C LEU F 393 29.45 6.58 0.36
N GLU F 394 28.20 7.04 0.39
CA GLU F 394 27.51 7.49 -0.82
C GLU F 394 28.12 8.83 -1.21
N ILE F 395 28.24 9.11 -2.51
CA ILE F 395 28.81 10.38 -2.96
C ILE F 395 28.21 11.58 -2.18
N GLY F 396 29.11 12.40 -1.65
CA GLY F 396 28.74 13.47 -0.73
C GLY F 396 29.05 13.08 0.70
N ASN F 397 29.76 11.96 0.89
CA ASN F 397 30.21 11.45 2.19
C ASN F 397 29.07 11.15 3.15
N TYR F 398 28.04 10.44 2.68
CA TYR F 398 26.92 10.01 3.50
C TYR F 398 26.97 8.53 3.83
N SER F 399 26.80 8.23 5.12
CA SER F 399 26.73 6.86 5.66
C SER F 399 25.30 6.42 5.90
N PHE F 400 24.37 7.38 6.01
CA PHE F 400 22.92 7.10 6.14
C PHE F 400 22.16 8.10 5.27
N TYR F 401 21.38 7.61 4.33
CA TYR F 401 20.75 8.46 3.33
C TYR F 401 19.31 8.06 3.11
N ALA F 402 18.38 8.99 3.35
CA ALA F 402 16.96 8.72 3.19
C ALA F 402 16.34 9.76 2.25
N LEU F 403 15.85 9.28 1.09
CA LEU F 403 15.33 10.13 0.07
C LEU F 403 14.04 9.61 -0.52
N ASP F 404 13.02 10.48 -0.54
CA ASP F 404 11.75 10.21 -1.22
C ASP F 404 11.07 8.92 -0.78
N ASN F 405 10.85 8.83 0.52
CA ASN F 405 10.13 7.72 1.14
C ASN F 405 8.81 8.28 1.65
N GLN F 406 7.77 8.09 0.86
CA GLN F 406 6.51 8.79 1.06
C GLN F 406 5.69 8.41 2.30
N ASN F 407 5.92 7.23 2.89
CA ASN F 407 5.15 6.80 4.07
C ASN F 407 5.99 6.56 5.32
N LEU F 408 7.28 6.86 5.24
CA LEU F 408 8.16 6.61 6.36
C LEU F 408 7.84 7.52 7.53
N ARG F 409 7.39 6.93 8.65
CA ARG F 409 7.01 7.63 9.88
C ARG F 409 7.97 7.35 11.03
N GLN F 410 8.73 6.24 10.94
CA GLN F 410 9.66 5.87 11.99
C GLN F 410 10.96 5.36 11.41
N LEU F 411 12.05 5.67 12.06
CA LEU F 411 13.34 5.11 11.73
C LEU F 411 13.40 3.88 12.64
N TRP F 412 13.94 4.03 13.83
CA TRP F 412 13.82 3.03 14.87
C TRP F 412 13.16 3.70 16.07
N ASP F 413 12.65 2.89 17.00
CA ASP F 413 12.10 3.42 18.25
C ASP F 413 13.27 3.79 19.13
N TRP F 414 13.57 5.09 19.24
CA TRP F 414 14.76 5.55 19.94
C TRP F 414 14.65 5.46 21.46
N SER F 415 13.51 5.00 21.97
CA SER F 415 13.40 4.74 23.39
C SER F 415 14.11 3.40 23.71
N LYS F 416 14.11 2.45 22.75
CA LYS F 416 14.72 1.12 22.92
C LYS F 416 15.99 0.89 22.12
N HIS F 417 16.03 1.35 20.88
CA HIS F 417 17.12 1.03 19.97
C HIS F 417 18.34 1.92 20.05
N ASN F 418 19.52 1.32 20.07
CA ASN F 418 20.76 2.06 19.97
C ASN F 418 21.42 1.76 18.62
N LEU F 419 21.82 2.81 17.90
CA LEU F 419 22.52 2.70 16.63
C LEU F 419 23.70 3.64 16.63
N THR F 420 24.88 3.13 16.29
CA THR F 420 26.10 3.93 16.21
C THR F 420 26.55 4.06 14.74
N ILE F 421 26.95 5.29 14.35
CA ILE F 421 27.45 5.58 13.01
C ILE F 421 28.85 6.16 13.16
N THR F 422 29.85 5.33 12.92
CA THR F 422 31.24 5.70 13.14
C THR F 422 31.67 6.92 12.33
N GLN F 423 31.49 6.87 11.01
CA GLN F 423 31.91 7.92 10.07
C GLN F 423 30.78 8.30 9.16
N GLY F 424 30.96 9.40 8.42
CA GLY F 424 30.04 9.91 7.41
C GLY F 424 28.90 10.74 7.93
N LYS F 425 28.16 11.37 7.01
CA LYS F 425 27.03 12.23 7.33
C LYS F 425 25.67 11.62 7.05
N LEU F 426 24.61 12.35 7.50
CA LEU F 426 23.22 11.99 7.28
C LEU F 426 22.65 12.86 6.17
N PHE F 427 21.72 12.27 5.43
CA PHE F 427 21.00 12.93 4.37
C PHE F 427 19.54 12.59 4.54
N PHE F 428 18.66 13.61 4.59
CA PHE F 428 17.22 13.41 4.67
C PHE F 428 16.54 14.43 3.79
N HIS F 429 15.85 13.96 2.75
CA HIS F 429 15.07 14.81 1.88
C HIS F 429 13.89 14.04 1.39
N TYR F 430 12.75 14.71 1.27
CA TYR F 430 11.51 14.16 0.74
C TYR F 430 11.00 12.92 1.50
N ASN F 431 10.97 13.05 2.83
CA ASN F 431 10.37 12.08 3.74
C ASN F 431 9.17 12.81 4.40
N PRO F 432 8.03 12.96 3.67
CA PRO F 432 6.92 13.82 4.16
C PRO F 432 6.24 13.44 5.45
N LYS F 433 6.33 12.17 5.85
CA LYS F 433 5.66 11.73 7.07
C LYS F 433 6.61 11.52 8.22
N LEU F 434 7.87 11.94 8.05
CA LEU F 434 8.89 11.74 9.06
C LEU F 434 9.23 13.04 9.76
N CYS F 435 8.83 13.17 11.03
CA CYS F 435 9.11 14.35 11.83
C CYS F 435 10.56 14.56 12.04
N LEU F 436 10.96 15.84 12.00
CA LEU F 436 12.34 16.24 12.25
C LEU F 436 12.82 15.82 13.62
N SER F 437 11.90 15.65 14.60
CA SER F 437 12.27 15.18 15.95
C SER F 437 12.90 13.80 15.90
N GLU F 438 12.35 12.89 15.07
CA GLU F 438 12.91 11.54 14.85
C GLU F 438 14.31 11.59 14.25
N ILE F 439 14.51 12.50 13.30
CA ILE F 439 15.81 12.69 12.68
C ILE F 439 16.78 13.24 13.72
N HIS F 440 16.36 14.27 14.46
CA HIS F 440 17.17 14.89 15.52
C HIS F 440 17.51 13.90 16.64
N LYS F 441 16.55 13.03 17.00
CA LYS F 441 16.82 11.95 17.96
C LYS F 441 17.92 11.03 17.40
N MET F 442 17.83 10.65 16.10
CA MET F 442 18.81 9.78 15.46
C MET F 442 20.20 10.39 15.54
N GLU F 443 20.34 11.70 15.25
CA GLU F 443 21.63 12.40 15.34
C GLU F 443 22.22 12.22 16.72
N GLU F 444 21.37 12.39 17.76
CA GLU F 444 21.78 12.27 19.16
C GLU F 444 22.25 10.86 19.46
N VAL F 445 21.40 9.87 19.21
CA VAL F 445 21.73 8.48 19.46
C VAL F 445 22.98 8.00 18.73
N SER F 446 23.10 8.33 17.44
CA SER F 446 24.13 7.78 16.56
C SER F 446 25.52 8.40 16.65
N GLY F 447 25.59 9.59 17.25
CA GLY F 447 26.82 10.33 17.39
C GLY F 447 27.16 11.10 16.13
N THR F 461 11.13 19.52 3.79
CA THR F 461 10.67 18.32 3.08
C THR F 461 10.68 17.05 3.93
N ASN F 462 10.96 17.22 5.22
CA ASN F 462 10.88 16.16 6.21
C ASN F 462 9.76 16.46 7.21
N GLY F 463 8.68 15.68 7.17
CA GLY F 463 7.56 15.86 8.09
C GLY F 463 6.49 16.83 7.64
N ASP F 464 6.69 17.50 6.50
CA ASP F 464 5.73 18.51 5.99
C ASP F 464 4.30 18.02 5.85
N GLN F 465 4.07 16.71 5.66
CA GLN F 465 2.72 16.18 5.54
C GLN F 465 2.27 15.48 6.84
N ALA F 466 2.98 15.72 7.95
CA ALA F 466 2.65 15.13 9.24
C ALA F 466 2.50 16.18 10.33
N SER F 467 1.55 16.01 11.24
CA SER F 467 1.44 16.83 12.41
C SER F 467 1.89 15.84 13.45
N CYS F 468 2.90 16.21 14.23
CA CYS F 468 3.64 15.30 15.08
C CYS F 468 3.26 15.30 16.55
N GLU F 469 2.29 14.39 16.87
CA GLU F 469 1.57 14.07 18.12
C GLU F 469 0.65 15.23 18.64
N ASN F 470 1.25 16.43 19.01
CA ASN F 470 0.69 17.70 19.50
C ASN F 470 -0.23 17.64 20.74
N GLU F 471 -1.55 17.57 20.50
CA GLU F 471 -2.52 17.63 21.57
C GLU F 471 -2.86 16.24 22.15
N LEU F 472 -3.46 16.25 23.35
CA LEU F 472 -3.90 15.05 24.06
C LEU F 472 -5.42 14.96 24.23
N LEU F 473 -6.00 13.87 23.70
CA LEU F 473 -7.40 13.56 23.89
C LEU F 473 -7.44 12.71 25.14
N LYS F 474 -8.42 12.93 26.04
CA LYS F 474 -8.54 12.12 27.26
C LYS F 474 -9.86 11.34 27.28
N PHE F 475 -9.88 10.11 27.86
CA PHE F 475 -11.12 9.36 27.88
C PHE F 475 -12.02 9.83 28.99
N SER F 476 -13.22 10.26 28.62
CA SER F 476 -14.15 10.75 29.61
C SER F 476 -14.96 9.59 30.16
N TYR F 477 -15.07 8.46 29.40
CA TYR F 477 -15.83 7.30 29.88
C TYR F 477 -15.33 5.98 29.35
N ILE F 478 -15.33 4.96 30.23
CA ILE F 478 -14.93 3.59 29.93
C ILE F 478 -15.92 2.61 30.60
N ARG F 479 -16.46 1.64 29.79
CA ARG F 479 -17.37 0.59 30.24
C ARG F 479 -17.08 -0.78 29.68
N THR F 480 -16.86 -1.73 30.58
CA THR F 480 -16.61 -3.10 30.18
C THR F 480 -17.86 -3.95 30.28
N SER F 481 -17.90 -5.02 29.44
CA SER F 481 -18.84 -6.14 29.29
C SER F 481 -17.91 -7.30 29.06
N PHE F 482 -18.37 -8.54 29.19
CA PHE F 482 -17.41 -9.61 28.91
C PHE F 482 -16.96 -9.53 27.43
N ASP F 483 -17.89 -9.20 26.51
CA ASP F 483 -17.64 -9.15 25.06
C ASP F 483 -17.49 -7.77 24.46
N LYS F 484 -17.82 -6.71 25.22
CA LYS F 484 -17.81 -5.33 24.72
C LYS F 484 -17.01 -4.34 25.59
N ILE F 485 -16.70 -3.16 25.02
CA ILE F 485 -16.02 -2.03 25.66
C ILE F 485 -16.70 -0.78 25.06
N LEU F 486 -17.19 0.12 25.91
CA LEU F 486 -17.82 1.36 25.44
C LEU F 486 -16.92 2.46 25.91
N LEU F 487 -16.55 3.37 25.03
CA LEU F 487 -15.66 4.47 25.39
C LEU F 487 -16.20 5.79 24.96
N ARG F 488 -15.81 6.84 25.67
CA ARG F 488 -16.07 8.21 25.29
C ARG F 488 -14.78 8.96 25.47
N TRP F 489 -14.65 10.07 24.79
CA TRP F 489 -13.45 10.86 24.93
C TRP F 489 -13.72 12.27 24.52
N GLU F 490 -12.86 13.18 24.98
CA GLU F 490 -12.88 14.60 24.70
C GLU F 490 -13.21 14.90 23.25
N PRO F 491 -14.00 15.96 23.02
CA PRO F 491 -14.30 16.36 21.64
C PRO F 491 -13.15 17.21 21.14
N TYR F 492 -12.76 17.07 19.87
CA TYR F 492 -11.66 17.92 19.48
C TYR F 492 -12.14 19.10 18.64
N TRP F 493 -11.60 20.27 18.96
CA TRP F 493 -11.91 21.52 18.29
C TRP F 493 -10.64 22.25 17.94
N PRO F 494 -10.38 22.38 16.63
CA PRO F 494 -9.18 23.11 16.17
C PRO F 494 -9.32 24.64 16.43
N PRO F 495 -8.32 25.52 16.14
CA PRO F 495 -8.50 26.97 16.37
C PRO F 495 -9.83 27.49 15.84
N ASP F 496 -10.02 27.52 14.49
CA ASP F 496 -11.28 27.89 13.87
C ASP F 496 -12.03 26.56 13.92
N PHE F 497 -12.89 26.41 14.95
CA PHE F 497 -13.68 25.21 15.28
C PHE F 497 -14.44 24.61 14.12
N ARG F 498 -14.68 25.41 13.09
CA ARG F 498 -15.33 25.03 11.86
C ARG F 498 -14.82 23.66 11.31
N ASP F 499 -15.69 23.03 10.48
CA ASP F 499 -15.51 21.79 9.73
C ASP F 499 -14.69 20.71 10.45
N LEU F 500 -15.17 20.22 11.56
CA LEU F 500 -14.47 19.11 12.19
C LEU F 500 -14.96 17.81 11.51
N LEU F 501 -14.02 17.04 10.92
CA LEU F 501 -14.38 15.78 10.27
C LEU F 501 -13.37 14.62 10.56
N GLY F 502 -13.78 13.80 11.55
CA GLY F 502 -13.24 12.51 11.97
C GLY F 502 -12.34 12.21 13.16
N PHE F 503 -12.56 11.01 13.70
CA PHE F 503 -11.75 10.37 14.73
C PHE F 503 -11.36 8.97 14.21
N MET F 504 -10.33 8.37 14.82
CA MET F 504 -9.87 7.05 14.46
C MET F 504 -9.47 6.30 15.71
N LEU F 505 -10.17 5.20 16.02
CA LEU F 505 -9.93 4.38 17.20
C LEU F 505 -9.20 3.07 16.87
N PHE F 506 -8.12 2.84 17.59
CA PHE F 506 -7.28 1.69 17.39
C PHE F 506 -7.29 0.82 18.61
N TYR F 507 -7.48 -0.48 18.41
CA TYR F 507 -7.47 -1.45 19.48
C TYR F 507 -6.88 -2.77 19.06
N LYS F 508 -6.03 -3.35 19.89
CA LYS F 508 -5.49 -4.68 19.64
C LYS F 508 -5.47 -5.41 20.95
N GLU F 509 -5.51 -6.73 20.86
CA GLU F 509 -5.38 -7.60 21.99
C GLU F 509 -3.91 -7.41 22.39
N ALA F 510 -3.68 -7.05 23.65
CA ALA F 510 -2.33 -6.80 24.10
C ALA F 510 -2.02 -7.52 25.41
N PRO F 511 -0.72 -7.89 25.61
CA PRO F 511 -0.34 -8.46 26.91
C PRO F 511 -0.11 -7.25 27.82
N TYR F 512 1.10 -7.09 28.33
CA TYR F 512 1.39 -5.94 29.16
C TYR F 512 2.40 -5.08 28.46
N GLN F 513 2.31 -3.77 28.77
CA GLN F 513 3.12 -2.59 28.45
C GLN F 513 3.50 -2.35 27.03
N ASN F 514 4.20 -3.35 26.44
CA ASN F 514 4.91 -3.27 25.18
C ASN F 514 3.98 -3.21 23.96
N VAL F 515 3.43 -1.99 23.76
CA VAL F 515 2.53 -1.58 22.67
C VAL F 515 2.85 -0.14 22.13
N THR F 516 3.02 0.02 20.78
CA THR F 516 3.32 1.31 20.13
C THR F 516 2.49 1.54 18.82
N GLU F 517 2.25 2.84 18.42
CA GLU F 517 1.44 3.26 17.25
C GLU F 517 2.02 2.78 15.96
N PHE F 518 3.33 2.99 15.83
CA PHE F 518 4.18 2.67 14.70
C PHE F 518 4.69 1.22 14.88
N ASP F 519 3.74 0.31 15.15
CA ASP F 519 4.00 -1.10 15.43
C ASP F 519 3.74 -2.01 14.25
N GLY F 520 4.72 -2.90 14.01
CA GLY F 520 4.72 -3.92 12.95
C GLY F 520 4.13 -3.53 11.62
N GLN F 521 4.56 -2.36 11.10
CA GLN F 521 4.19 -1.68 9.86
C GLN F 521 2.82 -2.10 9.28
N ASP F 522 1.80 -1.26 9.56
CA ASP F 522 0.42 -1.41 9.08
C ASP F 522 0.41 -1.35 7.53
N ALA F 523 1.37 -0.55 6.95
CA ALA F 523 1.67 -0.25 5.54
C ALA F 523 0.43 -0.40 4.68
N CYS F 524 0.44 -1.30 3.70
CA CYS F 524 -0.76 -1.57 2.91
C CYS F 524 -1.00 -3.08 2.73
N GLY F 525 -1.92 -3.58 3.56
CA GLY F 525 -2.32 -4.98 3.56
C GLY F 525 -2.45 -5.48 4.97
N SER F 526 -1.76 -6.60 5.26
CA SER F 526 -1.71 -7.26 6.57
C SER F 526 -1.39 -6.21 7.64
N ASN F 527 -2.33 -6.02 8.57
CA ASN F 527 -2.27 -5.01 9.62
C ASN F 527 -2.05 -5.54 11.03
N SER F 528 -1.37 -4.72 11.84
CA SER F 528 -1.06 -5.01 13.22
C SER F 528 -2.08 -4.36 14.15
N TRP F 529 -3.00 -3.53 13.60
CA TRP F 529 -4.00 -2.82 14.39
C TRP F 529 -5.42 -2.87 13.86
N THR F 530 -6.40 -3.11 14.78
CA THR F 530 -7.83 -3.11 14.48
C THR F 530 -8.19 -1.62 14.53
N VAL F 531 -8.86 -1.15 13.49
CA VAL F 531 -9.12 0.26 13.30
C VAL F 531 -10.57 0.60 13.03
N VAL F 532 -11.05 1.67 13.68
CA VAL F 532 -12.43 2.14 13.51
C VAL F 532 -12.44 3.63 13.13
N ASP F 533 -13.23 3.96 12.12
CA ASP F 533 -13.45 5.31 11.67
C ASP F 533 -14.65 5.83 12.40
N ILE F 534 -14.47 6.88 13.18
CA ILE F 534 -15.56 7.43 13.98
C ILE F 534 -15.98 8.78 13.40
N ASP F 535 -17.26 8.87 12.98
CA ASP F 535 -17.84 10.09 12.40
C ASP F 535 -17.72 11.28 13.37
N PRO F 536 -17.37 12.50 12.89
CA PRO F 536 -17.30 13.66 13.80
C PRO F 536 -18.65 13.97 14.46
N PRO F 537 -18.69 14.34 15.77
CA PRO F 537 -19.99 14.58 16.42
C PRO F 537 -20.70 15.86 15.98
N LEU F 538 -21.95 16.05 16.46
CA LEU F 538 -22.76 17.25 16.20
C LEU F 538 -22.77 18.05 17.50
N ARG F 539 -22.14 19.25 17.46
CA ARG F 539 -21.93 20.16 18.59
C ARG F 539 -23.18 20.47 19.49
N SER F 540 -24.40 20.72 18.92
CA SER F 540 -25.68 21.08 19.63
C SER F 540 -25.57 22.34 20.57
N ASN F 541 -25.08 23.48 19.99
CA ASN F 541 -24.87 24.85 20.51
C ASN F 541 -23.50 25.05 21.23
N ASP F 542 -23.36 26.12 22.02
CA ASP F 542 -22.13 26.44 22.75
C ASP F 542 -22.21 26.00 24.22
N PRO F 543 -23.32 26.26 24.97
CA PRO F 543 -23.41 25.78 26.36
C PRO F 543 -23.83 24.31 26.43
N LYS F 544 -22.88 23.42 26.81
CA LYS F 544 -22.98 21.94 26.89
C LYS F 544 -23.00 21.32 25.47
N SER F 545 -21.82 21.40 24.83
CA SER F 545 -21.51 20.90 23.49
C SER F 545 -20.63 19.65 23.48
N GLN F 546 -20.31 19.11 24.71
CA GLN F 546 -19.52 17.89 24.91
C GLN F 546 -20.42 16.66 24.67
N ASN F 547 -20.81 16.47 23.41
CA ASN F 547 -21.56 15.28 23.09
C ASN F 547 -20.54 14.25 22.62
N HIS F 548 -19.58 14.07 23.56
CA HIS F 548 -18.41 13.23 23.54
C HIS F 548 -18.46 12.10 22.58
N PRO F 549 -17.58 12.18 21.59
CA PRO F 549 -17.49 11.10 20.63
C PRO F 549 -17.16 9.80 21.36
N GLY F 550 -17.76 8.72 20.92
CA GLY F 550 -17.49 7.44 21.52
C GLY F 550 -17.57 6.28 20.57
N TRP F 551 -17.42 5.08 21.10
CA TRP F 551 -17.50 3.87 20.29
C TRP F 551 -17.81 2.65 21.12
N LEU F 552 -18.55 1.72 20.55
CA LEU F 552 -18.90 0.46 21.20
C LEU F 552 -18.12 -0.63 20.49
N MET F 553 -17.15 -1.18 21.19
CA MET F 553 -16.34 -2.25 20.67
C MET F 553 -17.09 -3.50 20.96
N ARG F 554 -17.25 -4.33 19.97
CA ARG F 554 -17.96 -5.57 20.13
C ARG F 554 -16.95 -6.55 19.55
N GLY F 555 -17.25 -7.84 19.55
CA GLY F 555 -16.40 -8.88 18.97
C GLY F 555 -15.08 -9.11 19.69
N LEU F 556 -15.05 -8.83 20.98
CA LEU F 556 -13.89 -8.97 21.85
C LEU F 556 -14.02 -10.29 22.61
N LYS F 557 -12.85 -10.89 22.89
CA LYS F 557 -12.71 -12.12 23.67
C LYS F 557 -12.91 -11.73 25.15
N PRO F 558 -13.49 -12.57 26.01
CA PRO F 558 -13.60 -12.18 27.43
C PRO F 558 -12.31 -12.40 28.22
N TRP F 559 -12.13 -11.64 29.31
CA TRP F 559 -10.93 -11.68 30.18
C TRP F 559 -9.69 -11.45 29.31
N THR F 560 -9.74 -10.40 28.46
CA THR F 560 -8.68 -10.04 27.51
C THR F 560 -8.28 -8.57 27.59
N GLN F 561 -6.98 -8.29 27.67
CA GLN F 561 -6.46 -6.93 27.74
C GLN F 561 -6.33 -6.35 26.36
N TYR F 562 -6.86 -5.15 26.19
CA TYR F 562 -6.84 -4.44 24.93
C TYR F 562 -6.12 -3.13 25.00
N ALA F 563 -5.17 -2.97 24.07
CA ALA F 563 -4.47 -1.71 23.88
C ALA F 563 -5.41 -0.94 23.00
N ILE F 564 -5.71 0.30 23.41
CA ILE F 564 -6.68 1.19 22.80
C ILE F 564 -6.14 2.60 22.85
N PHE F 565 -6.44 3.39 21.79
CA PHE F 565 -6.13 4.81 21.65
C PHE F 565 -6.87 5.40 20.47
N VAL F 566 -7.23 6.69 20.59
CA VAL F 566 -7.94 7.50 19.61
C VAL F 566 -7.02 8.58 19.00
N LYS F 567 -7.32 9.00 17.76
CA LYS F 567 -6.56 9.96 16.98
C LYS F 567 -7.56 10.83 16.21
N THR F 568 -7.23 12.09 16.01
CA THR F 568 -8.09 12.95 15.20
C THR F 568 -7.55 12.97 13.77
N LEU F 569 -8.43 12.77 12.76
CA LEU F 569 -7.99 12.76 11.35
C LEU F 569 -7.09 13.98 10.90
N VAL F 570 -5.92 13.65 10.30
CA VAL F 570 -4.81 14.47 9.72
C VAL F 570 -5.24 15.72 8.86
N THR F 571 -5.30 16.93 9.48
CA THR F 571 -5.80 18.16 8.84
C THR F 571 -4.72 19.18 8.46
N PHE F 572 -4.66 19.49 7.16
CA PHE F 572 -3.80 20.54 6.63
C PHE F 572 -4.48 21.83 7.14
N SER F 573 -3.88 22.47 8.16
CA SER F 573 -4.45 23.67 8.79
C SER F 573 -4.06 24.98 8.11
N ASP F 574 -4.85 26.05 8.36
CA ASP F 574 -4.61 27.39 7.84
C ASP F 574 -3.61 28.05 8.79
N GLU F 575 -2.47 28.50 8.21
CA GLU F 575 -1.26 29.05 8.86
C GLU F 575 -0.46 27.92 9.58
N ARG F 576 -0.07 28.07 10.87
CA ARG F 576 0.69 27.06 11.62
C ARG F 576 -0.13 25.78 11.71
N ARG F 577 0.15 24.85 10.78
CA ARG F 577 -0.54 23.58 10.51
C ARG F 577 -0.48 22.52 11.64
N THR F 578 -1.65 21.99 12.03
CA THR F 578 -1.82 20.95 13.05
C THR F 578 -2.94 20.03 12.61
N TYR F 579 -2.77 18.70 12.83
CA TYR F 579 -3.80 17.66 12.58
C TYR F 579 -4.68 17.65 13.83
N GLY F 580 -3.99 17.81 14.99
CA GLY F 580 -4.56 17.87 16.32
C GLY F 580 -4.05 17.00 17.45
N ALA F 581 -4.92 16.06 17.87
CA ALA F 581 -4.73 15.25 19.07
C ALA F 581 -4.92 13.75 18.94
N LYS F 582 -4.12 13.02 19.71
CA LYS F 582 -4.23 11.59 19.89
C LYS F 582 -4.33 11.36 21.40
N SER F 583 -5.06 10.30 21.81
CA SER F 583 -5.22 9.93 23.21
C SER F 583 -4.02 9.10 23.52
N ASP F 584 -3.83 8.81 24.77
CA ASP F 584 -2.74 7.97 25.19
C ASP F 584 -3.20 6.50 25.05
N ILE F 585 -2.26 5.55 25.10
CA ILE F 585 -2.63 4.13 25.02
C ILE F 585 -3.14 3.68 26.37
N ILE F 586 -4.37 3.29 26.38
CA ILE F 586 -4.95 2.80 27.58
C ILE F 586 -5.10 1.29 27.38
N TYR F 587 -4.99 0.51 28.45
CA TYR F 587 -5.21 -0.92 28.39
C TYR F 587 -6.52 -1.12 29.10
N VAL F 588 -7.40 -1.88 28.45
CA VAL F 588 -8.74 -2.17 28.99
C VAL F 588 -8.97 -3.68 28.95
N GLN F 589 -9.26 -4.29 30.10
CA GLN F 589 -9.46 -5.73 30.12
C GLN F 589 -10.94 -6.05 30.18
N THR F 590 -11.43 -6.79 29.16
CA THR F 590 -12.81 -7.26 29.13
C THR F 590 -13.10 -8.03 30.39
N ASP F 591 -14.36 -8.15 30.72
CA ASP F 591 -14.76 -8.87 31.92
C ASP F 591 -14.47 -10.34 31.72
N ALA F 592 -14.27 -11.03 32.89
CA ALA F 592 -14.11 -12.45 33.18
C ALA F 592 -15.19 -12.80 34.18
N THR F 593 -15.17 -14.09 34.60
CA THR F 593 -16.04 -14.81 35.56
C THR F 593 -16.13 -14.09 36.93
N THR F 594 -17.26 -14.16 37.68
CA THR F 594 -17.25 -13.56 39.04
C THR F 594 -16.55 -14.59 39.85
N PHE F 595 -15.89 -14.18 40.93
CA PHE F 595 -15.31 -15.19 41.79
C PHE F 595 -16.39 -16.27 42.06
N GLU F 596 -17.56 -15.81 42.52
CA GLU F 596 -18.74 -16.60 42.84
C GLU F 596 -18.93 -17.66 41.72
N ASP F 597 -18.87 -17.20 40.47
CA ASP F 597 -19.06 -18.04 39.31
C ASP F 597 -17.90 -18.96 39.02
N TYR F 598 -16.68 -18.63 39.44
CA TYR F 598 -15.59 -19.57 39.25
C TYR F 598 -15.90 -20.76 40.17
N LEU F 599 -16.28 -20.42 41.44
CA LEU F 599 -16.60 -21.31 42.55
C LEU F 599 -17.63 -22.30 42.18
N HIS F 600 -18.78 -21.82 41.72
CA HIS F 600 -19.88 -22.64 41.31
C HIS F 600 -19.40 -23.79 40.41
N ASN F 601 -18.97 -23.48 39.17
CA ASN F 601 -18.46 -24.43 38.17
C ASN F 601 -17.50 -25.42 38.73
N VAL F 602 -16.74 -25.00 39.75
CA VAL F 602 -15.74 -25.81 40.45
C VAL F 602 -16.46 -26.75 41.47
N VAL F 603 -17.22 -26.16 42.37
CA VAL F 603 -17.91 -26.80 43.47
C VAL F 603 -19.06 -27.74 43.01
N PHE F 604 -19.50 -27.66 41.71
CA PHE F 604 -20.64 -28.47 41.25
C PHE F 604 -20.45 -29.22 39.92
N VAL F 605 -19.51 -30.19 39.91
CA VAL F 605 -19.23 -31.05 38.74
C VAL F 605 -19.27 -30.24 37.42
N GLY G 1 33.69 -21.81 -19.54
CA GLY G 1 35.06 -22.30 -19.67
C GLY G 1 35.55 -22.34 -21.09
N ILE G 2 36.89 -22.31 -21.30
CA ILE G 2 37.54 -22.30 -22.62
C ILE G 2 37.32 -23.67 -23.38
N VAL G 3 37.29 -24.77 -22.61
CA VAL G 3 37.01 -26.12 -23.06
C VAL G 3 35.60 -26.10 -23.58
N GLU G 4 34.67 -25.61 -22.75
CA GLU G 4 33.25 -25.50 -23.07
C GLU G 4 32.99 -24.48 -24.15
N GLN G 5 33.87 -23.47 -24.32
CA GLN G 5 33.69 -22.42 -25.32
C GLN G 5 34.14 -22.86 -26.68
N CYS G 6 35.15 -23.77 -26.78
CA CYS G 6 35.72 -24.15 -28.08
C CYS G 6 35.86 -25.62 -28.38
N CYS G 7 35.77 -26.50 -27.37
CA CYS G 7 35.84 -27.93 -27.60
C CYS G 7 34.46 -28.57 -27.60
N ALA G 8 33.76 -28.65 -26.43
CA ALA G 8 32.38 -29.18 -26.43
C ALA G 8 31.43 -28.18 -27.17
N SER G 9 32.04 -27.16 -27.83
CA SER G 9 31.45 -26.07 -28.61
C SER G 9 32.37 -25.70 -29.80
N VAL G 10 32.18 -24.47 -30.33
CA VAL G 10 32.88 -23.80 -31.42
C VAL G 10 33.08 -22.32 -31.05
N CYS G 11 34.35 -21.85 -30.98
CA CYS G 11 34.52 -20.45 -30.59
C CYS G 11 35.09 -19.60 -31.71
N SER G 12 34.51 -18.37 -31.81
CA SER G 12 34.80 -17.34 -32.81
C SER G 12 36.23 -16.98 -32.66
N LEU G 13 36.91 -16.85 -33.79
CA LEU G 13 38.32 -16.55 -33.95
C LEU G 13 38.75 -15.32 -33.02
N TYR G 14 37.76 -14.48 -32.65
CA TYR G 14 37.95 -13.37 -31.72
C TYR G 14 37.71 -13.82 -30.31
N GLN G 15 36.58 -14.54 -30.00
CA GLN G 15 36.32 -15.09 -28.66
C GLN G 15 37.63 -15.72 -28.18
N LEU G 16 38.30 -16.48 -29.08
CA LEU G 16 39.59 -17.17 -28.95
C LEU G 16 40.69 -16.23 -28.56
N GLU G 17 40.72 -15.03 -29.17
CA GLU G 17 41.77 -14.07 -28.90
C GLU G 17 41.66 -13.61 -27.45
N ASN G 18 40.79 -12.62 -27.23
CA ASN G 18 40.44 -11.92 -25.98
C ASN G 18 41.42 -12.14 -24.83
N TYR G 19 41.34 -13.31 -24.16
CA TYR G 19 42.23 -13.53 -23.04
C TYR G 19 43.41 -14.39 -23.47
N CYS G 20 44.30 -13.72 -24.19
CA CYS G 20 45.58 -14.27 -24.55
C CYS G 20 46.55 -13.57 -23.60
N ASN G 21 47.19 -14.35 -22.70
CA ASN G 21 48.13 -13.83 -21.71
C ASN G 21 49.57 -13.81 -22.24
N HIS H 5 36.31 -28.10 -36.79
CA HIS H 5 36.51 -27.02 -35.82
C HIS H 5 37.51 -27.34 -34.69
N LEU H 6 37.81 -26.32 -33.87
CA LEU H 6 38.75 -26.29 -32.74
C LEU H 6 38.66 -27.42 -31.73
N CYS H 7 39.82 -27.99 -31.28
CA CYS H 7 39.85 -28.93 -30.15
C CYS H 7 41.27 -29.26 -29.59
N GLY H 8 41.29 -30.27 -28.71
CA GLY H 8 42.40 -30.82 -27.92
C GLY H 8 43.66 -30.02 -27.78
N SER H 9 44.73 -30.55 -28.39
CA SER H 9 46.06 -29.96 -28.42
C SER H 9 46.06 -28.75 -29.33
N HIS H 10 45.21 -28.80 -30.37
CA HIS H 10 45.04 -27.78 -31.40
C HIS H 10 44.64 -26.43 -30.84
N LEU H 11 43.89 -26.41 -29.71
CA LEU H 11 43.44 -25.21 -29.00
C LEU H 11 44.64 -24.42 -28.57
N VAL H 12 45.63 -25.12 -28.00
CA VAL H 12 46.89 -24.55 -27.55
C VAL H 12 47.61 -23.93 -28.74
N GLU H 13 47.64 -24.66 -29.85
CA GLU H 13 48.27 -24.23 -31.08
C GLU H 13 47.53 -23.05 -31.69
N ALA H 14 46.18 -23.15 -31.81
CA ALA H 14 45.26 -22.13 -32.33
C ALA H 14 45.46 -20.82 -31.58
N LEU H 15 45.59 -20.91 -30.25
CA LEU H 15 45.80 -19.75 -29.42
C LEU H 15 47.12 -19.12 -29.65
N TYR H 16 48.17 -19.92 -29.90
CA TYR H 16 49.47 -19.33 -30.17
C TYR H 16 49.52 -18.62 -31.54
N LEU H 17 48.81 -19.16 -32.54
CA LEU H 17 48.72 -18.51 -33.85
C LEU H 17 48.27 -17.04 -33.62
N VAL H 18 47.22 -16.87 -32.77
CA VAL H 18 46.56 -15.64 -32.35
C VAL H 18 47.40 -14.73 -31.37
N CYS H 19 47.89 -15.27 -30.22
CA CYS H 19 48.73 -14.67 -29.17
C CYS H 19 49.95 -13.99 -29.79
N GLY H 20 50.89 -14.82 -30.23
CA GLY H 20 52.18 -14.47 -30.80
C GLY H 20 53.01 -13.69 -29.82
N GLU H 21 52.92 -14.06 -28.53
CA GLU H 21 53.62 -13.40 -27.43
C GLU H 21 55.13 -13.54 -27.53
N GLN I 1 -33.27 19.90 25.45
CA GLN I 1 -31.99 19.57 26.06
C GLN I 1 -32.08 18.25 26.76
N VAL I 2 -30.95 17.73 27.25
CA VAL I 2 -30.92 16.41 27.85
C VAL I 2 -31.54 16.36 29.22
N GLN I 3 -32.56 15.49 29.41
CA GLN I 3 -33.23 15.31 30.70
C GLN I 3 -33.54 13.89 31.05
N LEU I 4 -33.08 13.48 32.23
CA LEU I 4 -33.43 12.22 32.86
C LEU I 4 -34.45 12.72 33.87
N GLN I 5 -35.73 12.39 33.68
CA GLN I 5 -36.78 12.82 34.62
C GLN I 5 -37.35 11.63 35.40
N GLN I 6 -36.89 11.50 36.62
CA GLN I 6 -37.30 10.39 37.45
C GLN I 6 -38.72 10.50 38.04
N SER I 7 -39.19 9.41 38.69
CA SER I 7 -40.49 9.27 39.38
C SER I 7 -40.36 9.58 40.93
N GLY I 8 -41.39 9.17 41.73
CA GLY I 8 -41.52 9.22 43.21
C GLY I 8 -41.49 10.56 43.92
N PRO I 9 -41.84 10.74 45.22
CA PRO I 9 -42.26 9.85 46.29
C PRO I 9 -42.82 8.52 45.92
N GLU I 10 -42.28 7.57 46.63
CA GLU I 10 -42.56 6.16 46.65
C GLU I 10 -42.67 5.65 48.12
N LEU I 11 -43.90 5.50 48.65
CA LEU I 11 -44.09 4.96 50.02
C LEU I 11 -44.42 3.51 49.81
N VAL I 12 -43.69 2.60 50.46
CA VAL I 12 -43.96 1.18 50.24
C VAL I 12 -43.98 0.37 51.51
N LYS I 13 -44.81 -0.69 51.51
CA LYS I 13 -44.93 -1.58 52.66
C LYS I 13 -43.75 -2.57 52.66
N PRO I 14 -43.29 -3.05 53.85
CA PRO I 14 -42.17 -4.00 53.87
C PRO I 14 -42.55 -5.33 53.19
N GLY I 15 -41.59 -6.01 52.57
CA GLY I 15 -41.81 -7.25 51.85
C GLY I 15 -42.38 -7.03 50.46
N ALA I 16 -42.70 -5.78 50.11
CA ALA I 16 -43.20 -5.49 48.78
C ALA I 16 -42.03 -5.17 47.86
N LEU I 17 -42.38 -4.78 46.62
CA LEU I 17 -41.50 -4.44 45.52
C LEU I 17 -41.97 -3.09 44.94
N VAL I 18 -41.02 -2.28 44.50
CA VAL I 18 -41.35 -0.97 43.96
C VAL I 18 -40.56 -0.73 42.69
N LYS I 19 -41.21 -0.18 41.65
CA LYS I 19 -40.58 0.08 40.36
C LYS I 19 -40.49 1.57 40.07
N ILE I 20 -39.27 2.05 39.99
CA ILE I 20 -38.96 3.47 39.78
C ILE I 20 -38.49 3.69 38.38
N SER I 21 -39.04 4.73 37.73
CA SER I 21 -38.80 5.09 36.33
C SER I 21 -37.87 6.27 36.16
N CYS I 22 -37.36 6.43 34.94
CA CYS I 22 -36.37 7.43 34.54
C CYS I 22 -36.55 7.68 33.03
N LYS I 23 -37.49 8.56 32.69
CA LYS I 23 -37.78 8.90 31.29
C LYS I 23 -36.67 9.80 30.74
N ALA I 24 -36.03 9.36 29.66
CA ALA I 24 -34.96 10.11 29.05
C ALA I 24 -35.45 10.94 27.89
N SER I 25 -34.83 12.10 27.71
CA SER I 25 -35.18 12.98 26.61
C SER I 25 -34.01 13.86 26.24
N GLY I 26 -34.06 14.38 25.01
CA GLY I 26 -33.07 15.28 24.47
C GLY I 26 -31.84 14.63 23.87
N TYR I 27 -31.86 13.31 23.65
CA TYR I 27 -30.71 12.57 23.10
C TYR I 27 -31.20 11.18 22.69
N THR I 28 -30.39 10.42 21.95
CA THR I 28 -30.76 9.09 21.47
C THR I 28 -30.55 8.03 22.57
N PHE I 29 -31.64 7.63 23.26
CA PHE I 29 -31.71 6.72 24.42
C PHE I 29 -30.84 5.51 24.29
N THR I 30 -30.95 4.92 23.14
CA THR I 30 -30.32 3.73 22.66
C THR I 30 -28.78 3.76 22.56
N ASN I 31 -28.19 4.96 22.48
CA ASN I 31 -26.74 5.15 22.31
C ASN I 31 -25.96 5.20 23.61
N TYR I 32 -26.62 5.33 24.74
CA TYR I 32 -25.92 5.47 26.01
C TYR I 32 -26.41 4.51 27.04
N ASP I 33 -25.66 4.43 28.14
CA ASP I 33 -25.98 3.64 29.31
C ASP I 33 -26.74 4.48 30.32
N ILE I 34 -27.59 3.83 31.10
CA ILE I 34 -28.26 4.44 32.22
C ILE I 34 -27.65 3.72 33.40
N HIS I 35 -27.11 4.48 34.35
CA HIS I 35 -26.49 3.93 35.55
C HIS I 35 -27.43 4.30 36.68
N TRP I 36 -27.58 3.47 37.72
CA TRP I 36 -28.42 3.79 38.90
C TRP I 36 -27.55 3.79 40.14
N VAL I 37 -27.81 4.74 41.05
CA VAL I 37 -27.03 5.02 42.25
C VAL I 37 -27.98 5.22 43.41
N LYS I 38 -27.64 4.71 44.61
CA LYS I 38 -28.43 4.83 45.85
C LYS I 38 -27.72 5.76 46.84
N GLN I 39 -28.46 6.59 47.56
CA GLN I 39 -27.87 7.47 48.55
C GLN I 39 -28.69 7.33 49.83
N ARG I 40 -28.06 6.75 50.88
CA ARG I 40 -28.70 6.52 52.17
C ARG I 40 -28.50 7.85 52.91
N PRO I 41 -29.57 8.63 53.21
CA PRO I 41 -29.38 9.98 53.78
C PRO I 41 -28.33 10.11 54.87
N GLY I 42 -27.68 11.28 54.81
CA GLY I 42 -26.57 11.66 55.66
C GLY I 42 -25.30 10.96 55.22
N GLN I 43 -25.38 10.22 54.11
CA GLN I 43 -24.26 9.42 53.62
C GLN I 43 -23.98 9.56 52.12
N GLY I 44 -23.00 8.76 51.69
CA GLY I 44 -22.51 8.75 50.33
C GLY I 44 -23.40 8.03 49.35
N LEU I 45 -22.83 7.93 48.17
CA LEU I 45 -23.45 7.31 47.02
C LEU I 45 -22.84 5.94 46.74
N GLU I 46 -23.71 4.97 46.43
CA GLU I 46 -23.34 3.59 46.07
C GLU I 46 -23.76 3.32 44.66
N TRP I 47 -22.88 2.74 43.84
CA TRP I 47 -23.25 2.41 42.47
C TRP I 47 -24.00 1.10 42.47
N ILE I 48 -25.21 1.08 41.93
CA ILE I 48 -26.03 -0.14 41.91
C ILE I 48 -25.66 -1.03 40.75
N GLY I 49 -25.59 -0.46 39.56
CA GLY I 49 -25.34 -1.19 38.33
C GLY I 49 -25.78 -0.41 37.11
N TRP I 50 -25.69 -1.00 35.91
CA TRP I 50 -26.14 -0.32 34.71
C TRP I 50 -26.92 -1.18 33.78
N ILE I 51 -27.52 -0.53 32.77
CA ILE I 51 -28.23 -1.13 31.67
C ILE I 51 -27.80 -0.45 30.38
N TYR I 52 -27.74 -1.20 29.30
CA TYR I 52 -27.49 -0.64 27.99
C TYR I 52 -28.82 -0.79 27.28
N PRO I 53 -29.57 0.31 27.07
CA PRO I 53 -30.89 0.19 26.43
C PRO I 53 -30.90 -0.45 25.05
N GLY I 54 -29.80 -0.39 24.33
CA GLY I 54 -29.74 -1.02 23.02
C GLY I 54 -29.93 -2.51 23.07
N ASP I 55 -29.15 -3.18 23.92
CA ASP I 55 -29.12 -4.63 24.06
C ASP I 55 -30.03 -5.15 25.15
N GLY I 56 -30.20 -4.35 26.17
CA GLY I 56 -30.92 -4.75 27.36
C GLY I 56 -29.94 -5.37 28.34
N SER I 57 -28.60 -5.40 27.97
CA SER I 57 -27.51 -5.97 28.79
C SER I 57 -27.37 -5.16 30.06
N THR I 58 -27.06 -5.84 31.15
CA THR I 58 -26.92 -5.21 32.45
C THR I 58 -25.68 -5.75 33.13
N LYS I 59 -25.26 -5.04 34.17
CA LYS I 59 -24.19 -5.42 35.09
C LYS I 59 -24.64 -4.80 36.40
N TYR I 60 -24.49 -5.56 37.47
CA TYR I 60 -24.89 -5.08 38.76
C TYR I 60 -23.69 -5.11 39.68
N ASN I 61 -23.84 -4.45 40.82
CA ASN I 61 -22.88 -4.44 41.89
C ASN I 61 -23.26 -5.67 42.69
N GLU I 62 -22.28 -6.53 43.09
CA GLU I 62 -22.64 -7.80 43.78
C GLU I 62 -23.59 -7.58 44.95
N LYS I 63 -23.34 -6.50 45.69
CA LYS I 63 -24.16 -6.04 46.79
C LYS I 63 -25.65 -5.93 46.41
N PHE I 64 -25.93 -5.48 45.19
CA PHE I 64 -27.31 -5.24 44.75
C PHE I 64 -27.90 -6.29 43.79
N LYS I 65 -27.13 -7.31 43.37
CA LYS I 65 -27.53 -8.42 42.48
C LYS I 65 -28.97 -8.94 42.53
N GLY I 66 -29.41 -9.44 43.71
CA GLY I 66 -30.75 -9.98 43.90
C GLY I 66 -31.78 -8.94 44.27
N LYS I 67 -31.30 -7.84 44.89
CA LYS I 67 -32.12 -6.71 45.34
C LYS I 67 -32.68 -5.90 44.14
N ALA I 68 -31.80 -5.31 43.32
CA ALA I 68 -32.25 -4.50 42.19
C ALA I 68 -32.42 -5.34 40.91
N THR I 69 -33.38 -4.95 40.05
CA THR I 69 -33.60 -5.54 38.73
C THR I 69 -33.83 -4.39 37.78
N LEU I 70 -33.02 -4.30 36.74
CA LEU I 70 -33.01 -3.20 35.79
C LEU I 70 -33.67 -3.54 34.49
N THR I 71 -34.43 -2.57 33.98
CA THR I 71 -35.31 -2.75 32.84
C THR I 71 -35.36 -1.46 32.02
N ALA I 72 -35.52 -1.54 30.67
CA ALA I 72 -35.70 -0.37 29.78
C ALA I 72 -36.86 -0.62 28.84
N ASP I 73 -37.58 0.42 28.48
CA ASP I 73 -38.62 0.27 27.52
C ASP I 73 -38.27 1.21 26.40
N LYS I 74 -37.56 0.70 25.39
CA LYS I 74 -37.17 1.52 24.27
C LYS I 74 -38.38 2.18 23.54
N SER I 75 -39.60 1.60 23.57
CA SER I 75 -40.80 2.20 22.95
C SER I 75 -41.18 3.53 23.60
N SER I 76 -40.76 3.75 24.82
CA SER I 76 -41.05 5.01 25.49
C SER I 76 -39.77 5.73 25.93
N SER I 77 -38.59 5.12 25.71
CA SER I 77 -37.31 5.71 26.13
C SER I 77 -37.32 5.98 27.64
N THR I 78 -37.91 5.05 28.41
CA THR I 78 -38.03 5.17 29.86
C THR I 78 -37.31 3.96 30.49
N ALA I 79 -36.47 4.18 31.50
CA ALA I 79 -35.76 3.08 32.15
C ALA I 79 -36.32 2.89 33.52
N TYR I 80 -36.32 1.65 34.00
CA TYR I 80 -36.86 1.30 35.29
C TYR I 80 -35.86 0.55 36.16
N MET I 81 -36.14 0.56 37.46
CA MET I 81 -35.43 -0.16 38.49
C MET I 81 -36.47 -0.62 39.49
N HIS I 82 -36.50 -1.93 39.75
CA HIS I 82 -37.40 -2.50 40.74
C HIS I 82 -36.54 -2.90 41.90
N LEU I 83 -36.97 -2.57 43.10
CA LEU I 83 -36.31 -3.06 44.30
C LEU I 83 -37.23 -4.15 44.82
N SER I 84 -36.67 -5.13 45.51
CA SER I 84 -37.42 -6.28 45.98
C SER I 84 -37.22 -6.54 47.44
N SER I 85 -38.28 -7.14 48.06
CA SER I 85 -38.41 -7.58 49.45
C SER I 85 -37.84 -6.50 50.35
N LEU I 86 -38.56 -5.41 50.40
CA LEU I 86 -38.10 -4.25 51.14
C LEU I 86 -38.21 -4.46 52.66
N THR I 87 -37.18 -4.22 53.47
CA THR I 87 -37.35 -4.38 54.94
C THR I 87 -36.32 -3.52 55.54
N SER I 88 -36.71 -2.78 56.63
CA SER I 88 -35.95 -1.82 57.44
C SER I 88 -34.81 -1.13 56.66
N GLU I 89 -35.08 -0.79 55.39
CA GLU I 89 -34.14 -0.09 54.51
C GLU I 89 -34.17 1.34 54.96
N LYS I 90 -35.30 1.68 55.62
CA LYS I 90 -35.78 2.94 56.13
C LYS I 90 -36.15 3.69 54.88
N SER I 91 -35.28 4.62 54.48
CA SER I 91 -35.45 5.46 53.31
C SER I 91 -34.11 5.51 52.64
N ALA I 92 -34.13 5.82 51.36
CA ALA I 92 -32.96 6.03 50.52
C ALA I 92 -33.44 6.78 49.30
N VAL I 93 -32.57 7.58 48.68
CA VAL I 93 -32.92 8.30 47.47
C VAL I 93 -32.15 7.61 46.35
N TYR I 94 -32.83 7.28 45.25
CA TYR I 94 -32.23 6.58 44.11
C TYR I 94 -32.14 7.53 42.93
N PHE I 95 -31.01 7.48 42.20
CA PHE I 95 -30.75 8.32 41.04
C PHE I 95 -30.42 7.43 39.85
N CYS I 96 -30.86 7.80 38.64
CA CYS I 96 -30.39 7.20 37.38
C CYS I 96 -29.53 8.31 36.80
N ALA I 97 -28.53 7.96 35.98
CA ALA I 97 -27.65 8.92 35.32
C ALA I 97 -27.25 8.38 33.96
N ARG I 98 -27.12 9.25 32.93
CA ARG I 98 -26.73 8.84 31.58
C ARG I 98 -25.25 8.90 31.55
N GLU I 99 -24.57 7.81 31.85
CA GLU I 99 -23.12 7.75 31.85
C GLU I 99 -22.43 8.89 32.58
N TRP I 100 -23.01 9.24 33.74
CA TRP I 100 -22.52 10.20 34.72
C TRP I 100 -22.41 11.68 34.36
N ALA I 101 -22.36 12.07 33.09
CA ALA I 101 -22.28 13.51 32.82
C ALA I 101 -23.64 14.20 33.23
N TYR I 102 -24.81 13.54 32.95
CA TYR I 102 -26.13 14.05 33.30
C TYR I 102 -26.87 13.04 34.18
N TRP I 103 -27.30 13.50 35.37
CA TRP I 103 -28.06 12.75 36.37
C TRP I 103 -29.50 13.22 36.46
N GLY I 104 -30.36 12.33 36.88
CA GLY I 104 -31.77 12.62 37.13
C GLY I 104 -31.91 13.25 38.52
N GLN I 105 -33.09 13.77 38.85
CA GLN I 105 -33.28 14.54 40.11
C GLN I 105 -33.28 13.73 41.45
N GLY I 106 -33.57 12.44 41.40
CA GLY I 106 -33.69 11.62 42.58
C GLY I 106 -35.13 11.21 42.82
N THR I 107 -35.31 10.07 43.49
CA THR I 107 -36.60 9.50 43.87
C THR I 107 -36.37 8.96 45.25
N LEU I 108 -37.21 9.36 46.21
CA LEU I 108 -37.11 8.91 47.60
C LEU I 108 -37.99 7.69 47.81
N VAL I 109 -37.41 6.60 48.30
CA VAL I 109 -38.19 5.41 48.58
C VAL I 109 -38.20 5.28 50.09
N THR I 110 -39.42 5.31 50.69
CA THR I 110 -39.68 5.20 52.13
C THR I 110 -40.39 3.88 52.39
N VAL I 111 -39.82 3.05 53.27
CA VAL I 111 -40.42 1.79 53.68
C VAL I 111 -41.09 2.02 55.05
N SER I 112 -42.42 1.83 55.12
CA SER I 112 -43.23 1.99 56.34
C SER I 112 -44.55 1.24 56.29
N ALA I 113 -44.98 0.81 57.46
CA ALA I 113 -46.21 0.09 57.61
C ALA I 113 -47.34 1.03 58.02
N ALA I 114 -47.07 2.35 58.05
CA ALA I 114 -48.08 3.30 58.51
C ALA I 114 -49.21 3.59 57.59
N LYS I 115 -50.22 4.12 58.24
CA LYS I 115 -51.41 4.63 57.63
C LYS I 115 -51.29 6.12 57.79
N THR I 116 -52.06 6.81 56.97
CA THR I 116 -52.19 8.26 56.94
C THR I 116 -52.72 8.74 58.27
N THR I 117 -51.98 9.63 58.90
CA THR I 117 -52.34 10.10 60.21
C THR I 117 -52.14 11.58 60.32
N ALA I 118 -53.21 12.27 60.67
CA ALA I 118 -53.16 13.70 60.92
C ALA I 118 -52.36 13.94 62.25
N PRO I 119 -51.46 14.97 62.31
CA PRO I 119 -50.64 15.23 63.50
C PRO I 119 -51.34 15.87 64.69
N SER I 120 -50.67 15.80 65.85
CA SER I 120 -51.13 16.47 67.06
C SER I 120 -50.20 17.69 67.21
N VAL I 121 -50.72 18.93 67.17
CA VAL I 121 -49.88 20.13 67.27
C VAL I 121 -49.91 20.64 68.70
N TYR I 122 -48.75 20.92 69.27
CA TYR I 122 -48.65 21.31 70.67
C TYR I 122 -47.90 22.60 70.88
N PRO I 123 -48.47 23.54 71.65
CA PRO I 123 -47.79 24.79 71.95
C PRO I 123 -46.76 24.55 73.08
N LEU I 124 -45.57 25.15 72.96
CA LEU I 124 -44.47 25.01 73.93
C LEU I 124 -44.03 26.40 74.42
N ALA I 125 -44.56 26.85 75.55
CA ALA I 125 -44.12 28.17 75.96
C ALA I 125 -43.36 28.29 77.29
N PRO I 126 -43.85 27.76 78.42
CA PRO I 126 -43.24 28.11 79.72
C PRO I 126 -41.91 27.48 80.09
N VAL I 127 -41.34 27.95 81.22
CA VAL I 127 -40.14 27.48 81.90
C VAL I 127 -40.65 26.88 83.25
N CYS I 128 -41.85 27.36 83.71
CA CYS I 128 -42.61 27.02 84.94
C CYS I 128 -41.99 27.70 86.17
N GLY I 129 -42.83 28.41 86.93
CA GLY I 129 -42.36 29.15 88.10
C GLY I 129 -41.69 30.50 87.81
N ASP I 130 -40.60 30.51 87.01
CA ASP I 130 -39.76 31.67 86.62
C ASP I 130 -40.15 32.25 85.23
N THR I 131 -40.45 33.57 85.15
CA THR I 131 -40.85 34.25 83.89
C THR I 131 -39.82 35.36 83.49
N THR I 132 -38.52 35.03 83.57
CA THR I 132 -37.40 35.92 83.24
C THR I 132 -37.35 36.27 81.75
N GLY I 133 -36.81 37.47 81.48
CA GLY I 133 -36.69 38.04 80.15
C GLY I 133 -35.41 37.69 79.42
N SER I 134 -34.83 38.69 78.68
CA SER I 134 -33.61 38.60 77.83
C SER I 134 -33.83 37.54 76.73
N SER I 135 -34.78 37.86 75.82
CA SER I 135 -35.39 37.05 74.76
C SER I 135 -36.13 35.89 75.33
N VAL I 136 -37.21 35.57 74.68
CA VAL I 136 -38.06 34.48 75.07
C VAL I 136 -38.17 33.61 73.85
N THR I 137 -38.04 32.30 74.05
CA THR I 137 -38.13 31.35 72.95
C THR I 137 -39.36 30.52 73.16
N LEU I 138 -40.19 30.48 72.13
CA LEU I 138 -41.42 29.73 72.12
C LEU I 138 -41.22 28.57 71.15
N GLY I 139 -42.07 27.55 71.21
CA GLY I 139 -41.90 26.42 70.32
C GLY I 139 -43.20 25.72 69.94
N CYS I 140 -43.20 25.04 68.81
CA CYS I 140 -44.36 24.28 68.36
C CYS I 140 -43.94 22.82 68.18
N LEU I 141 -44.61 21.86 68.84
CA LEU I 141 -44.29 20.43 68.71
C LEU I 141 -45.43 19.77 67.92
N VAL I 142 -45.17 19.15 66.78
CA VAL I 142 -46.23 18.53 65.99
C VAL I 142 -45.85 17.05 65.95
N LYS I 143 -46.69 16.14 66.46
CA LYS I 143 -46.31 14.72 66.51
C LYS I 143 -47.35 13.69 66.10
N GLY I 144 -46.80 12.52 65.76
CA GLY I 144 -47.50 11.31 65.37
C GLY I 144 -48.19 11.43 64.04
N TYR I 145 -47.50 11.93 62.99
CA TYR I 145 -48.13 12.06 61.67
C TYR I 145 -47.46 11.16 60.63
N PHE I 146 -48.18 10.83 59.58
CA PHE I 146 -47.64 10.11 58.43
C PHE I 146 -48.50 10.53 57.28
N PRO I 147 -47.96 10.70 56.05
CA PRO I 147 -46.54 10.75 55.69
C PRO I 147 -46.01 12.18 55.92
N GLU I 148 -44.85 12.45 55.37
CA GLU I 148 -44.24 13.76 55.36
C GLU I 148 -44.92 14.49 54.15
N PRO I 149 -44.97 15.83 53.99
CA PRO I 149 -44.45 16.90 54.83
C PRO I 149 -45.53 17.69 55.58
N VAL I 150 -45.08 18.62 56.44
CA VAL I 150 -45.94 19.59 57.10
C VAL I 150 -45.40 20.98 56.77
N THR I 151 -46.27 21.98 56.86
CA THR I 151 -45.90 23.38 56.69
C THR I 151 -46.08 23.99 58.06
N LEU I 152 -45.00 24.49 58.62
CA LEU I 152 -45.06 25.17 59.90
C LEU I 152 -44.69 26.57 59.55
N THR I 153 -45.53 27.47 60.00
CA THR I 153 -45.45 28.88 59.75
C THR I 153 -45.72 29.50 61.10
N TRP I 154 -45.10 30.63 61.41
CA TRP I 154 -45.38 31.35 62.65
C TRP I 154 -46.15 32.57 62.13
N ASN I 155 -47.09 33.14 62.86
CA ASN I 155 -47.88 34.34 62.49
C ASN I 155 -48.20 34.54 61.02
N SER I 156 -48.76 33.47 60.46
CA SER I 156 -49.28 33.32 59.11
C SER I 156 -48.36 33.84 57.99
N GLY I 157 -47.06 33.72 58.17
CA GLY I 157 -46.15 34.19 57.14
C GLY I 157 -45.10 35.12 57.69
N SER I 158 -45.49 36.31 58.20
CA SER I 158 -44.48 37.20 58.78
C SER I 158 -44.07 36.61 60.10
N LEU I 159 -42.81 36.87 60.49
CA LEU I 159 -42.07 36.31 61.60
C LEU I 159 -41.39 35.13 60.94
N SER I 160 -40.36 35.49 60.19
CA SER I 160 -39.49 34.59 59.44
C SER I 160 -38.12 34.65 60.09
N SER I 161 -37.89 35.72 60.88
CA SER I 161 -36.65 35.89 61.57
C SER I 161 -36.74 35.35 62.98
N GLY I 162 -35.79 34.49 63.31
CA GLY I 162 -35.69 33.86 64.61
C GLY I 162 -36.29 32.47 64.69
N VAL I 163 -36.80 31.93 63.59
CA VAL I 163 -37.41 30.60 63.64
C VAL I 163 -36.41 29.58 63.12
N HIS I 164 -36.46 28.37 63.68
CA HIS I 164 -35.70 27.22 63.23
C HIS I 164 -36.69 26.05 63.17
N THR I 165 -36.91 25.42 62.01
CA THR I 165 -37.80 24.27 61.91
C THR I 165 -36.91 23.09 61.75
N PHE I 166 -36.96 22.17 62.69
CA PHE I 166 -36.08 21.02 62.64
C PHE I 166 -36.61 19.98 61.70
N PRO I 167 -35.72 19.25 60.98
CA PRO I 167 -36.21 18.15 60.11
C PRO I 167 -36.87 17.05 60.93
N ALA I 168 -37.90 16.46 60.39
CA ALA I 168 -38.66 15.42 61.04
C ALA I 168 -37.88 14.12 61.23
N VAL I 169 -38.14 13.47 62.36
CA VAL I 169 -37.55 12.19 62.68
C VAL I 169 -38.68 11.15 62.72
N LEU I 170 -38.45 9.99 62.09
CA LEU I 170 -39.42 8.92 62.12
C LEU I 170 -39.12 8.14 63.40
N GLN I 171 -40.15 7.84 64.18
CA GLN I 171 -39.99 7.04 65.38
C GLN I 171 -41.28 6.25 65.47
N SER I 172 -41.19 4.91 65.54
CA SER I 172 -42.34 3.99 65.61
C SER I 172 -43.34 4.18 64.47
N ASP I 173 -42.83 4.42 63.26
CA ASP I 173 -43.56 4.54 61.99
C ASP I 173 -44.35 5.86 61.78
N LEU I 174 -44.22 6.82 62.72
CA LEU I 174 -44.87 8.14 62.63
C LEU I 174 -43.81 9.22 62.83
N TYR I 175 -44.06 10.42 62.36
CA TYR I 175 -43.08 11.48 62.44
C TYR I 175 -43.43 12.50 63.48
N THR I 176 -42.40 13.20 63.93
CA THR I 176 -42.43 14.34 64.83
C THR I 176 -41.50 15.38 64.26
N LEU I 177 -41.91 16.62 64.38
CA LEU I 177 -41.20 17.79 63.95
C LEU I 177 -41.29 18.84 65.09
N SER I 178 -40.44 19.89 65.13
CA SER I 178 -40.53 20.96 66.13
C SER I 178 -39.93 22.24 65.58
N SER I 179 -40.37 23.39 66.10
CA SER I 179 -39.92 24.69 65.63
C SER I 179 -39.74 25.65 66.80
N SER I 180 -38.66 26.45 66.84
CA SER I 180 -38.48 27.47 67.89
C SER I 180 -38.68 28.81 67.24
N VAL I 181 -39.12 29.80 68.01
CA VAL I 181 -39.27 31.18 67.58
C VAL I 181 -38.74 31.98 68.75
N THR I 182 -37.74 32.79 68.50
CA THR I 182 -37.16 33.60 69.55
C THR I 182 -37.60 35.03 69.31
N VAL I 183 -38.16 35.67 70.34
CA VAL I 183 -38.65 37.05 70.26
C VAL I 183 -38.17 37.86 71.46
N THR I 184 -38.30 39.18 71.38
CA THR I 184 -37.90 40.10 72.44
C THR I 184 -38.88 39.94 73.63
N SER I 185 -38.40 40.06 74.85
CA SER I 185 -39.20 39.89 76.07
C SER I 185 -40.40 40.80 76.19
N SER I 186 -40.36 41.97 75.53
CA SER I 186 -41.45 42.91 75.53
C SER I 186 -42.42 42.64 74.38
N THR I 187 -42.20 41.55 73.64
CA THR I 187 -43.06 41.14 72.53
C THR I 187 -44.09 40.12 73.02
N TRP I 188 -43.64 39.13 73.79
CA TRP I 188 -44.53 38.10 74.28
C TRP I 188 -44.62 38.19 75.81
N PRO I 189 -45.78 38.01 76.45
CA PRO I 189 -47.11 37.61 75.92
C PRO I 189 -47.89 38.66 75.14
N SER I 190 -47.63 39.97 75.39
CA SER I 190 -48.32 41.15 74.84
C SER I 190 -48.84 41.01 73.42
N GLN I 191 -47.95 40.64 72.54
CA GLN I 191 -48.25 40.48 71.15
C GLN I 191 -48.35 38.99 70.92
N SER I 192 -49.50 38.58 70.43
CA SER I 192 -49.85 37.19 70.22
C SER I 192 -49.05 36.52 69.14
N ILE I 193 -48.58 35.33 69.46
CA ILE I 193 -47.85 34.48 68.55
C ILE I 193 -48.63 33.20 68.42
N THR I 194 -48.80 32.82 67.17
CA THR I 194 -49.47 31.63 66.73
C THR I 194 -48.52 30.84 65.83
N CYS I 195 -48.71 29.54 65.82
CA CYS I 195 -47.98 28.63 65.00
C CYS I 195 -49.05 27.98 64.14
N ASN I 196 -48.81 27.96 62.86
CA ASN I 196 -49.77 27.47 61.90
C ASN I 196 -49.17 26.24 61.27
N VAL I 197 -49.91 25.13 61.32
CA VAL I 197 -49.45 23.84 60.82
C VAL I 197 -50.42 23.29 59.80
N ALA I 198 -49.90 22.81 58.67
CA ALA I 198 -50.70 22.22 57.59
C ALA I 198 -50.18 20.84 57.19
N HIS I 199 -51.08 19.91 56.88
CA HIS I 199 -50.68 18.55 56.50
C HIS I 199 -51.41 18.22 55.22
N PRO I 200 -50.77 18.50 54.07
CA PRO I 200 -51.43 18.25 52.78
C PRO I 200 -52.01 16.85 52.62
N ALA I 201 -51.29 15.83 53.09
CA ALA I 201 -51.70 14.43 53.04
C ALA I 201 -53.00 14.11 53.83
N SER I 202 -53.65 15.10 54.47
CA SER I 202 -54.90 14.88 55.19
C SER I 202 -55.86 16.05 55.09
N SER I 203 -55.58 17.00 54.17
CA SER I 203 -56.35 18.24 53.95
C SER I 203 -56.58 19.00 55.28
N THR I 204 -55.58 18.88 56.20
CA THR I 204 -55.60 19.38 57.57
C THR I 204 -54.83 20.69 57.86
N LYS I 205 -55.44 21.55 58.72
CA LYS I 205 -54.91 22.78 59.34
C LYS I 205 -55.28 22.72 60.82
N VAL I 206 -54.29 22.93 61.68
CA VAL I 206 -54.47 22.96 63.13
C VAL I 206 -53.57 24.14 63.52
N ASP I 207 -54.19 25.21 64.09
CA ASP I 207 -53.48 26.42 64.48
C ASP I 207 -53.54 26.61 65.97
N LYS I 208 -52.38 26.50 66.63
CA LYS I 208 -52.29 26.58 68.09
C LYS I 208 -51.63 27.85 68.61
N LYS I 209 -52.47 28.79 69.06
CA LYS I 209 -52.03 30.03 69.66
C LYS I 209 -51.44 29.67 71.01
N ILE I 210 -50.31 30.27 71.31
CA ILE I 210 -49.66 30.03 72.57
C ILE I 210 -50.22 31.02 73.62
N GLU I 211 -49.85 30.79 74.87
CA GLU I 211 -50.23 31.56 76.06
C GLU I 211 -49.33 30.99 77.18
N PRO I 212 -48.89 31.79 78.19
CA PRO I 212 -48.09 31.19 79.30
C PRO I 212 -48.88 30.19 80.18
N ARG I 213 -48.23 29.62 81.22
CA ARG I 213 -48.90 28.69 82.15
C ARG I 213 -48.67 29.15 83.59
N GLY I 214 -49.66 29.86 84.13
CA GLY I 214 -49.60 30.42 85.48
C GLY I 214 -50.77 31.29 85.90
N PRO I 215 -51.06 32.45 85.22
CA PRO I 215 -52.10 33.38 85.71
C PRO I 215 -53.55 33.27 85.13
N THR I 216 -54.43 34.29 85.49
CA THR I 216 -55.86 34.48 85.10
C THR I 216 -56.02 35.76 84.18
N ILE I 217 -56.72 35.64 82.99
CA ILE I 217 -56.90 36.77 82.00
C ILE I 217 -58.42 37.23 81.81
N LYS I 218 -58.87 38.10 82.75
CA LYS I 218 -60.17 38.80 82.87
C LYS I 218 -60.11 39.87 84.03
N PRO I 219 -59.41 41.04 83.82
CA PRO I 219 -59.20 42.06 84.88
C PRO I 219 -60.29 42.33 85.96
N CYS I 220 -59.79 42.53 87.22
CA CYS I 220 -60.52 42.83 88.48
C CYS I 220 -60.63 44.36 88.71
N ASP J 1 -12.44 -4.41 44.57
CA ASP J 1 -12.96 -3.04 44.56
C ASP J 1 -11.92 -2.02 44.95
N ILE J 2 -11.82 -1.00 44.13
CA ILE J 2 -10.92 0.11 44.39
C ILE J 2 -11.58 0.99 45.43
N GLN J 3 -10.87 1.27 46.51
CA GLN J 3 -11.42 2.15 47.54
C GLN J 3 -10.93 3.57 47.30
N MET J 4 -11.86 4.52 47.24
CA MET J 4 -11.57 5.94 47.09
C MET J 4 -11.71 6.63 48.45
N THR J 5 -10.59 7.07 49.05
CA THR J 5 -10.63 7.71 50.35
C THR J 5 -10.68 9.22 50.26
N GLN J 6 -11.84 9.79 50.59
CA GLN J 6 -12.04 11.23 50.48
C GLN J 6 -11.77 11.97 51.76
N SER J 7 -10.92 13.01 51.70
CA SER J 7 -10.57 13.84 52.85
C SER J 7 -10.43 15.35 52.53
N PRO J 8 -10.84 16.26 53.44
CA PRO J 8 -11.53 15.99 54.71
C PRO J 8 -13.01 15.68 54.44
N SER J 9 -13.70 15.02 55.39
CA SER J 9 -15.13 14.73 55.24
C SER J 9 -16.00 15.99 55.37
N SER J 10 -15.43 17.03 56.00
CA SER J 10 -16.07 18.30 56.25
C SER J 10 -15.04 19.42 56.28
N LEU J 11 -15.43 20.60 55.80
CA LEU J 11 -14.51 21.73 55.74
C LEU J 11 -15.19 23.09 55.91
N SER J 12 -14.66 23.89 56.83
CA SER J 12 -15.15 25.24 57.05
C SER J 12 -14.19 26.19 56.38
N ALA J 13 -14.75 27.14 55.62
CA ALA J 13 -13.98 28.15 54.90
C ALA J 13 -14.86 29.38 54.69
N SER J 14 -14.26 30.50 54.29
CA SER J 14 -14.99 31.75 54.05
C SER J 14 -15.01 32.12 52.57
N LEU J 15 -15.87 33.10 52.20
CA LEU J 15 -15.97 33.60 50.83
C LEU J 15 -14.60 34.11 50.38
N GLY J 16 -14.26 33.78 49.15
CA GLY J 16 -13.00 34.20 48.54
C GLY J 16 -11.81 33.36 48.91
N GLU J 17 -12.01 32.30 49.68
CA GLU J 17 -10.93 31.41 50.05
C GLU J 17 -10.73 30.33 49.03
N ARG J 18 -9.48 29.86 48.97
CA ARG J 18 -9.04 28.78 48.10
C ARG J 18 -9.01 27.51 48.95
N VAL J 19 -9.70 26.48 48.45
CA VAL J 19 -9.78 25.20 49.16
C VAL J 19 -9.59 24.01 48.24
N SER J 20 -9.09 22.93 48.83
CA SER J 20 -8.78 21.71 48.13
C SER J 20 -9.31 20.53 48.87
N LEU J 21 -9.85 19.58 48.13
CA LEU J 21 -10.33 18.30 48.68
C LEU J 21 -9.57 17.24 47.92
N THR J 22 -9.30 16.12 48.61
CA THR J 22 -8.50 15.04 48.05
C THR J 22 -9.17 13.67 48.09
N CYS J 23 -8.88 12.86 47.07
CA CYS J 23 -9.26 11.47 46.98
C CYS J 23 -8.04 10.68 46.70
N ARG J 24 -7.79 9.68 47.52
CA ARG J 24 -6.67 8.79 47.35
C ARG J 24 -7.21 7.45 46.90
N ALA J 25 -6.66 6.95 45.81
CA ALA J 25 -7.05 5.68 45.22
C ALA J 25 -6.24 4.53 45.79
N SER J 26 -6.91 3.46 46.22
CA SER J 26 -6.24 2.28 46.79
C SER J 26 -5.48 1.46 45.75
N GLN J 27 -5.76 1.70 44.46
CA GLN J 27 -5.11 1.08 43.30
C GLN J 27 -4.91 2.15 42.26
N ASP J 28 -3.97 1.97 41.33
CA ASP J 28 -3.83 3.02 40.34
C ASP J 28 -5.06 3.07 39.42
N ILE J 29 -5.66 4.26 39.33
CA ILE J 29 -6.85 4.57 38.53
C ILE J 29 -6.50 5.40 37.29
N GLY J 30 -5.21 5.63 37.04
CA GLY J 30 -4.73 6.48 35.96
C GLY J 30 -5.36 7.85 36.07
N GLY J 31 -5.97 8.31 35.00
CA GLY J 31 -6.66 9.60 35.01
C GLY J 31 -8.18 9.48 35.06
N ASN J 32 -8.69 8.30 35.38
CA ASN J 32 -10.12 8.07 35.32
C ASN J 32 -10.85 8.38 36.63
N LEU J 33 -11.02 9.67 36.89
CA LEU J 33 -11.75 10.18 38.04
C LEU J 33 -12.68 11.33 37.62
N TYR J 34 -13.89 11.36 38.19
CA TYR J 34 -14.89 12.42 38.05
C TYR J 34 -14.97 13.16 39.38
N TRP J 35 -15.28 14.46 39.34
CA TRP J 35 -15.68 15.20 40.55
C TRP J 35 -17.14 15.59 40.38
N LEU J 36 -17.96 15.22 41.35
CA LEU J 36 -19.39 15.47 41.38
C LEU J 36 -19.73 16.47 42.48
N GLN J 37 -20.72 17.30 42.21
CA GLN J 37 -21.24 18.27 43.14
C GLN J 37 -22.72 17.99 43.35
N GLN J 38 -23.15 17.93 44.63
CA GLN J 38 -24.55 17.70 44.98
C GLN J 38 -25.14 18.91 45.65
N GLY J 39 -26.23 19.40 45.08
CA GLY J 39 -26.94 20.55 45.63
C GLY J 39 -27.76 20.16 46.83
N PRO J 40 -28.15 21.13 47.69
CA PRO J 40 -28.99 20.78 48.86
C PRO J 40 -30.36 20.18 48.46
N ASP J 41 -30.80 20.44 47.21
CA ASP J 41 -32.05 19.90 46.65
C ASP J 41 -31.88 18.41 46.17
N GLY J 42 -30.62 17.91 46.16
CA GLY J 42 -30.26 16.53 45.81
C GLY J 42 -29.65 16.36 44.45
N THR J 43 -29.80 17.38 43.58
CA THR J 43 -29.30 17.38 42.23
C THR J 43 -27.79 17.18 42.19
N ILE J 44 -27.36 16.15 41.43
CA ILE J 44 -25.95 15.84 41.24
C ILE J 44 -25.54 16.37 39.89
N LYS J 45 -24.35 16.97 39.82
CA LYS J 45 -23.80 17.59 38.61
C LYS J 45 -22.36 17.16 38.52
N ARG J 46 -21.86 16.88 37.30
CA ARG J 46 -20.45 16.53 37.16
C ARG J 46 -19.65 17.81 36.86
N LEU J 47 -18.54 18.02 37.58
CA LEU J 47 -17.72 19.22 37.37
C LEU J 47 -16.42 18.93 36.63
N ILE J 48 -15.82 17.77 36.87
CA ILE J 48 -14.55 17.41 36.28
C ILE J 48 -14.65 15.99 35.75
N TYR J 49 -14.16 15.74 34.55
CA TYR J 49 -14.02 14.39 34.00
C TYR J 49 -12.54 14.16 33.68
N ALA J 50 -12.10 12.91 33.65
CA ALA J 50 -10.72 12.57 33.37
C ALA J 50 -9.72 13.37 34.24
N THR J 51 -9.98 13.44 35.58
CA THR J 51 -9.11 14.09 36.60
C THR J 51 -9.03 15.59 36.56
N SER J 52 -8.81 16.18 35.38
CA SER J 52 -8.55 17.60 35.26
C SER J 52 -9.43 18.39 34.28
N SER J 53 -10.22 17.70 33.43
CA SER J 53 -11.04 18.38 32.42
C SER J 53 -12.34 18.93 32.98
N LEU J 54 -12.50 20.25 32.90
CA LEU J 54 -13.67 20.96 33.36
C LEU J 54 -14.83 20.75 32.39
N ASP J 55 -16.03 20.42 32.92
CA ASP J 55 -17.23 20.30 32.08
C ASP J 55 -17.70 21.68 31.65
N SER J 56 -18.42 21.71 30.51
CA SER J 56 -19.05 22.91 29.96
C SER J 56 -19.97 23.55 31.00
N GLY J 57 -19.87 24.86 31.12
CA GLY J 57 -20.65 25.65 32.07
C GLY J 57 -20.02 25.84 33.44
N VAL J 58 -19.10 24.93 33.83
CA VAL J 58 -18.48 25.02 35.14
C VAL J 58 -17.58 26.25 35.29
N PRO J 59 -17.80 27.09 36.34
CA PRO J 59 -16.94 28.27 36.54
C PRO J 59 -15.48 27.87 36.65
N LYS J 60 -14.62 28.68 36.04
CA LYS J 60 -13.17 28.46 35.95
C LYS J 60 -12.42 28.44 37.28
N ARG J 61 -13.09 28.80 38.40
CA ARG J 61 -12.49 28.76 39.74
C ARG J 61 -12.32 27.31 40.20
N PHE J 62 -12.96 26.37 39.48
CA PHE J 62 -12.88 24.93 39.75
C PHE J 62 -11.75 24.30 38.96
N SER J 63 -10.91 23.52 39.63
CA SER J 63 -9.85 22.79 38.94
C SER J 63 -9.59 21.43 39.60
N GLY J 64 -9.13 20.48 38.79
CA GLY J 64 -8.76 19.15 39.24
C GLY J 64 -7.32 18.87 38.92
N SER J 65 -6.61 18.17 39.82
CA SER J 65 -5.20 17.83 39.62
C SER J 65 -4.84 16.51 40.24
N ARG J 66 -3.71 15.93 39.81
CA ARG J 66 -3.20 14.67 40.34
C ARG J 66 -1.75 14.78 40.71
N SER J 67 -1.40 14.17 41.86
CA SER J 67 -0.05 14.05 42.40
C SER J 67 0.04 12.69 43.08
N GLY J 68 0.83 11.79 42.48
CA GLY J 68 0.93 10.40 42.95
C GLY J 68 -0.43 9.74 42.85
N SER J 69 -0.94 9.20 43.97
CA SER J 69 -2.29 8.63 44.00
C SER J 69 -3.29 9.59 44.63
N ASP J 70 -2.92 10.90 44.74
CA ASP J 70 -3.79 11.95 45.25
C ASP J 70 -4.34 12.82 44.14
N TYR J 71 -5.65 12.78 44.03
CA TYR J 71 -6.48 13.50 43.08
C TYR J 71 -7.16 14.61 43.88
N SER J 72 -6.95 15.85 43.45
CA SER J 72 -7.47 17.00 44.17
C SER J 72 -8.45 17.87 43.35
N LEU J 73 -9.50 18.38 44.05
CA LEU J 73 -10.43 19.36 43.51
C LEU J 73 -10.15 20.66 44.22
N THR J 74 -9.92 21.72 43.47
CA THR J 74 -9.57 23.01 44.04
C THR J 74 -10.56 24.09 43.62
N ILE J 75 -11.09 24.84 44.59
CA ILE J 75 -11.95 25.98 44.30
C ILE J 75 -11.12 27.19 44.65
N SER J 76 -10.61 27.92 43.64
CA SER J 76 -9.65 29.00 43.80
C SER J 76 -10.15 30.21 44.59
N SER J 77 -11.47 30.46 44.58
CA SER J 77 -12.09 31.62 45.23
C SER J 77 -13.54 31.32 45.47
N LEU J 78 -13.84 30.83 46.66
CA LEU J 78 -15.18 30.38 47.02
C LEU J 78 -16.27 31.42 46.90
N GLU J 79 -17.43 30.99 46.38
CA GLU J 79 -18.64 31.80 46.26
C GLU J 79 -19.66 31.14 47.15
N SER J 80 -20.74 31.83 47.48
CA SER J 80 -21.74 31.30 48.41
C SER J 80 -22.44 30.02 47.93
N GLU J 81 -22.59 29.87 46.62
CA GLU J 81 -23.21 28.69 46.01
C GLU J 81 -22.28 27.44 46.05
N ASP J 82 -20.99 27.61 46.38
CA ASP J 82 -20.07 26.49 46.43
C ASP J 82 -20.10 25.71 47.73
N PHE J 83 -20.74 26.25 48.77
CA PHE J 83 -20.81 25.61 50.09
C PHE J 83 -21.82 24.45 50.15
N VAL J 84 -21.51 23.41 49.37
CA VAL J 84 -22.34 22.24 49.19
C VAL J 84 -21.50 20.99 49.35
N ASP J 85 -21.94 19.87 48.80
CA ASP J 85 -21.26 18.57 48.90
C ASP J 85 -20.56 18.18 47.62
N TYR J 86 -19.41 17.51 47.76
CA TYR J 86 -18.58 17.10 46.65
C TYR J 86 -18.20 15.65 46.78
N TYR J 87 -18.18 14.92 45.64
CA TYR J 87 -17.83 13.49 45.61
C TYR J 87 -16.95 13.15 44.44
N CYS J 88 -15.89 12.38 44.70
CA CYS J 88 -15.06 11.86 43.61
C CYS J 88 -15.61 10.48 43.25
N LEU J 89 -15.38 10.06 42.00
CA LEU J 89 -15.77 8.75 41.50
C LEU J 89 -14.75 8.19 40.49
N GLN J 90 -14.28 6.96 40.70
CA GLN J 90 -13.35 6.30 39.77
C GLN J 90 -14.09 5.42 38.78
N TYR J 91 -13.70 5.49 37.50
CA TYR J 91 -14.29 4.64 36.48
C TYR J 91 -13.21 3.81 35.76
N SER J 92 -12.04 3.63 36.42
CA SER J 92 -10.92 2.87 35.86
C SER J 92 -11.16 1.41 35.90
N SER J 93 -11.98 0.93 36.84
CA SER J 93 -12.23 -0.48 36.97
C SER J 93 -13.63 -0.79 37.37
N SER J 94 -14.16 -1.82 36.63
CA SER J 94 -15.42 -2.58 36.65
C SER J 94 -16.35 -2.25 37.86
N PRO J 95 -16.03 -2.41 39.19
CA PRO J 95 -16.95 -1.84 40.20
C PRO J 95 -16.65 -0.32 40.39
N TRP J 96 -17.46 0.59 39.77
CA TRP J 96 -17.27 2.04 39.88
C TRP J 96 -17.41 2.40 41.34
N THR J 97 -16.46 3.16 41.90
CA THR J 97 -16.57 3.49 43.33
C THR J 97 -16.44 4.97 43.61
N PHE J 98 -17.08 5.42 44.70
CA PHE J 98 -17.15 6.82 45.09
C PHE J 98 -16.41 7.11 46.36
N GLY J 99 -15.89 8.32 46.47
CA GLY J 99 -15.32 8.82 47.71
C GLY J 99 -16.46 9.03 48.66
N GLY J 100 -16.16 9.18 49.96
CA GLY J 100 -17.17 9.34 51.00
C GLY J 100 -17.86 10.69 51.13
N GLY J 101 -17.35 11.68 50.41
CA GLY J 101 -17.92 13.02 50.41
C GLY J 101 -17.26 14.02 51.32
N THR J 102 -17.40 15.27 50.91
CA THR J 102 -16.93 16.40 51.65
C THR J 102 -18.06 17.40 51.68
N LYS J 103 -18.41 17.83 52.88
CA LYS J 103 -19.36 18.90 53.05
C LYS J 103 -18.52 20.17 53.26
N LEU J 104 -18.77 21.20 52.45
CA LEU J 104 -18.09 22.49 52.54
C LEU J 104 -19.06 23.45 53.28
N GLU J 105 -18.64 23.94 54.44
CA GLU J 105 -19.45 24.80 55.30
C GLU J 105 -18.85 26.19 55.45
N ILE J 106 -19.70 27.19 55.76
CA ILE J 106 -19.26 28.58 55.96
C ILE J 106 -18.67 28.72 57.34
N LYS J 107 -17.50 29.36 57.42
CA LYS J 107 -16.78 29.65 58.65
C LYS J 107 -17.41 30.82 59.36
N ARG J 108 -17.46 30.71 60.69
CA ARG J 108 -18.06 31.62 61.63
C ARG J 108 -17.25 31.80 62.87
N ALA J 109 -17.68 32.75 63.72
CA ALA J 109 -17.14 32.92 65.05
C ALA J 109 -17.81 31.87 65.93
N ASP J 110 -17.06 31.30 66.92
CA ASP J 110 -17.59 30.33 67.86
C ASP J 110 -18.73 30.95 68.64
N ALA J 111 -19.76 30.16 68.93
CA ALA J 111 -20.92 30.63 69.69
C ALA J 111 -21.48 29.53 70.55
N ALA J 112 -21.75 29.86 71.82
CA ALA J 112 -22.32 28.92 72.78
C ALA J 112 -23.78 28.70 72.41
N PRO J 113 -24.33 27.49 72.65
CA PRO J 113 -25.76 27.30 72.37
C PRO J 113 -26.66 28.05 73.38
N THR J 114 -27.83 28.55 72.89
CA THR J 114 -28.87 29.17 73.74
C THR J 114 -29.77 28.00 74.07
N VAL J 115 -29.68 27.54 75.32
CA VAL J 115 -30.39 26.35 75.75
C VAL J 115 -31.67 26.70 76.47
N SER J 116 -32.75 26.02 76.05
CA SER J 116 -34.10 26.19 76.58
C SER J 116 -34.76 24.83 76.77
N ILE J 117 -35.33 24.61 77.97
CA ILE J 117 -36.04 23.40 78.36
C ILE J 117 -37.51 23.76 78.53
N PHE J 118 -38.39 22.82 78.18
CA PHE J 118 -39.83 22.99 78.21
C PHE J 118 -40.56 21.81 78.78
N PRO J 119 -41.35 22.06 79.83
CA PRO J 119 -42.19 21.00 80.37
C PRO J 119 -43.29 20.65 79.37
N PRO J 120 -43.83 19.42 79.42
CA PRO J 120 -44.97 19.10 78.54
C PRO J 120 -46.09 20.11 78.73
N SER J 121 -46.83 20.45 77.66
CA SER J 121 -47.94 21.37 77.84
C SER J 121 -49.07 20.63 78.57
N SER J 122 -49.89 21.36 79.35
CA SER J 122 -51.05 20.75 80.01
C SER J 122 -52.02 20.17 78.95
N GLU J 123 -52.01 20.72 77.72
CA GLU J 123 -52.83 20.26 76.59
C GLU J 123 -52.41 18.86 76.12
N GLN J 124 -51.08 18.57 76.14
CA GLN J 124 -50.56 17.24 75.79
C GLN J 124 -50.88 16.25 76.90
N LEU J 125 -50.66 16.64 78.16
CA LEU J 125 -50.95 15.78 79.31
C LEU J 125 -52.39 15.32 79.29
N THR J 126 -53.32 16.20 78.89
CA THR J 126 -54.74 15.91 78.70
C THR J 126 -54.93 14.71 77.74
N SER J 127 -54.06 14.61 76.73
CA SER J 127 -54.09 13.54 75.74
C SER J 127 -53.46 12.20 76.21
N GLY J 128 -52.72 12.22 77.33
CA GLY J 128 -52.10 11.01 77.90
C GLY J 128 -50.61 10.83 77.66
N GLY J 129 -50.00 11.80 76.98
CA GLY J 129 -48.58 11.78 76.69
C GLY J 129 -47.84 12.94 77.31
N ALA J 130 -46.52 12.79 77.45
CA ALA J 130 -45.68 13.86 77.99
C ALA J 130 -44.33 13.98 77.28
N SER J 131 -44.19 15.02 76.48
CA SER J 131 -42.93 15.27 75.81
C SER J 131 -42.19 16.44 76.47
N VAL J 132 -40.92 16.21 76.77
CA VAL J 132 -40.05 17.24 77.31
C VAL J 132 -39.08 17.60 76.20
N VAL J 133 -39.10 18.88 75.81
CA VAL J 133 -38.33 19.42 74.69
C VAL J 133 -37.21 20.32 75.19
N CYS J 134 -36.07 20.17 74.56
CA CYS J 134 -34.93 20.99 74.83
C CYS J 134 -34.38 21.50 73.54
N PHE J 135 -34.27 22.81 73.41
CA PHE J 135 -33.65 23.45 72.25
C PHE J 135 -32.23 23.89 72.59
N LEU J 136 -31.30 23.69 71.67
CA LEU J 136 -29.91 24.10 71.84
C LEU J 136 -29.66 24.92 70.57
N ASN J 137 -29.90 26.22 70.65
CA ASN J 137 -29.92 27.04 69.44
C ASN J 137 -28.72 27.98 69.15
N ASN J 138 -28.48 28.18 67.85
CA ASN J 138 -27.53 29.14 67.31
C ASN J 138 -26.14 28.98 67.87
N PHE J 139 -25.63 27.77 67.81
CA PHE J 139 -24.28 27.48 68.24
C PHE J 139 -23.37 27.26 67.04
N TYR J 140 -22.06 27.36 67.29
CA TYR J 140 -21.03 27.10 66.30
C TYR J 140 -19.76 26.78 67.06
N PRO J 141 -19.02 25.71 66.70
CA PRO J 141 -19.20 24.77 65.57
C PRO J 141 -20.37 23.80 65.71
N LYS J 142 -20.59 22.96 64.68
CA LYS J 142 -21.75 22.07 64.60
C LYS J 142 -21.80 20.89 65.57
N ASP J 143 -20.64 20.50 66.16
CA ASP J 143 -20.56 19.39 67.11
C ASP J 143 -21.09 19.79 68.45
N ILE J 144 -21.95 18.95 69.01
CA ILE J 144 -22.62 19.23 70.28
C ILE J 144 -23.07 17.91 70.88
N ASN J 145 -23.19 17.86 72.20
CA ASN J 145 -23.69 16.68 72.92
C ASN J 145 -24.72 17.09 73.98
N VAL J 146 -25.85 16.38 74.00
CA VAL J 146 -26.92 16.61 74.97
C VAL J 146 -27.08 15.37 75.88
N LYS J 147 -27.39 15.60 77.17
CA LYS J 147 -27.66 14.54 78.12
C LYS J 147 -28.93 14.88 78.87
N TRP J 148 -29.81 13.89 79.05
CA TRP J 148 -31.03 14.06 79.84
C TRP J 148 -30.85 13.44 81.22
N LYS J 149 -31.50 14.04 82.25
CA LYS J 149 -31.47 13.54 83.62
C LYS J 149 -32.86 13.61 84.23
N ILE J 150 -33.31 12.54 84.88
CA ILE J 150 -34.62 12.73 85.45
C ILE J 150 -34.40 13.14 86.91
N ASP J 151 -34.61 12.34 87.93
CA ASP J 151 -34.36 12.89 89.26
C ASP J 151 -32.85 12.74 89.56
N GLY J 152 -32.02 13.32 88.68
CA GLY J 152 -30.55 13.25 88.73
C GLY J 152 -29.98 12.00 88.08
N SER J 153 -30.85 11.17 87.46
CA SER J 153 -30.41 9.95 86.77
C SER J 153 -30.46 10.13 85.27
N GLU J 154 -29.33 9.83 84.60
CA GLU J 154 -29.24 9.90 83.15
C GLU J 154 -30.33 9.03 82.53
N ARG J 155 -31.07 9.62 81.58
CA ARG J 155 -32.15 8.97 80.84
C ARG J 155 -31.80 8.95 79.36
N GLN J 156 -31.72 7.76 78.76
CA GLN J 156 -31.38 7.62 77.34
C GLN J 156 -32.57 7.10 76.49
N ASN J 157 -33.45 6.25 77.08
CA ASN J 157 -34.64 5.72 76.40
C ASN J 157 -35.68 6.81 76.14
N GLY J 158 -36.27 6.81 74.94
CA GLY J 158 -37.30 7.77 74.54
C GLY J 158 -36.80 9.15 74.14
N VAL J 159 -35.48 9.29 73.88
CA VAL J 159 -34.84 10.54 73.46
C VAL J 159 -34.65 10.51 71.95
N LEU J 160 -35.10 11.57 71.27
CA LEU J 160 -34.92 11.73 69.83
C LEU J 160 -34.34 13.11 69.56
N ASN J 161 -33.32 13.16 68.69
CA ASN J 161 -32.60 14.39 68.35
C ASN J 161 -32.69 14.76 66.90
N SER J 162 -32.68 16.05 66.64
CA SER J 162 -32.71 16.53 65.27
C SER J 162 -31.86 17.77 65.13
N TRP J 163 -31.18 17.91 64.02
CA TRP J 163 -30.29 19.04 63.82
C TRP J 163 -30.67 19.76 62.54
N THR J 164 -30.66 21.11 62.57
CA THR J 164 -30.94 21.88 61.36
C THR J 164 -29.69 21.96 60.51
N ASP J 165 -29.84 22.35 59.24
CA ASP J 165 -28.69 22.56 58.36
C ASP J 165 -28.14 23.96 58.73
N GLN J 166 -26.91 24.28 58.29
CA GLN J 166 -26.30 25.57 58.62
C GLN J 166 -27.23 26.70 58.24
N ASP J 167 -27.45 27.63 59.17
CA ASP J 167 -28.37 28.75 58.98
C ASP J 167 -27.88 29.67 57.88
N SER J 168 -28.79 30.09 57.00
CA SER J 168 -28.48 30.96 55.87
C SER J 168 -28.10 32.38 56.28
N LYS J 169 -28.63 32.85 57.41
CA LYS J 169 -28.41 34.20 57.91
C LYS J 169 -27.10 34.33 58.73
N ASP J 170 -26.98 33.58 59.83
CA ASP J 170 -25.85 33.72 60.75
C ASP J 170 -24.81 32.61 60.70
N SER J 171 -25.06 31.58 59.89
CA SER J 171 -24.17 30.43 59.69
C SER J 171 -23.95 29.57 60.94
N THR J 172 -24.91 29.60 61.87
CA THR J 172 -24.88 28.77 63.08
C THR J 172 -25.69 27.47 62.83
N TYR J 173 -25.71 26.61 63.86
CA TYR J 173 -26.44 25.36 63.85
C TYR J 173 -27.34 25.31 65.06
N SER J 174 -28.43 24.56 64.96
CA SER J 174 -29.35 24.34 66.06
C SER J 174 -29.74 22.88 66.20
N MET J 175 -30.09 22.45 67.43
CA MET J 175 -30.53 21.10 67.72
C MET J 175 -31.75 21.14 68.62
N SER J 176 -32.61 20.13 68.47
CA SER J 176 -33.71 19.95 69.38
C SER J 176 -33.63 18.53 69.86
N SER J 177 -33.83 18.36 71.16
CA SER J 177 -33.83 17.06 71.83
C SER J 177 -35.18 16.85 72.53
N THR J 178 -35.86 15.72 72.21
CA THR J 178 -37.17 15.43 72.75
C THR J 178 -37.20 14.13 73.53
N LEU J 179 -37.51 14.25 74.82
CA LEU J 179 -37.69 13.11 75.70
C LEU J 179 -39.21 12.84 75.80
N THR J 180 -39.66 11.70 75.26
CA THR J 180 -41.07 11.35 75.28
C THR J 180 -41.37 10.27 76.29
N LEU J 181 -42.38 10.54 77.12
CA LEU J 181 -42.86 9.63 78.15
C LEU J 181 -44.39 9.53 78.14
N THR J 182 -44.95 8.60 78.95
CA THR J 182 -46.39 8.54 79.18
C THR J 182 -46.65 9.61 80.24
N LYS J 183 -47.90 10.07 80.34
CA LYS J 183 -48.28 11.03 81.38
C LYS J 183 -47.98 10.42 82.76
N ASP J 184 -48.35 9.15 82.98
CA ASP J 184 -48.10 8.49 84.25
C ASP J 184 -46.62 8.49 84.64
N GLU J 185 -45.73 8.16 83.69
CA GLU J 185 -44.30 8.14 83.99
C GLU J 185 -43.74 9.51 84.29
N TYR J 186 -44.17 10.52 83.53
CA TYR J 186 -43.76 11.90 83.75
C TYR J 186 -44.12 12.39 85.16
N GLU J 187 -45.30 11.97 85.64
CA GLU J 187 -45.81 12.36 86.94
C GLU J 187 -45.24 11.55 88.11
N ARG J 188 -44.36 10.59 87.82
CA ARG J 188 -43.67 9.81 88.84
C ARG J 188 -42.39 10.54 89.27
N HIS J 189 -42.03 11.63 88.57
CA HIS J 189 -40.77 12.30 88.87
C HIS J 189 -40.89 13.82 89.04
N ASN J 190 -39.87 14.44 89.69
CA ASN J 190 -39.87 15.85 90.03
C ASN J 190 -38.98 16.74 89.15
N SER J 191 -37.66 16.51 89.14
CA SER J 191 -36.75 17.37 88.38
C SER J 191 -36.37 16.81 87.01
N TYR J 192 -36.41 17.66 85.99
CA TYR J 192 -36.05 17.31 84.63
C TYR J 192 -34.93 18.22 84.14
N THR J 193 -33.81 17.64 83.69
CA THR J 193 -32.59 18.35 83.28
C THR J 193 -32.15 18.09 81.82
N CYS J 194 -31.73 19.15 81.15
CA CYS J 194 -31.17 19.10 79.81
C CYS J 194 -29.73 19.63 79.93
N GLU J 195 -28.74 18.83 79.48
CA GLU J 195 -27.33 19.25 79.55
C GLU J 195 -26.65 19.28 78.20
N ALA J 196 -26.23 20.49 77.80
CA ALA J 196 -25.54 20.74 76.54
C ALA J 196 -24.02 20.86 76.74
N THR J 197 -23.25 19.98 76.08
CA THR J 197 -21.79 20.08 76.12
C THR J 197 -21.34 20.57 74.75
N HIS J 198 -20.60 21.68 74.73
CA HIS J 198 -20.15 22.30 73.48
C HIS J 198 -18.70 22.81 73.62
N LYS J 199 -17.94 22.87 72.51
CA LYS J 199 -16.54 23.34 72.48
C LYS J 199 -16.29 24.62 73.26
N THR J 200 -17.20 25.61 73.12
CA THR J 200 -17.10 26.94 73.72
C THR J 200 -16.93 26.95 75.24
N SER J 201 -17.28 25.85 75.93
CA SER J 201 -17.19 25.76 77.38
C SER J 201 -16.71 24.42 77.90
N THR J 202 -15.91 24.47 78.98
CA THR J 202 -15.37 23.33 79.74
C THR J 202 -16.55 22.67 80.50
N SER J 203 -17.45 23.50 81.00
CA SER J 203 -18.59 23.08 81.77
C SER J 203 -19.87 23.01 80.92
N PRO J 204 -20.68 21.94 81.08
CA PRO J 204 -21.98 21.88 80.39
C PRO J 204 -22.92 23.02 80.79
N ILE J 205 -23.81 23.41 79.85
CA ILE J 205 -24.87 24.39 80.10
C ILE J 205 -26.01 23.50 80.54
N VAL J 206 -26.49 23.75 81.75
CA VAL J 206 -27.50 22.95 82.41
C VAL J 206 -28.82 23.68 82.49
N LYS J 207 -29.88 23.09 81.91
CA LYS J 207 -31.24 23.62 82.02
C LYS J 207 -32.15 22.60 82.67
N SER J 208 -32.85 22.98 83.77
CA SER J 208 -33.81 22.10 84.44
C SER J 208 -35.07 22.78 84.93
N PHE J 209 -36.10 21.98 85.20
CA PHE J 209 -37.30 22.45 85.86
C PHE J 209 -37.77 21.38 86.81
N ASN J 210 -38.64 21.76 87.73
CA ASN J 210 -39.27 20.86 88.67
C ASN J 210 -40.74 20.84 88.30
N ARG J 211 -41.36 19.66 88.32
CA ARG J 211 -42.78 19.44 88.01
C ARG J 211 -43.67 20.03 89.20
N GLY J 212 -43.60 21.35 89.45
CA GLY J 212 -44.33 22.00 90.53
C GLY J 212 -45.61 22.61 90.01
N GLU J 213 -45.84 23.91 90.27
CA GLU J 213 -47.02 24.61 89.78
C GLU J 213 -46.76 25.50 88.56
N CYS J 214 -47.84 25.72 87.77
CA CYS J 214 -47.89 26.51 86.54
C CYS J 214 -49.34 27.06 86.40
C1 NAG K . -68.03 -7.22 0.43
C2 NAG K . -66.86 -6.74 1.30
C3 NAG K . -67.49 -5.81 2.33
C4 NAG K . -68.11 -4.60 1.64
C5 NAG K . -69.05 -5.02 0.50
C6 NAG K . -69.42 -3.88 -0.43
C7 NAG K . -65.15 -8.00 2.57
C8 NAG K . -63.99 -8.56 1.80
N2 NAG K . -66.30 -7.94 1.90
O3 NAG K . -66.55 -5.38 3.30
O4 NAG K . -68.80 -3.80 2.59
O5 NAG K . -68.47 -6.07 -0.31
O6 NAG K . -69.20 -2.60 0.18
O7 NAG K . -65.03 -7.58 3.72
C1 FUC K . -70.19 -1.64 -0.01
C2 FUC K . -70.24 -0.72 1.24
C3 FUC K . -69.09 0.29 1.28
C4 FUC K . -68.93 1.01 -0.06
C5 FUC K . -68.76 -0.06 -1.16
C6 FUC K . -68.51 0.48 -2.54
O2 FUC K . -70.25 -1.49 2.44
O3 FUC K . -69.27 1.23 2.32
O4 FUC K . -70.08 1.81 -0.29
O5 FUC K . -69.95 -0.87 -1.20
C1 NAG L . 67.35 -12.69 -4.57
C2 NAG L . 66.10 -12.04 -5.15
C3 NAG L . 66.59 -11.03 -6.19
C4 NAG L . 67.39 -9.93 -5.52
C5 NAG L . 68.31 -10.43 -4.39
C6 NAG L . 68.51 -9.38 -3.29
C7 NAG L . 64.07 -13.43 -5.18
C8 NAG L . 63.93 -14.90 -4.91
N2 NAG L . 65.23 -13.06 -5.74
O3 NAG L . 65.45 -10.46 -6.84
O4 NAG L . 68.17 -9.22 -6.47
O5 NAG L . 67.85 -11.63 -3.74
O6 NAG L . 67.28 -8.79 -2.80
O7 NAG L . 63.23 -12.62 -4.82
C1 FUC L . 66.49 -9.64 -1.97
C2 FUC L . 66.33 -9.00 -0.57
C3 FUC L . 65.08 -8.14 -0.41
C4 FUC L . 63.85 -8.76 -1.04
C5 FUC L . 64.16 -9.05 -2.50
C6 FUC L . 63.00 -9.61 -3.30
O2 FUC L . 67.51 -8.28 -0.19
O3 FUC L . 64.84 -7.90 0.98
O4 FUC L . 63.48 -9.95 -0.35
O5 FUC L . 65.23 -10.02 -2.57
C1 NAG M . 6.54 -8.02 24.56
C2 NAG M . 7.08 -8.46 23.20
C3 NAG M . 7.15 -9.98 23.04
C4 NAG M . 7.81 -10.68 24.22
C5 NAG M . 7.51 -9.97 25.55
C6 NAG M . 8.45 -10.31 26.69
C7 NAG M . 6.54 -6.64 21.61
C8 NAG M . 5.62 -6.20 20.52
N2 NAG M . 6.30 -7.86 22.12
O3 NAG M . 7.88 -10.28 21.85
O4 NAG M . 7.28 -12.00 24.37
O5 NAG M . 7.57 -8.54 25.39
O6 NAG M . 9.16 -9.14 27.13
O7 NAG M . 7.44 -5.92 22.04
C1 NAG M . 7.70 -13.10 23.56
C2 NAG M . 8.57 -14.01 24.42
C3 NAG M . 8.89 -15.33 23.72
C4 NAG M . 7.61 -16.02 23.25
C5 NAG M . 6.74 -15.08 22.41
C6 NAG M . 5.35 -15.63 22.13
C7 NAG M . 10.20 -13.09 26.04
C8 NAG M . 11.51 -12.37 26.20
N2 NAG M . 9.81 -13.32 24.78
O3 NAG M . 9.58 -16.18 24.63
O4 NAG M . 7.94 -17.18 22.48
O5 NAG M . 6.54 -13.82 23.10
O6 NAG M . 5.36 -17.01 21.73
O7 NAG M . 9.53 -13.42 27.02
C1 FUC M . 8.87 -8.63 28.42
C2 FUC M . 9.39 -7.18 28.49
C3 FUC M . 8.41 -6.19 27.87
C4 FUC M . 7.01 -6.34 28.46
C5 FUC M . 6.53 -7.78 28.27
C6 FUC M . 5.17 -8.09 28.83
O2 FUC M . 10.65 -7.09 27.85
O3 FUC M . 8.88 -4.86 28.03
O4 FUC M . 6.99 -5.95 29.83
O5 FUC M . 7.49 -8.71 28.84
#